data_7YVW
#
_entry.id   7YVW
#
loop_
_entity.id
_entity.type
_entity.pdbx_description
1 polymer "DNA (5'-D(*CP*TP*AP*AP*CP*GP*GP*AP*AP*TP*G)-3')"
2 polymer "DNA (5'-D(*CP*AP*TP*TP*CP*GP*GP*TP*TP*AP*G)-3')"
3 non-polymer '3-[3-[(7-methyl-1,8-naphthyridin-2-yl)carbamoyloxy]propylamino]propyl ~{N}-(7-methyl-1,8-naphthyridin-2-yl)carbamate'
#
loop_
_entity_poly.entity_id
_entity_poly.type
_entity_poly.pdbx_seq_one_letter_code
_entity_poly.pdbx_strand_id
1 'polydeoxyribonucleotide' (DC)(DT)(DA)(DA)(DC)(DG)(DG)(DA)(DA)(DT)(DG) A
2 'polydeoxyribonucleotide' (DC)(DA)(DT)(DT)(DC)(DG)(DG)(DT)(DT)(DA)(DG) B
#
loop_
_chem_comp.id
_chem_comp.type
_chem_comp.name
_chem_comp.formula
B2R non-polymer '3-[3-[(7-methyl-1,8-naphthyridin-2-yl)carbamoyloxy]propylamino]propyl ~{N}-(7-methyl-1,8-naphthyridin-2-yl)carbamate' 'C26 H29 N7 O4'
DA DNA linking 2'-DEOXYADENOSINE-5'-MONOPHOSPHATE 'C10 H14 N5 O6 P'
DC DNA linking 2'-DEOXYCYTIDINE-5'-MONOPHOSPHATE 'C9 H14 N3 O7 P'
DG DNA linking 2'-DEOXYGUANOSINE-5'-MONOPHOSPHATE 'C10 H14 N5 O7 P'
DT DNA linking THYMIDINE-5'-MONOPHOSPHATE 'C10 H15 N2 O8 P'
#
# COMPACT_ATOMS: atom_id res chain seq x y z
C6 B2R C . 2.33 -3.65 -3.37
N1 B2R C . 1.30 -1.94 0.18
C2 B2R C . 2.09 -1.01 0.73
C5 B2R C . 3.22 -2.70 -2.84
C4 B2R C . 3.69 -1.11 -1.06
C3 B2R C . 3.28 -0.54 0.16
C9 B2R C . 2.88 -2.09 -1.64
C7 B2R C . 1.12 -3.88 -2.69
C11 B2R C . 0.13 -4.89 -3.25
N8 B2R C . 0.78 -3.25 -1.55
C10 B2R C . 1.65 -2.39 -1.03
N23 B2R C . 1.53 -0.23 1.77
C24 B2R C . 2.14 0.70 2.57
O36 B2R C . 3.23 0.52 3.06
O25 B2R C . 1.12 1.42 3.11
C26 B2R C . 1.57 2.62 3.78
C27 B2R C . 2.30 3.54 2.78
C28 B2R C . 2.71 4.87 3.42
N35 B2R C . 3.47 5.70 2.40
C34 B2R C . 2.70 6.92 1.95
C33 B2R C . 1.81 6.52 0.76
C32 B2R C . 0.36 6.19 1.20
O31 B2R C . -0.25 5.31 0.25
C30 B2R C . -1.59 5.15 0.45
O37 B2R C . -2.32 5.96 0.97
N29 B2R C . -2.00 4.30 -0.55
C13 B2R C . -3.30 3.88 -0.87
C14 B2R C . -4.23 3.77 0.19
C15 B2R C . -5.34 2.98 0.02
C20 B2R C . -5.56 2.42 -1.22
C16 B2R C . -6.69 1.66 -1.43
C17 B2R C . -6.81 1.04 -2.68
C18 B2R C . -5.78 1.23 -3.64
C22 B2R C . -5.91 0.59 -5.00
N19 B2R C . -4.67 1.94 -3.40
C21 B2R C . -4.59 2.55 -2.21
N12 B2R C . -3.50 3.32 -2.07
H1 B2R C . 2.59 -4.21 -4.27
H2 B2R C . 4.14 -2.44 -3.36
H3 B2R C . 4.63 -0.81 -1.52
H4 B2R C . 3.86 0.25 0.61
H5 B2R C . -0.85 -4.42 -3.39
H6 B2R C . 0.48 -5.27 -4.22
H7 B2R C . 0.03 -5.74 -2.56
H8 B2R C . 0.55 -0.44 1.92
H9 B2R C . 0.71 3.16 4.19
H10 B2R C . 2.23 2.37 4.61
H11 B2R C . 1.66 3.74 1.92
H12 B2R C . 3.21 3.03 2.42
H13 B2R C . 1.79 5.35 3.79
H14 B2R C . 3.27 4.63 4.34
H30 B2R C . 3.65 5.10 1.58
H16 B2R C . 2.05 7.37 2.71
H17 B2R C . 3.32 7.75 1.62
H18 B2R C . 1.78 7.35 0.03
H19 B2R C . 2.24 5.64 0.26
H20 B2R C . -0.21 7.12 1.29
H21 B2R C . 0.39 5.73 2.19
H22 B2R C . -1.34 4.06 -1.28
H23 B2R C . -4.09 4.24 1.14
H24 B2R C . -6.04 2.83 0.84
H25 B2R C . -7.44 1.56 -0.65
H26 B2R C . -7.68 0.45 -2.92
H27 B2R C . -6.30 1.32 -5.72
H28 B2R C . -4.93 0.24 -5.36
H29 B2R C . -6.59 -0.27 -4.97
C6 B2R D . -3.55 -2.02 -3.97
N1 B2R D . -2.18 0.45 -1.04
C2 B2R D . -2.94 0.69 0.05
C5 B2R D . -4.39 -1.81 -2.87
C4 B2R D . -4.69 -0.78 -0.69
C3 B2R D . -4.21 0.13 0.25
C9 B2R D . -3.94 -0.99 -1.85
C7 B2R D . -2.28 -1.43 -3.95
C11 B2R D . -1.35 -1.65 -5.13
N8 B2R D . -1.82 -0.66 -2.95
C10 B2R D . -2.66 -0.43 -1.92
N23 B2R D . -2.31 1.25 1.18
C24 B2R D . -2.89 1.62 2.38
O36 B2R D . -3.98 2.13 2.46
O25 B2R D . -1.85 1.85 3.23
C26 B2R D . -2.27 2.25 4.54
C27 B2R D . -3.10 1.14 5.21
C28 B2R D . -3.08 1.26 6.74
N35 B2R D . -2.17 0.20 7.32
C34 B2R D . -0.72 0.62 7.32
C33 B2R D . 0.04 -0.24 6.28
C32 B2R D . 0.45 -1.60 6.87
O31 B2R D . 0.91 -2.47 5.83
C30 B2R D . 2.25 -2.43 5.64
O37 B2R D . 3.08 -2.74 6.48
N29 B2R D . 2.45 -2.62 4.30
C13 B2R D . 3.64 -2.76 3.64
C14 B2R D . 4.62 -1.83 3.98
C15 B2R D . 5.66 -1.60 3.11
C20 B2R D . 5.69 -2.32 1.91
C16 B2R D . 6.71 -2.15 0.96
C17 B2R D . 6.65 -2.91 -0.21
C18 B2R D . 5.55 -3.78 -0.39
C22 B2R D . 5.48 -4.63 -1.64
N19 B2R D . 4.54 -3.90 0.49
C21 B2R D . 4.65 -3.21 1.64
N12 B2R D . 3.64 -3.46 2.48
H1 B2R D . -3.88 -2.60 -4.82
H2 B2R D . -5.38 -2.29 -2.81
H3 B2R D . -5.64 -1.29 -0.55
H4 B2R D . -4.79 0.39 1.13
H5 B2R D . -1.14 -0.69 -5.64
H6 B2R D . -1.81 -2.33 -5.86
H7 B2R D . -0.40 -2.08 -4.80
H8 B2R D . -1.31 1.32 1.08
H9 B2R D . -2.87 3.17 4.48
H10 B2R D . -1.39 2.48 5.16
H11 B2R D . -4.13 1.19 4.86
H12 B2R D . -2.69 0.16 4.92
H13 B2R D . -2.79 2.30 6.98
H14 B2R D . -4.12 1.21 7.07
H30 B2R D . -2.45 0.02 8.29
H16 B2R D . -0.54 1.66 7.04
H17 B2R D . -0.20 0.50 8.27
H18 B2R D . -0.60 -0.40 5.41
H19 B2R D . 0.94 0.29 5.96
H20 B2R D . -0.41 -2.05 7.39
H21 B2R D . 1.24 -1.45 7.62
H22 B2R D . 1.67 -2.90 3.75
H23 B2R D . 4.54 -1.26 4.91
H24 B2R D . 6.41 -0.90 3.38
H25 B2R D . 7.51 -1.44 1.12
H26 B2R D . 7.44 -2.87 -0.95
H27 B2R D . 5.95 -4.12 -2.49
H28 B2R D . 5.99 -5.59 -1.48
H29 B2R D . 4.44 -4.84 -1.91
C6 B2R C . 2.28 -4.65 -4.42
N1 B2R C . 1.65 -2.56 -0.97
C2 B2R C . 2.48 -1.56 -0.63
C5 B2R C . 3.21 -3.64 -4.09
C4 B2R C . 3.90 -1.91 -2.54
C3 B2R C . 3.59 -1.18 -1.39
C9 B2R C . 3.02 -2.93 -2.91
C7 B2R C . 1.17 -4.81 -3.58
C11 B2R C . 0.15 -5.88 -3.91
N8 B2R C . 0.95 -4.08 -2.47
C10 B2R C . 1.86 -3.15 -2.17
N23 B2R C . 2.04 -0.67 0.36
C24 B2R C . 2.76 0.28 1.02
O36 B2R C . 3.97 0.21 1.17
O25 B2R C . 1.91 0.84 1.92
C26 B2R C . 2.44 1.99 2.59
C27 B2R C . 2.87 3.07 1.57
C28 B2R C . 3.24 4.40 2.24
N35 B2R C . 3.80 5.33 1.18
C34 B2R C . 2.88 6.51 0.91
C33 B2R C . 1.87 6.08 -0.17
C32 B2R C . 0.50 5.75 0.44
O31 B2R C . -0.45 5.44 -0.59
C30 B2R C . -1.46 4.66 -0.19
O37 B2R C . -2.24 4.92 0.71
N29 B2R C . -1.83 3.93 -1.31
C13 B2R C . -3.10 3.47 -1.67
C14 B2R C . -3.94 3.02 -0.64
C15 B2R C . -5.01 2.21 -0.95
C20 B2R C . -5.23 1.91 -2.27
C16 B2R C . -6.31 1.14 -2.62
C17 B2R C . -6.45 0.80 -3.98
C18 B2R C . -5.47 1.28 -4.89
C22 B2R C . -5.62 0.95 -6.36
N19 B2R C . -4.42 2.03 -4.53
C21 B2R C . -4.33 2.36 -3.24
N12 B2R C . -3.30 3.17 -2.97
H1 B2R C . 2.44 -5.28 -5.27
H2 B2R C . 4.05 -3.43 -4.75
H3 B2R C . 4.79 -1.69 -3.12
H4 B2R C . 4.20 -0.33 -1.09
H5 B2R C . -0.83 -5.42 -4.14
H6 B2R C . 0.47 -6.46 -4.79
H7 B2R C . 0.02 -6.56 -3.07
H8 B2R C . 1.10 -0.87 0.68
H9 B2R C . 1.70 2.42 3.27
H10 B2R C . 3.31 1.70 3.20
H11 B2R C . 2.05 3.24 0.85
H12 B2R C . 3.73 2.69 1.00
H13 B2R C . 2.34 4.76 2.74
H14 B2R C . 3.93 4.16 3.06
H30 B2R C . 3.92 4.79 0.31
H16 B2R C . 2.31 6.86 1.77
H17 B2R C . 3.39 7.40 0.54
H18 B2R C . 1.75 6.90 -0.89
H19 B2R C . 2.25 5.21 -0.71
H20 B2R C . 0.13 6.60 1.04
H21 B2R C . 0.59 4.89 1.12
H22 B2R C . -1.18 3.92 -2.08
H23 B2R C . -3.78 3.26 0.39
H24 B2R C . -5.65 1.82 -0.18
H25 B2R C . -7.01 0.80 -1.86
H26 B2R C . -7.28 0.21 -4.31
H27 B2R C . -6.29 0.09 -6.50
H28 B2R C . -6.05 1.80 -6.90
H29 B2R C . -4.64 0.72 -6.80
C6 B2R D . -3.35 -1.73 -6.20
N1 B2R D . -1.72 0.12 -2.97
C2 B2R D . -2.33 0.08 -1.77
C5 B2R D . -4.05 -1.83 -4.99
C4 B2R D . -4.10 -1.33 -2.60
C3 B2R D . -3.54 -0.58 -1.56
C9 B2R D . -3.49 -1.23 -3.86
C7 B2R D . -2.10 -1.08 -6.19
C11 B2R D . -1.32 -0.95 -7.49
N8 B2R D . -1.56 -0.53 -5.10
C10 B2R D . -2.26 -0.59 -3.96
N23 B2R D . -1.56 0.40 -0.66
C24 B2R D . -1.98 0.75 0.60
O36 B2R D . -3.15 0.82 0.91
O25 B2R D . -0.99 1.53 1.12
C26 B2R D . -1.39 2.26 2.28
C27 B2R D . -1.60 1.31 3.48
C28 B2R D . -1.97 2.07 4.76
N35 B2R D . -2.30 1.08 5.84
C34 B2R D . -1.29 1.07 6.97
C33 B2R D . -0.02 0.31 6.50
C32 B2R D . -0.26 -1.21 6.41
O31 B2R D . 0.26 -1.72 5.18
C30 B2R D . 1.60 -1.92 5.19
O37 B2R D . 2.27 -2.20 6.16
N29 B2R D . 1.91 -2.37 3.93
C13 B2R D . 3.16 -2.63 3.38
C14 B2R D . 4.14 -1.70 3.68
C15 B2R D . 5.26 -1.63 2.85
C20 B2R D . 5.34 -2.52 1.77
C16 B2R D . 6.43 -2.50 0.87
C17 B2R D . 6.40 -3.42 -0.18
C18 B2R D . 5.29 -4.27 -0.32
C22 B2R D . 5.24 -5.29 -1.45
N19 B2R D . 4.22 -4.24 0.50
C21 B2R D . 4.29 -3.41 1.56
N12 B2R D . 3.22 -3.49 2.35
H1 B2R D . -3.76 -2.13 -7.12
H2 B2R D . -5.00 -2.37 -4.94
H3 B2R D . -4.98 -1.94 -2.44
H4 B2R D . -4.03 -0.54 -0.59
H5 B2R D . -1.86 -1.42 -8.32
H6 B2R D . -0.34 -1.44 -7.39
H7 B2R D . -1.16 0.11 -7.74
H8 B2R D . -0.59 0.54 -0.89
H9 B2R D . -2.32 2.81 2.09
H10 B2R D . -0.63 3.00 2.55
H11 B2R D . -2.41 0.61 3.24
H12 B2R D . -0.68 0.73 3.65
H13 B2R D . -1.13 2.74 4.99
H14 B2R D . -2.78 2.76 4.50
H30 B2R D . -3.24 1.32 6.24
H16 B2R D . -0.97 2.06 7.30
H17 B2R D . -1.63 0.59 7.88
H18 B2R D . 0.28 0.70 5.52
H19 B2R D . 0.79 0.51 7.21
H20 B2R D . -1.34 -1.42 6.48
H21 B2R D . 0.21 -1.70 7.27
H22 B2R D . 1.17 -2.68 3.34
H23 B2R D . 4.03 -1.01 4.51
H24 B2R D . 6.02 -0.91 3.06
H25 B2R D . 7.24 -1.80 0.97
H26 B2R D . 7.23 -3.49 -0.87
H27 B2R D . 4.23 -5.37 -1.86
H28 B2R D . 5.92 -4.98 -2.25
H29 B2R D . 5.56 -6.26 -1.08
C6 B2R C . 2.69 -4.39 -4.36
N1 B2R C . 1.42 -2.61 -0.93
C2 B2R C . 2.06 -1.53 -0.45
C5 B2R C . 3.44 -3.31 -3.88
C4 B2R C . 3.68 -1.54 -2.23
C3 B2R C . 3.17 -0.95 -1.07
C9 B2R C . 3.01 -2.65 -2.73
C7 B2R C . 1.50 -4.72 -3.68
C11 B2R C . 0.66 -5.88 -4.18
N8 B2R C . 1.07 -4.08 -2.58
C10 B2R C . 1.82 -3.06 -2.12
N23 B2R C . 1.41 -0.80 0.56
C24 B2R C . 1.95 0.13 1.41
O36 B2R C . 3.16 0.27 1.55
O25 B2R C . 1.02 0.32 2.38
C26 B2R C . 1.41 1.31 3.35
C27 B2R C . 1.23 2.72 2.76
C28 B2R C . 2.26 3.71 3.33
N35 B2R C . 1.60 5.06 3.53
C34 B2R C . 1.85 5.99 2.36
C33 B2R C . 0.62 5.93 1.44
C32 B2R C . 1.00 5.47 0.02
O31 B2R C . 0.10 4.45 -0.44
C30 B2R C . -1.20 4.87 -0.55
O37 B2R C . -1.62 5.95 -0.19
N29 B2R C . -1.71 4.19 -1.62
C13 B2R C . -3.04 3.77 -1.82
C14 B2R C . -3.79 3.48 -0.68
C15 B2R C . -4.91 2.68 -0.79
C20 B2R C . -5.27 2.25 -2.06
C16 B2R C . -6.40 1.49 -2.22
C17 B2R C . -6.67 1.02 -3.51
C18 B2R C . -5.78 1.37 -4.56
C22 B2R C . -6.08 0.91 -5.97
N19 B2R C . -4.67 2.11 -4.38
C21 B2R C . -4.45 2.57 -3.14
N12 B2R C . -3.37 3.34 -3.06
H1 B2R C . 3.02 -4.96 -5.22
H2 B2R C . 4.34 -2.98 -4.40
H3 B2R C . 4.57 -1.16 -2.71
H4 B2R C . 3.62 -0.05 -0.67
H5 B2R C . 0.57 -6.64 -3.42
H6 B2R C . -0.34 -5.52 -4.46
H7 B2R C . 1.12 -6.32 -5.07
H8 B2R C . 0.48 -1.15 0.76
H9 B2R C . 0.81 1.20 4.26
H10 B2R C . 2.47 1.16 3.64
H11 B2R C . 0.22 3.09 3.00
H12 B2R C . 1.33 2.69 1.68
H13 B2R C . 2.67 3.26 4.25
H14 B2R C . 3.12 3.71 2.65
H30 B2R C . 2.00 5.49 4.38
H16 B2R C . 1.99 7.04 2.63
H17 B2R C . 2.72 5.75 1.76
H18 B2R C . -0.12 5.24 1.85
H19 B2R C . 0.17 6.93 1.38
H20 B2R C . 2.03 5.08 0.01
H21 B2R C . 0.98 6.33 -0.67
H22 B2R C . -1.12 4.02 -2.42
H23 B2R C . -3.52 3.83 0.30
H24 B2R C . -5.49 2.40 0.08
H25 B2R C . -7.04 1.26 -1.37
H26 B2R C . -7.55 0.44 -3.70
H27 B2R C . -6.68 1.66 -6.50
H28 B2R C . -5.15 0.74 -6.52
H29 B2R C . -6.64 -0.03 -5.96
C6 B2R D . -3.05 -1.29 -5.94
N1 B2R D . -1.48 0.62 -2.71
C2 B2R D . -2.12 0.62 -1.54
C5 B2R D . -3.79 -1.35 -4.75
C4 B2R D . -3.91 -0.76 -2.39
C3 B2R D . -3.35 -0.03 -1.32
C9 B2R D . -3.26 -0.71 -3.62
C7 B2R D . -1.79 -0.65 -5.92
C11 B2R D . -0.98 -0.58 -7.19
N8 B2R D . -1.26 -0.08 -4.82
C10 B2R D . -2.01 -0.10 -3.71
N23 B2R D . -1.38 0.96 -0.39
C24 B2R D . -1.84 1.40 0.82
O36 B2R D . -1.75 2.56 1.17
O25 B2R D . -1.79 0.33 1.65
C26 B2R D . -2.18 0.61 3.01
C27 B2R D . -3.69 0.38 3.19
C28 B2R D . -4.01 -0.08 4.63
N35 B2R D . -4.05 -1.60 4.65
C34 B2R D . -3.08 -2.18 5.64
C33 B2R D . -1.93 -2.84 4.86
C32 B2R D . -0.70 -3.11 5.75
O31 B2R D . 0.37 -3.65 4.95
C30 B2R D . 1.14 -2.69 4.37
O37 B2R D . 1.83 -1.88 4.96
N29 B2R D . 1.48 -3.21 3.13
C13 B2R D . 2.75 -3.37 2.59
C14 B2R D . 3.64 -2.32 2.73
C15 B2R D . 4.74 -2.25 1.89
C20 B2R D . 4.90 -3.25 0.92
C16 B2R D . 5.97 -3.25 0.02
C17 B2R D . 6.03 -4.31 -0.91
C18 B2R D . 4.99 -5.25 -0.93
C22 B2R D . 5.05 -6.40 -1.91
N19 B2R D . 3.93 -5.22 -0.09
C21 B2R D . 3.93 -4.25 0.84
N12 B2R D . 2.89 -4.35 1.67
H1 B2R D . -3.45 -1.70 -6.86
H2 B2R D . -4.74 -1.87 -4.71
H3 B2R D . -4.83 -1.32 -2.26
H4 B2R D . -3.85 0.01 -0.36
H5 B2R D . -1.51 -1.06 -8.02
H6 B2R D . -0.01 -1.07 -7.06
H7 B2R D . -0.80 0.47 -7.47
H8 B2R D . -0.39 0.99 -0.58
H9 B2R D . -1.94 1.65 3.26
H10 B2R D . -1.62 -0.03 3.69
H11 B2R D . -4.22 1.31 2.98
H12 B2R D . -4.03 -0.38 2.49
H13 B2R D . -3.27 0.37 5.29
H14 B2R D . -4.95 0.41 4.92
H30 B2R D . -5.02 -1.89 4.92
H16 B2R D . -2.62 -1.47 6.33
H17 B2R D . -3.49 -2.95 6.30
H18 B2R D . -2.28 -3.80 4.42
H19 B2R D . -1.64 -2.19 4.02
H20 B2R D . -0.97 -3.82 6.54
H21 B2R D . -0.39 -2.18 6.23
H22 B2R D . 0.79 -3.73 2.64
H23 B2R D . 3.47 -1.54 3.46
H24 B2R D . 5.44 -1.45 2.01
H25 B2R D . 6.73 -2.48 0.03
H26 B2R D . 6.86 -4.39 -1.60
H27 B2R D . 5.80 -6.21 -2.69
H28 B2R D . 5.29 -7.33 -1.41
H29 B2R D . 4.08 -6.52 -2.41
C6 B2R C . 2.34 -3.65 -3.49
N1 B2R C . 1.53 -1.83 0.06
C2 B2R C . 2.37 -0.89 0.55
C5 B2R C . 3.28 -2.72 -3.03
C4 B2R C . 3.89 -1.10 -1.32
C3 B2R C . 3.55 -0.47 -0.12
C9 B2R C . 3.02 -2.07 -1.82
C7 B2R C . 1.16 -3.83 -2.76
C11 B2R C . 0.13 -4.82 -3.24
N8 B2R C . 0.88 -3.18 -1.61
C10 B2R C . 1.82 -2.31 -1.16
N23 B2R C . 1.89 -0.06 1.58
C24 B2R C . 2.60 0.87 2.32
O36 B2R C . 3.75 0.72 2.63
O25 B2R C . 1.65 1.53 3.07
C26 B2R C . 1.51 2.90 2.70
C27 B2R C . 1.36 3.79 3.94
C28 B2R C . 1.16 5.27 3.57
N35 B2R C . 2.51 5.88 3.22
C34 B2R C . 2.78 5.90 1.73
C33 B2R C . 1.58 6.55 1.00
C32 B2R C . 0.77 5.52 0.19
O31 B2R C . -0.51 6.04 -0.16
C30 B2R C . -1.56 5.36 0.37
O37 B2R C . -2.34 5.79 1.19
N29 B2R C . -1.92 4.43 -0.59
C13 B2R C . -3.22 3.97 -0.93
C14 B2R C . -4.15 3.80 0.11
C15 B2R C . -5.23 2.98 -0.09
C20 B2R C . -5.41 2.43 -1.33
C16 B2R C . -6.52 1.65 -1.58
C17 B2R C . -6.61 1.04 -2.83
C18 B2R C . -5.57 1.27 -3.77
C22 B2R C . -5.67 0.65 -5.15
N19 B2R C . -4.49 2.02 -3.52
C21 B2R C . -4.44 2.61 -2.32
N12 B2R C . -3.37 3.41 -2.15
H1 B2R C . 2.53 -4.24 -4.39
H2 B2R C . 4.18 -2.50 -3.60
H3 B2R C . 4.81 -0.83 -1.85
H4 B2R C . 4.16 0.32 0.29
H5 B2R C . -0.84 -4.33 -3.38
H6 B2R C . 0.44 -5.27 -4.19
H7 B2R C . 0.00 -5.63 -2.51
H8 B2R C . 0.92 -0.23 1.79
H9 B2R C . 2.38 3.23 2.12
H10 B2R C . 0.63 3.03 2.06
H11 B2R C . 2.26 3.70 4.57
H12 B2R C . 0.51 3.45 4.54
H13 B2R C . 0.42 5.30 2.76
H14 B2R C . 0.64 5.75 4.41
H30 B2R C . 3.25 5.32 3.68
H16 B2R C . 3.68 6.45 1.43
H17 B2R C . 2.93 4.91 1.28
H18 B2R C . 0.92 7.03 1.73
H19 B2R C . 1.95 7.33 0.32
H20 B2R C . 0.65 4.60 0.79
H21 B2R C . 1.33 5.24 -0.71
H22 B2R C . -1.24 4.20 -1.30
H23 B2R C . -4.03 4.24 1.08
H24 B2R C . -5.94 2.79 0.71
H25 B2R C . -7.27 1.50 -0.80
H26 B2R C . -7.46 0.43 -3.08
H27 B2R C . -4.67 0.34 -5.49
H28 B2R C . -6.32 -0.23 -5.13
H29 B2R C . -6.08 1.38 -5.86
C6 B2R D . -3.43 -1.93 -4.11
N1 B2R D . -2.05 0.51 -1.14
C2 B2R D . -2.80 0.71 -0.04
C5 B2R D . -4.26 -1.76 -2.99
C4 B2R D . -4.54 -0.77 -0.79
C3 B2R D . -4.05 0.13 0.15
C9 B2R D . -3.79 -0.94 -1.95
C7 B2R D . -2.15 -1.33 -4.09
C11 B2R D . -1.24 -1.51 -5.29
N8 B2R D . -1.69 -0.57 -3.07
C10 B2R D . -2.52 -0.38 -2.03
N23 B2R D . -2.16 1.26 1.09
C24 B2R D . -2.73 1.69 2.27
O36 B2R D . -3.89 2.05 2.36
O25 B2R D . -1.71 2.17 3.01
C26 B2R D . -2.03 2.34 4.39
C27 B2R D . -1.56 1.12 5.21
C28 B2R D . -1.68 1.37 6.73
N35 B2R D . -0.29 1.60 7.29
C34 B2R D . 0.25 0.38 8.02
C33 B2R D . 1.12 -0.43 7.03
C32 B2R D . 0.57 -1.86 6.83
O31 B2R D . 0.98 -2.38 5.57
C30 B2R D . 2.34 -2.52 5.45
O37 B2R D . 3.06 -3.00 6.28
N29 B2R D . 2.57 -2.61 4.11
C13 B2R D . 3.78 -2.75 3.48
C14 B2R D . 4.76 -1.83 3.85
C15 B2R D . 5.83 -1.61 3.00
C20 B2R D . 5.88 -2.32 1.79
C16 B2R D . 6.91 -2.14 0.86
C17 B2R D . 6.86 -2.90 -0.32
C18 B2R D . 5.77 -3.75 -0.53
C22 B2R D . 5.71 -4.59 -1.78
N19 B2R D . 4.74 -3.87 0.34
C21 B2R D . 4.83 -3.20 1.50
N12 B2R D . 3.81 -3.43 2.32
H1 B2R D . -3.75 -2.50 -4.97
H2 B2R D . -5.23 -2.24 -2.94
H3 B2R D . -5.48 -1.30 -0.64
H4 B2R D . -4.64 0.36 1.04
H5 B2R D . -0.28 -1.92 -4.97
H6 B2R D . -1.05 -0.55 -5.78
H7 B2R D . -1.69 -2.18 -6.02
H8 B2R D . -1.17 1.35 0.97
H9 B2R D . -3.12 2.46 4.52
H10 B2R D . -1.56 3.25 4.79
H11 B2R D . -2.17 0.25 4.93
H12 B2R D . -0.52 0.91 4.95
H13 B2R D . -2.38 2.19 6.86
H14 B2R D . -2.21 0.51 7.15
H30 B2R D . 0.34 1.82 6.51
H16 B2R D . 0.88 0.62 8.88
H17 B2R D . -0.51 -0.29 8.41
H18 B2R D . 1.14 0.09 6.06
H19 B2R D . 2.14 -0.49 7.41
H20 B2R D . -0.53 -1.83 6.89
H21 B2R D . 0.92 -2.50 7.65
H22 B2R D . 1.82 -2.84 3.51
H23 B2R D . 4.66 -1.27 4.78
H24 B2R D . 6.59 -0.92 3.30
H25 B2R D . 7.72 -1.44 1.04
H26 B2R D . 7.67 -2.84 -1.03
H27 B2R D . 6.21 -5.55 -1.63
H28 B2R D . 4.67 -4.79 -2.06
H29 B2R D . 6.19 -4.07 -2.62
C6 B2R C . 2.38 -3.32 -3.49
N1 B2R C . 1.22 -1.94 0.16
C2 B2R C . 1.96 -1.03 0.80
C5 B2R C . 3.24 -2.42 -2.86
C4 B2R C . 3.62 -0.96 -0.96
C3 B2R C . 3.15 -0.49 0.28
C9 B2R C . 2.85 -1.92 -1.61
C7 B2R C . 1.17 -3.65 -2.87
C11 B2R C . 0.22 -4.63 -3.54
N8 B2R C . 0.78 -3.14 -1.68
C10 B2R C . 1.62 -2.29 -1.08
N23 B2R C . 1.35 -0.35 1.88
C24 B2R C . 1.95 0.45 2.82
O36 B2R C . 3.13 0.36 3.11
O25 B2R C . 0.96 0.82 3.67
C26 B2R C . 0.89 2.23 3.94
C27 B2R C . 2.30 2.85 4.07
C28 B2R C . 2.26 4.29 4.62
N35 B2R C . 2.90 5.22 3.61
C34 B2R C . 1.91 6.22 3.02
C33 B2R C . 0.80 5.44 2.28
C32 B2R C . -0.09 6.37 1.45
O31 B2R C . -0.73 5.63 0.39
C30 B2R C . -2.00 5.22 0.68
O37 B2R C . -2.82 5.89 1.26
N29 B2R C . -2.32 4.32 -0.30
C13 B2R C . -3.59 3.84 -0.65
C14 B2R C . -4.50 3.62 0.38
C15 B2R C . -5.57 2.79 0.17
C20 B2R C . -5.75 2.28 -1.09
C16 B2R C . -6.85 1.48 -1.36
C17 B2R C . -6.92 0.92 -2.63
C18 B2R C . -5.89 1.19 -3.57
C22 B2R C . -5.97 0.61 -4.97
N19 B2R C . -4.82 1.96 -3.29
C21 B2R C . -4.78 2.50 -2.07
N12 B2R C . -3.73 3.32 -1.88
H1 B2R C . 2.67 -3.79 -4.44
H2 B2R C . 4.17 -2.10 -3.33
H3 B2R C . 4.56 -0.60 -1.36
H4 B2R C . 3.68 0.29 0.81
H5 B2R C . 0.66 -5.01 -4.47
H6 B2R C . 0.02 -5.48 -2.87
H7 B2R C . -0.73 -4.14 -3.78
H8 B2R C . 0.39 -0.62 2.00
H9 B2R C . 0.36 2.74 3.12
H10 B2R C . 0.33 2.42 4.86
H11 B2R C . 2.80 2.85 3.09
H12 B2R C . 2.90 2.23 4.75
H13 B2R C . 1.21 4.51 4.85
H14 B2R C . 2.74 4.28 5.60
H30 B2R C . 3.28 4.65 2.83
H16 B2R C . 1.42 6.85 3.75
H17 B2R C . 2.34 6.92 2.30
H18 B2R C . 1.26 4.69 1.63
H19 B2R C . 0.19 4.90 3.01
H20 B2R C . 0.51 7.18 1.03
H21 B2R C . -0.85 6.82 2.09
H22 B2R C . -1.61 4.10 -0.99
H23 B2R C . -4.38 4.06 1.35
H24 B2R C . -6.27 2.56 0.98
H25 B2R C . -7.60 1.31 -0.60
H26 B2R C . -7.76 0.30 -2.90
H27 B2R C . -6.63 -0.26 -4.98
H28 B2R C . -6.35 1.36 -5.66
H29 B2R C . -4.97 0.30 -5.30
C6 B2R D . -3.09 -1.45 -4.16
N1 B2R D . -2.05 0.68 -0.85
C2 B2R D . -2.89 0.75 0.21
C5 B2R D . -4.02 -1.43 -3.12
C4 B2R D . -4.52 -0.69 -0.85
C3 B2R D . -4.14 0.11 0.23
C9 B2R D . -3.67 -0.73 -1.96
C7 B2R D . -1.85 -0.82 -3.98
C11 B2R D . -0.84 -0.85 -5.10
N8 B2R D . -1.50 -0.17 -2.85
C10 B2R D . -2.41 -0.13 -1.87
N23 B2R D . -2.37 1.20 1.44
C24 B2R D . -3.04 1.51 2.59
O36 B2R D . -4.22 1.82 2.61
O25 B2R D . -2.11 1.99 3.44
C26 B2R D . -2.52 2.00 4.81
C27 B2R D . -2.68 0.55 5.33
C28 B2R D . -2.34 0.43 6.83
N35 B2R D . -3.15 -0.72 7.42
C34 B2R D . -3.04 -1.99 6.59
C33 B2R D . -1.70 -2.67 6.89
C32 B2R D . -0.63 -2.30 5.85
O31 B2R D . 0.45 -3.23 5.88
C30 B2R D . 1.65 -2.69 5.57
O37 B2R D . 2.58 -2.53 6.34
N29 B2R D . 1.82 -2.96 4.22
C13 B2R D . 3.02 -3.13 3.54
C14 B2R D . 4.02 -2.21 3.80
C15 B2R D . 5.06 -2.08 2.89
C20 B2R D . 5.04 -2.87 1.73
C16 B2R D . 6.05 -2.80 0.75
C17 B2R D . 5.92 -3.64 -0.37
C18 B2R D . 4.79 -4.46 -0.46
C22 B2R D . 4.64 -5.37 -1.66
N19 B2R D . 3.80 -4.49 0.45
C21 B2R D . 3.97 -3.75 1.54
N12 B2R D . 2.98 -3.90 2.44
H1 B2R D . -3.34 -1.93 -5.10
H2 B2R D . -4.97 -1.94 -3.19
H3 B2R D . -5.45 -1.23 -0.84
H4 B2R D . -4.79 0.20 1.09
H5 B2R D . -1.19 -1.48 -5.93
H6 B2R D . 0.12 -1.24 -4.75
H7 B2R D . -0.67 0.16 -5.49
H8 B2R D . -1.37 1.35 1.40
H9 B2R D . -3.48 2.53 4.93
H10 B2R D . -1.78 2.52 5.44
H11 B2R D . -3.71 0.22 5.15
H12 B2R D . -2.02 -0.11 4.75
H13 B2R D . -1.26 0.32 6.91
H14 B2R D . -2.55 1.40 7.28
H30 B2R D . -2.79 -0.92 8.36
H16 B2R D . -3.83 -2.73 6.78
H17 B2R D . -3.10 -1.83 5.51
H18 B2R D . -1.35 -2.37 7.88
H19 B2R D . -1.83 -3.76 6.89
H20 B2R D . -0.26 -1.28 6.04
H21 B2R D . -1.08 -2.29 4.85
H22 B2R D . 1.05 -3.28 3.70
H23 B2R D . 3.99 -1.59 4.69
H24 B2R D . 5.85 -1.38 3.10
H25 B2R D . 6.89 -2.13 0.85
H26 B2R D . 6.69 -3.67 -1.12
H27 B2R D . 3.62 -5.30 -2.08
H28 B2R D . 5.35 -5.11 -2.45
H29 B2R D . 4.83 -6.42 -1.37
C6 B2R C . 2.45 -4.80 -4.28
N1 B2R C . 1.64 -2.62 -0.94
C2 B2R C . 2.47 -1.63 -0.57
C5 B2R C . 3.36 -3.79 -3.95
C4 B2R C . 3.99 -2.03 -2.39
C3 B2R C . 3.63 -1.28 -1.27
C9 B2R C . 3.12 -3.05 -2.80
C7 B2R C . 1.29 -4.93 -3.51
C11 B2R C . 0.28 -6.01 -3.86
N8 B2R C . 1.01 -4.16 -2.43
C10 B2R C . 1.92 -3.24 -2.10
N23 B2R C . 1.99 -0.71 0.37
C24 B2R C . 2.71 0.20 1.10
O36 B2R C . 3.91 0.10 1.28
O25 B2R C . 1.84 0.75 1.98
C26 B2R C . 2.38 1.87 2.69
C27 B2R C . 2.86 2.96 1.70
C28 B2R C . 3.39 4.20 2.43
N35 B2R C . 3.67 5.27 1.40
C34 B2R C . 2.58 6.32 1.32
C33 B2R C . 1.58 5.91 0.22
C32 B2R C . 0.20 5.56 0.80
O31 B2R C . -0.74 5.34 -0.26
C30 B2R C . -1.71 4.44 0.04
O37 B2R C . -2.49 4.55 0.97
N29 B2R C . -2.02 3.82 -1.14
C13 B2R C . -3.27 3.36 -1.59
C14 B2R C . -4.17 2.84 -0.64
C15 B2R C . -5.21 2.05 -1.06
C20 B2R C . -5.35 1.84 -2.41
C16 B2R C . -6.41 1.09 -2.88
C17 B2R C . -6.46 0.83 -4.25
C18 B2R C . -5.45 1.37 -5.07
C22 B2R C . -5.50 1.13 -6.57
N19 B2R C . -4.41 2.09 -4.61
C21 B2R C . -4.39 2.33 -3.29
N12 B2R C . -3.40 3.13 -2.90
H1 B2R C . 2.64 -5.47 -5.12
H2 B2R C . 4.21 -3.57 -4.58
H3 B2R C . 4.92 -1.84 -2.93
H4 B2R C . 4.25 -0.44 -0.96
H5 B2R C . 0.65 -6.63 -4.69
H6 B2R C . 0.10 -6.66 -3.00
H7 B2R C . -0.67 -5.56 -4.17
H8 B2R C . 1.03 -0.86 0.62
H9 B2R C . 1.62 2.29 3.37
H10 B2R C . 3.23 1.55 3.31
H11 B2R C . 2.01 3.25 1.06
H12 B2R C . 3.65 2.55 1.07
H13 B2R C . 2.64 4.48 3.18
H14 B2R C . 4.25 3.89 3.02
H30 B2R C . 3.76 4.80 0.47
H16 B2R C . 2.01 6.44 2.24
H17 B2R C . 2.93 7.32 1.09
H18 B2R C . 1.47 6.74 -0.49
H19 B2R C . 1.98 5.04 -0.33
H20 B2R C . -0.14 6.37 1.45
H21 B2R C . 0.28 4.66 1.42
H22 B2R C . -1.35 3.89 -1.89
H23 B2R C . -4.06 3.01 0.40
H24 B2R C . -5.91 1.63 -0.35
H25 B2R C . -7.16 0.73 -2.17
H26 B2R C . -7.28 0.27 -4.68
H27 B2R C . -6.33 0.48 -6.83
H28 B2R C . -5.61 2.09 -7.10
H29 B2R C . -4.57 0.65 -6.91
C6 B2R D . -2.95 -1.67 -6.56
N1 B2R D . -1.66 0.11 -3.13
C2 B2R D . -2.38 0.00 -2.00
C5 B2R D . -3.76 -1.83 -5.42
C4 B2R D . -4.00 -1.45 -3.03
C3 B2R D . -3.57 -0.72 -1.92
C9 B2R D . -3.31 -1.25 -4.23
C7 B2R D . -1.73 -0.99 -6.43
C11 B2R D . -0.85 -0.81 -7.65
N8 B2R D . -1.29 -0.45 -5.27
C10 B2R D . -2.09 -0.58 -4.20
N23 B2R D . -1.75 0.32 -0.78
C24 B2R D . -2.30 0.52 0.46
O36 B2R D . -3.51 0.44 0.68
O25 B2R D . -1.47 1.38 1.11
C26 B2R D . -1.96 1.81 2.40
C27 B2R D . -1.80 0.68 3.44
C28 B2R D . -2.89 0.74 4.53
N35 B2R D . -3.15 -0.67 5.03
C34 B2R D . -2.58 -0.93 6.43
C33 B2R D . -1.06 -0.73 6.39
C32 B2R D . -0.34 -1.81 5.56
O31 B2R D . 0.82 -1.27 4.93
C30 B2R D . 1.93 -2.05 5.05
O37 B2R D . 2.24 -2.67 6.05
N29 B2R D . 2.21 -2.49 3.79
C13 B2R D . 3.44 -2.78 3.23
C14 B2R D . 4.45 -1.87 3.52
C15 B2R D . 5.56 -1.81 2.69
C20 B2R D . 5.59 -2.67 1.58
C16 B2R D . 6.66 -2.67 0.67
C17 B2R D . 6.60 -3.57 -0.40
C18 B2R D . 5.46 -4.38 -0.54
C22 B2R D . 5.38 -5.37 -1.67
N19 B2R D . 4.42 -4.34 0.31
C21 B2R D . 4.52 -3.54 1.37
N12 B2R D . 3.46 -3.60 2.18
H1 B2R D . -3.27 -2.06 -7.52
H2 B2R D . -4.69 -2.39 -5.46
H3 B2R D . -4.84 -2.11 -2.96
H4 B2R D . -4.14 -0.74 -1.00
H5 B2R D . -0.72 0.26 -7.87
H6 B2R D . -1.30 -1.29 -8.52
H7 B2R D . 0.14 -1.25 -7.47
H8 B2R D . -0.76 0.47 -0.89
H9 B2R D . -3.02 2.07 2.32
H10 B2R D . -1.43 2.69 2.74
H11 B2R D . -1.85 -0.29 2.93
H12 B2R D . -0.81 0.76 3.90
H13 B2R D . -2.54 1.43 5.29
H14 B2R D . -3.76 1.23 4.09
H30 B2R D . -4.18 -0.82 5.08
H16 B2R D . -2.98 -0.27 7.20
H17 B2R D . -2.77 -1.93 6.82
H18 B2R D . -0.82 0.26 5.96
H19 B2R D . -0.67 -0.75 7.41
H20 B2R D . -1.04 -2.20 4.79
H21 B2R D . -0.07 -2.65 6.21
H22 B2R D . 1.46 -2.75 3.20
H23 B2R D . 4.36 -1.20 4.37
H24 B2R D . 6.34 -1.13 2.90
H25 B2R D . 7.51 -1.98 0.77
H26 B2R D . 7.42 -3.64 -1.11
H27 B2R D . 5.87 -4.97 -2.57
H28 B2R D . 5.88 -6.31 -1.40
H29 B2R D . 4.34 -5.59 -1.93
C6 B2R C . 2.99 -4.44 -4.33
N1 B2R C . 2.01 -2.41 -0.94
C2 B2R C . 2.79 -1.39 -0.52
C5 B2R C . 3.84 -3.39 -3.94
C4 B2R C . 4.37 -1.69 -2.32
C3 B2R C . 3.96 -0.98 -1.19
C9 B2R C . 3.55 -2.72 -2.77
C7 B2R C . 1.83 -4.65 -3.60
C11 B2R C . 0.89 -5.77 -4.01
N8 B2R C . 1.47 -3.93 -2.51
C10 B2R C . 2.35 -2.98 -2.11
N23 B2R C . 2.25 -0.51 0.42
C24 B2R C . 2.90 0.43 1.19
O36 B2R C . 4.08 0.32 1.50
O25 B2R C . 1.95 1.01 1.94
C26 B2R C . 2.39 2.20 2.62
C27 B2R C . 3.01 3.19 1.61
C28 B2R C . 3.46 4.49 2.28
N35 B2R C . 3.60 5.55 1.20
C34 B2R C . 2.61 6.70 1.36
C33 B2R C . 1.18 6.12 1.33
C32 B2R C . 0.80 5.60 -0.07
O31 B2R C . 0.03 4.39 0.03
C30 B2R C . -1.31 4.60 0.05
O37 B2R C . -1.88 5.49 0.65
N29 B2R C . -1.78 4.10 -1.14
C13 B2R C . -3.08 3.67 -1.46
C14 B2R C . -3.93 3.33 -0.40
C15 B2R C . -5.02 2.52 -0.65
C20 B2R C . -5.26 2.15 -1.95
C16 B2R C . -6.36 1.38 -2.23
C17 B2R C . -6.52 0.95 -3.56
C18 B2R C . -5.56 1.35 -4.51
C22 B2R C . -5.72 0.94 -5.96
N19 B2R C . -4.47 2.10 -4.22
C21 B2R C . -4.36 2.50 -2.94
N12 B2R C . -3.31 3.30 -2.73
H1 B2R C . 3.25 -5.07 -5.18
H2 B2R C . 4.68 -3.09 -4.54
H3 B2R C . 5.30 -1.45 -2.82
H4 B2R C . 4.52 -0.11 -0.85
H5 B2R C . -0.08 -5.36 -4.36
H6 B2R C . 1.32 -6.36 -4.83
H7 B2R C . 0.69 -6.44 -3.17
H8 B2R C . 1.28 -0.69 0.61
H9 B2R C . 1.54 2.69 3.12
H10 B2R C . 3.12 1.94 3.38
H11 B2R C . 2.28 3.42 0.83
H12 B2R C . 3.88 2.72 1.13
H13 B2R C . 2.73 4.73 3.06
H14 B2R C . 4.38 4.27 2.84
H30 B2R C . 3.43 5.10 0.29
H16 B2R C . 2.71 7.26 2.29
H17 B2R C . 2.67 7.46 0.59
H18 B2R C . 1.09 5.29 2.05
H19 B2R C . 0.46 6.90 1.62
H20 B2R C . 1.71 5.41 -0.65
H21 B2R C . 0.23 6.37 -0.62
H22 B2R C . -1.14 4.04 -1.92
H23 B2R C . -3.76 3.65 0.61
H24 B2R C . -5.67 2.19 0.15
H25 B2R C . -7.06 1.12 -1.44
H26 B2R C . -7.37 0.36 -3.84
H27 B2R C . -6.39 0.08 -6.03
H28 B2R C . -6.13 1.76 -6.55
H29 B2R C . -4.75 0.65 -6.39
C6 B2R D . -3.23 -1.72 -5.57
N1 B2R D . -1.71 0.32 -2.39
C2 B2R D . -2.39 0.36 -1.23
C5 B2R D . -3.97 -1.75 -4.39
C4 B2R D . -4.10 -1.11 -2.05
C3 B2R D . -3.60 -0.29 -1.03
C9 B2R D . -3.45 -1.08 -3.27
C7 B2R D . -1.98 -1.08 -5.56
C11 B2R D . -1.15 -1.05 -6.83
N8 B2R D . -1.46 -0.47 -4.48
C10 B2R D . -2.22 -0.44 -3.37
N23 B2R D . -1.68 0.77 -0.09
C24 B2R D . -2.17 0.92 1.20
O36 B2R D . -3.24 1.43 1.44
O25 B2R D . -1.07 1.01 2.00
C26 B2R D . -1.19 0.26 3.23
C27 B2R D . -2.49 0.62 3.98
C28 B2R D . -2.40 0.29 5.48
N35 B2R D . -3.18 -0.99 5.74
C34 B2R D . -2.46 -2.23 5.25
C33 B2R D . -1.16 -2.40 6.05
C32 B2R D . -0.10 -3.13 5.22
O31 B2R D . 0.61 -2.21 4.38
C30 B2R D . 1.96 -2.32 4.46
O37 B2R D . 2.59 -2.54 5.47
N29 B2R D . 2.35 -2.75 3.23
C13 B2R D . 3.64 -2.96 2.76
C14 B2R D . 4.55 -1.98 3.09
C15 B2R D . 5.71 -1.87 2.34
C20 B2R D . 5.90 -2.75 1.28
C16 B2R D . 7.03 -2.70 0.44
C17 B2R D . 7.11 -3.64 -0.60
C18 B2R D . 6.05 -4.53 -0.79
C22 B2R D . 6.12 -5.55 -1.91
N19 B2R D . 4.94 -4.54 -0.04
C21 B2R D . 4.91 -3.69 1.01
N12 B2R D . 3.79 -3.82 1.74
H1 B2R D . -3.61 -2.17 -6.48
H2 B2R D . -4.93 -2.28 -4.34
H3 B2R D . -4.97 -1.74 -1.88
H4 B2R D . -4.13 -0.18 -0.09
H5 B2R D . -0.16 -1.50 -6.66
H6 B2R D . -1.00 -0.01 -7.17
H7 B2R D . -1.64 -1.60 -7.63
H8 B2R D . -0.70 0.88 -0.26
H9 B2R D . -0.32 0.48 3.87
H10 B2R D . -1.18 -0.81 3.02
H11 B2R D . -2.68 1.71 3.86
H12 B2R D . -3.32 0.08 3.53
H13 B2R D . -1.34 0.24 5.73
H14 B2R D . -2.76 1.17 6.02
H30 B2R D . -3.32 -1.08 6.76
H16 B2R D . -3.03 -3.16 5.38
H17 B2R D . -2.20 -2.22 4.20
H18 B2R D . -0.77 -1.41 6.34
H19 B2R D . -1.35 -2.96 6.96
H20 B2R D . -0.58 -3.90 4.61
H21 B2R D . 0.60 -3.65 5.89
H22 B2R D . 1.67 -3.15 2.62
H23 B2R D . 4.37 -1.30 3.92
H24 B2R D . 6.41 -1.11 2.60
H25 B2R D . 7.81 -1.96 0.58
H26 B2R D . 7.99 -3.69 -1.23
H27 B2R D . 6.82 -5.22 -2.68
H28 B2R D . 6.47 -6.52 -1.51
H29 B2R D . 5.13 -5.69 -2.36
C6 B2R C . 2.84 -4.87 -4.17
N1 B2R C . 1.81 -2.73 -0.87
C2 B2R C . 2.58 -1.69 -0.48
C5 B2R C . 3.67 -3.82 -3.82
C4 B2R C . 4.18 -2.04 -2.25
C3 B2R C . 3.74 -1.29 -1.17
C9 B2R C . 3.37 -3.10 -2.66
C7 B2R C . 1.67 -5.07 -3.45
C11 B2R C . 0.74 -6.21 -3.83
N8 B2R C . 1.30 -4.32 -2.39
C10 B2R C . 2.15 -3.33 -2.02
N23 B2R C . 2.06 -0.79 0.45
C24 B2R C . 2.73 0.19 1.15
O36 B2R C . 3.93 0.13 1.36
O25 B2R C . 1.83 0.75 1.99
C26 B2R C . 2.34 1.90 2.66
C27 B2R C . 2.84 2.95 1.64
C28 B2R C . 2.96 4.35 2.26
N35 B2R C . 3.45 5.31 1.18
C34 B2R C . 2.40 6.33 0.80
C33 B2R C . 1.26 5.61 0.06
C32 B2R C . 0.00 6.48 -0.05
O31 B2R C . -0.99 5.82 -0.84
C30 B2R C . -1.53 4.73 -0.24
O37 B2R C . -2.14 4.74 0.81
N29 B2R C . -1.82 3.86 -1.27
C13 B2R C . -3.07 3.30 -1.60
C14 B2R C . -3.86 2.76 -0.57
C15 B2R C . -4.89 1.90 -0.89
C20 B2R C . -5.12 1.63 -2.22
C16 B2R C . -6.18 0.82 -2.60
C17 B2R C . -6.30 0.52 -3.96
C18 B2R C . -5.37 1.08 -4.85
C22 B2R C . -5.51 0.80 -6.34
N19 B2R C . -4.35 1.87 -4.48
C21 B2R C . -4.25 2.15 -3.18
N12 B2R C . -3.27 3.02 -2.90
H1 B2R C . 3.10 -5.54 -4.99
H2 B2R C . 4.53 -3.53 -4.41
H3 B2R C . 5.12 -1.83 -2.75
H4 B2R C . 4.28 -0.40 -0.86
H5 B2R C . -0.22 -5.82 -4.21
H6 B2R C . 1.19 -6.82 -4.62
H7 B2R C . 0.54 -6.85 -2.96
H8 B2R C . 1.11 -1.00 0.73
H9 B2R C . 1.57 2.35 3.30
H10 B2R C . 3.18 1.62 3.33
H11 B2R C . 2.16 2.97 0.79
H12 B2R C . 3.83 2.64 1.27
H13 B2R C . 1.98 4.60 2.67
H14 B2R C . 3.60 4.27 3.12
H30 B2R C . 3.68 4.75 0.34
H16 B2R C . 1.95 6.86 1.64
H17 B2R C . 2.76 7.13 0.15
H18 B2R C . 1.59 5.35 -0.95
H19 B2R C . 1.01 4.69 0.58
H20 B2R C . 0.26 7.45 -0.49
H21 B2R C . -0.38 6.68 0.95
H22 B2R C . -1.19 3.86 -2.05
H23 B2R C . -3.69 2.99 0.45
H24 B2R C . -5.51 1.46 -0.12
H25 B2R C . -6.85 0.42 -1.84
H26 B2R C . -7.11 -0.10 -4.31
H27 B2R C . -6.11 -0.10 -6.51
H28 B2R C . -6.00 1.64 -6.84
H29 B2R C . -4.53 0.65 -6.79
C6 B2R D . -2.87 -1.61 -6.52
N1 B2R D . -1.38 0.17 -3.17
C2 B2R D . -2.01 0.03 -1.99
C5 B2R D . -3.59 -1.79 -5.33
C4 B2R D . -3.73 -1.37 -2.94
C3 B2R D . -3.20 -0.69 -1.82
C9 B2R D . -3.09 -1.20 -4.16
C7 B2R D . -1.66 -0.89 -6.46
C11 B2R D . -0.85 -0.68 -7.73
N8 B2R D . -1.15 -0.36 -5.33
C10 B2R D . -1.87 -0.51 -4.21
N23 B2R D . -1.28 0.35 -0.83
C24 B2R D . -1.75 0.60 0.45
O36 B2R D . -2.83 0.21 0.85
O25 B2R D . -1.15 1.75 0.85
C26 B2R D . -1.01 1.86 2.28
C27 B2R D . -2.33 2.35 2.93
C28 B2R D . -2.40 1.98 4.42
N35 B2R D . -3.52 0.96 4.61
C34 B2R D . -3.19 -0.38 4.00
C33 B2R D . -2.21 -1.13 4.93
C32 B2R D . -0.77 -1.14 4.37
O31 B2R D . -0.04 -2.25 4.88
C30 B2R D . 1.30 -2.12 4.76
O37 B2R D . 2.08 -1.96 5.69
N29 B2R D . 1.65 -2.80 3.62
C13 B2R D . 2.91 -3.12 3.14
C14 B2R D . 3.88 -2.15 3.34
C15 B2R D . 5.02 -2.18 2.55
C20 B2R D . 5.14 -3.19 1.58
C16 B2R D . 6.26 -3.28 0.74
C17 B2R D . 6.26 -4.32 -0.21
C18 B2R D . 5.14 -5.17 -0.29
C22 B2R D . 5.12 -6.29 -1.30
N19 B2R D . 4.05 -5.04 0.49
C21 B2R D . 4.09 -4.09 1.44
N12 B2R D . 3.00 -4.09 2.21
H1 B2R D . -3.24 -1.98 -7.46
H2 B2R D . -4.51 -2.36 -5.32
H3 B2R D . -4.61 -1.99 -2.83
H4 B2R D . -3.69 -0.75 -0.86
H5 B2R D . 0.15 -1.12 -7.63
H6 B2R D . -0.74 0.39 -7.94
H7 B2R D . -1.35 -1.15 -8.58
H8 B2R D . -0.31 0.53 -1.02
H9 B2R D . -0.20 2.55 2.53
H10 B2R D . -0.73 0.88 2.71
H11 B2R D . -2.38 3.45 2.83
H12 B2R D . -3.17 1.92 2.40
H13 B2R D . -1.41 1.63 4.72
H14 B2R D . -2.53 2.90 4.99
H30 B2R D . -3.67 0.83 5.62
H16 B2R D . -4.05 -1.05 3.84
H17 B2R D . -2.72 -0.34 3.02
H18 B2R D . -2.22 -0.65 5.92
H19 B2R D . -2.56 -2.17 5.05
H20 B2R D . -0.27 -0.20 4.66
H21 B2R D . -0.81 -1.18 3.28
H22 B2R D . 0.93 -3.24 3.08
H23 B2R D . 3.75 -1.38 4.09
H24 B2R D . 5.77 -1.44 2.72
H25 B2R D . 7.09 -2.58 0.79
H26 B2R D . 7.12 -4.47 -0.86
H27 B2R D . 4.28 -6.19 -1.98
H28 B2R D . 6.06 -6.30 -1.89
H29 B2R D . 5.04 -7.26 -0.79
C6 B2R C . 2.27 -3.91 -3.85
N1 B2R C . 1.54 -2.09 -0.29
C2 B2R C . 2.38 -1.14 0.18
C5 B2R C . 3.21 -2.97 -3.43
C4 B2R C . 3.85 -1.33 -1.73
C3 B2R C . 3.51 -0.70 -0.53
C9 B2R C . 2.97 -2.32 -2.21
C7 B2R C . 1.11 -4.11 -3.08
C11 B2R C . 0.08 -5.12 -3.53
N8 B2R C . 0.87 -3.45 -1.93
C10 B2R C . 1.79 -2.58 -1.51
N23 B2R C . 1.91 -0.32 1.23
C24 B2R C . 2.64 0.47 2.08
O36 B2R C . 3.86 0.49 2.09
O25 B2R C . 1.84 0.66 3.15
C26 B2R C . 2.44 1.47 4.18
C27 B2R C . 2.64 2.91 3.68
C28 B2R C . 2.52 3.94 4.82
N35 B2R C . 1.05 4.15 5.13
C34 B2R C . 0.46 5.32 4.35
C33 B2R C . -0.31 4.75 3.14
C32 B2R C . 0.23 5.32 1.81
O31 B2R C . -0.37 4.63 0.69
C30 B2R C . -1.71 4.87 0.57
O37 B2R C . -2.29 5.83 1.02
N29 B2R C . -2.09 4.25 -0.59
C13 B2R C . -3.37 3.84 -0.97
C14 B2R C . -4.32 3.67 0.07
C15 B2R C . -5.42 2.88 -0.16
C20 B2R C . -5.60 2.35 -1.41
C16 B2R C . -6.71 1.59 -1.68
C17 B2R C . -6.79 1.01 -2.94
C18 B2R C . -5.75 1.23 -3.87
C22 B2R C . -5.84 0.64 -5.25
N19 B2R C . -4.65 1.96 -3.59
C21 B2R C . -4.61 2.53 -2.38
N12 B2R C . -3.52 3.29 -2.19
H1 B2R C . 2.44 -4.49 -4.76
H2 B2R C . 4.08 -2.72 -4.01
H3 B2R C . 4.75 -1.06 -2.27
H4 B2R C . 4.12 0.12 -0.16
H5 B2R C . -0.08 -5.87 -2.75
H6 B2R C . -0.88 -4.63 -3.74
H7 B2R C . 0.41 -5.63 -4.45
H8 B2R C . 0.95 -0.51 1.44
H9 B2R C . 1.81 1.47 5.08
H10 B2R C . 3.42 1.05 4.47
H11 B2R C . 1.88 3.13 2.91
H12 B2R C . 3.62 3.00 3.21
H13 B2R C . 3.10 3.55 5.66
H14 B2R C . 3.06 4.83 4.51
H30 B2R C . 0.95 4.35 6.14
H16 B2R C . -0.24 5.94 4.91
H17 B2R C . 1.20 6.02 3.97
H18 B2R C . -0.24 3.65 3.13
H19 B2R C . -1.37 5.01 3.24
H20 B2R C . 1.32 5.19 1.78
H21 B2R C . 0.02 6.39 1.76
H22 B2R C . -1.38 4.04 -1.28
H23 B2R C . -4.20 4.11 1.02
H24 B2R C . -6.14 2.70 0.63
H25 B2R C . -7.47 1.46 -0.91
H26 B2R C . -7.66 0.41 -3.20
H27 B2R C . -4.85 0.37 -5.63
H28 B2R C . -6.46 -0.28 -5.25
H29 B2R C . -6.30 1.35 -5.94
C6 B2R D . -3.49 -1.85 -4.47
N1 B2R D . -2.07 0.41 -1.40
C2 B2R D . -2.80 0.58 -0.28
C5 B2R D . -4.32 -1.72 -3.34
C4 B2R D . -4.57 -0.84 -1.09
C3 B2R D . -4.07 0.02 -0.11
C9 B2R D . -3.84 -0.97 -2.27
C7 B2R D . -2.22 -1.26 -4.44
C11 B2R D . -1.32 -1.38 -5.65
N8 B2R D . -1.74 -0.56 -3.39
C10 B2R D . -2.56 -0.41 -2.34
N23 B2R D . -2.15 1.04 0.88
C24 B2R D . -2.70 1.38 2.09
O36 B2R D . -3.74 2.01 2.20
O25 B2R D . -1.66 1.42 2.96
C26 B2R D . -2.08 1.49 4.34
C27 B2R D . -2.84 0.20 4.73
C28 B2R D . -3.25 0.21 6.22
N35 B2R D . -2.37 -0.77 6.98
C34 B2R D . -2.55 -2.21 6.53
C33 B2R D . -1.18 -2.90 6.56
C32 B2R D . -0.22 -2.33 5.50
O31 B2R D . 1.04 -3.02 5.56
C30 B2R D . 2.09 -2.25 5.16
O37 B2R D . 2.94 -1.79 5.89
N29 B2R D . 2.35 -2.64 3.87
C13 B2R D . 3.58 -2.83 3.24
C14 B2R D . 4.56 -1.89 3.52
C15 B2R D . 5.62 -1.76 2.66
C20 B2R D . 5.66 -2.59 1.52
C16 B2R D . 6.70 -2.50 0.59
C17 B2R D . 6.64 -3.36 -0.52
C18 B2R D . 5.53 -4.22 -0.65
C22 B2R D . 5.45 -5.17 -1.83
N19 B2R D . 4.52 -4.26 0.22
C21 B2R D . 4.62 -3.48 1.32
N12 B2R D . 3.60 -3.63 2.16
H1 B2R D . -3.84 -2.37 -5.35
H2 B2R D . -5.30 -2.20 -3.30
H3 B2R D . -5.50 -1.38 -0.95
H4 B2R D . -4.65 0.22 0.79
H5 B2R D . -1.13 -0.40 -6.09
H6 B2R D . -1.79 -2.02 -6.41
H7 B2R D . -0.36 -1.83 -5.37
H8 B2R D . -1.15 1.08 0.77
H9 B2R D . -2.73 2.35 4.50
H10 B2R D . -1.21 1.61 4.99
H11 B2R D . -3.74 0.10 4.11
H12 B2R D . -2.20 -0.67 4.54
H13 B2R D . -3.21 1.25 6.56
H14 B2R D . -4.32 -0.02 6.25
H30 B2R D . -1.39 -0.50 6.82
H16 B2R D . -3.23 -2.79 7.14
H17 B2R D . -2.95 -2.31 5.51
H18 B2R D . -0.74 -2.78 7.55
H19 B2R D . -1.32 -3.97 6.39
H20 B2R D . -0.07 -1.26 5.68
H21 B2R D . -0.67 -2.44 4.51
H22 B2R D . 1.61 -3.04 3.33
H23 B2R D . 4.48 -1.25 4.39
H24 B2R D . 6.37 -1.05 2.88
H25 B2R D . 7.52 -1.80 0.70
H26 B2R D . 7.44 -3.38 -1.24
H27 B2R D . 6.14 -4.86 -2.62
H28 B2R D . 5.71 -6.19 -1.52
H29 B2R D . 4.44 -5.17 -2.24
C6 B2R C . 2.87 -4.96 -3.75
N1 B2R C . 1.62 -2.80 -0.54
C2 B2R C . 2.35 -1.77 -0.10
C5 B2R C . 3.68 -3.92 -3.34
C4 B2R C . 4.05 -2.10 -1.77
C3 B2R C . 3.55 -1.35 -0.70
C9 B2R C . 3.29 -3.19 -2.23
C7 B2R C . 1.64 -5.15 -3.10
C11 B2R C . 0.73 -6.28 -3.56
N8 B2R C . 1.22 -4.40 -2.08
C10 B2R C . 2.05 -3.42 -1.65
N23 B2R C . 1.74 -0.84 0.76
C24 B2R C . 2.33 0.16 1.49
O36 B2R C . 3.30 -0.03 2.19
O25 B2R C . 1.35 1.06 1.75
C26 B2R C . 1.86 2.34 2.18
C27 B2R C . 3.01 2.80 1.28
C28 B2R C . 3.41 4.27 1.53
N35 B2R C . 3.58 4.97 0.19
C34 B2R C . 2.71 6.19 0.06
C33 B2R C . 1.24 5.76 0.01
C32 B2R C . 0.86 5.16 -1.36
O31 B2R C . 0.24 3.88 -1.21
C30 B2R C . -1.12 3.94 -1.12
O37 B2R C . -1.76 4.80 -0.56
N29 B2R C . -1.58 3.28 -2.22
C13 B2R C . -2.90 2.89 -2.52
C14 B2R C . -3.71 2.43 -1.45
C15 B2R C . -4.81 1.66 -1.72
C20 B2R C . -5.11 1.42 -3.04
C16 B2R C . -6.24 0.67 -3.35
C17 B2R C . -6.47 0.40 -4.70
C18 B2R C . -5.55 0.89 -5.66
C22 B2R C . -5.80 0.63 -7.13
N19 B2R C . -4.46 1.60 -5.35
C21 B2R C . -4.27 1.87 -4.05
N12 B2R C . -3.20 2.63 -3.81
H1 B2R C . 3.17 -5.62 -4.56
H2 B2R C . 4.60 -3.67 -3.86
H3 B2R C . 5.03 -1.87 -2.22
H4 B2R C . 4.07 -0.47 -0.36
H5 B2R C . -0.21 -5.88 -3.95
H6 B2R C . 1.21 -6.88 -4.34
H7 B2R C . 0.48 -6.94 -2.71
H8 B2R C . 0.75 -1.04 0.90
H9 B2R C . 1.06 3.09 2.17
H10 B2R C . 2.22 2.27 3.22
H11 B2R C . 2.72 2.69 0.22
H12 B2R C . 3.90 2.17 1.45
H13 B2R C . 2.64 4.70 2.18
H14 B2R C . 4.31 4.26 2.16
H30 B2R C . 3.31 4.29 -0.55
H16 B2R C . 2.81 6.91 0.87
H17 B2R C . 2.90 6.80 -0.84
H18 B2R C . 1.05 5.01 0.78
H19 B2R C . 0.60 6.62 0.22
H20 B2R C . 1.76 5.08 -1.98
H21 B2R C . 0.18 5.86 -1.89
H22 B2R C . -0.98 3.22 -3.04
H23 B2R C . -3.47 2.62 -0.42
H24 B2R C . -5.42 1.27 -0.93
H25 B2R C . -6.90 0.33 -2.54
H26 B2R C . -7.33 -0.16 -4.99
H27 B2R C . -5.94 1.58 -7.67
H28 B2R C . -4.95 0.10 -7.58
H29 B2R C . -6.70 0.03 -7.26
C6 B2R D . -2.57 -1.82 -6.96
N1 B2R D . -1.46 -0.15 -3.41
C2 B2R D . -2.23 -0.33 -2.32
C5 B2R D . -3.41 -2.07 -5.86
C4 B2R D . -3.76 -1.79 -3.47
C3 B2R D . -3.40 -1.10 -2.32
C9 B2R D . -3.02 -1.53 -4.63
C7 B2R D . -1.39 -1.10 -6.76
C11 B2R D . -0.48 -0.83 -7.94
N8 B2R D . -1.01 -0.61 -5.56
C10 B2R D . -1.84 -0.80 -4.53
N23 B2R D . -1.66 -0.04 -1.05
C24 B2R D . -2.29 0.09 0.17
O36 B2R D . -3.45 -0.23 0.35
O25 B2R D . -1.66 1.10 0.82
C26 B2R D . -1.68 0.97 2.26
C27 B2R D . -3.07 1.36 2.83
C28 B2R D . -3.22 0.95 4.31
N35 B2R D . -3.64 -0.50 4.39
C34 B2R D . -2.96 -1.24 5.53
C33 B2R D . -1.77 -2.03 4.96
C32 B2R D . -0.65 -2.20 6.02
O31 B2R D . 0.37 -3.05 5.51
C30 B2R D . 1.49 -2.40 5.11
O37 B2R D . 2.35 -1.97 5.85
N29 B2R D . 1.76 -2.87 3.85
C13 B2R D . 2.99 -3.24 3.31
C14 B2R D . 4.01 -2.31 3.48
C15 B2R D . 5.11 -2.38 2.63
C20 B2R D . 5.14 -3.38 1.65
C16 B2R D . 6.21 -3.52 0.76
C17 B2R D . 6.13 -4.56 -0.19
C18 B2R D . 4.98 -5.36 -0.22
C22 B2R D . 4.88 -6.49 -1.22
N19 B2R D . 3.93 -5.20 0.61
C21 B2R D . 4.05 -4.26 1.56
N12 B2R D . 3.00 -4.21 2.37
H1 B2R D . -2.85 -2.17 -7.95
H2 B2R D . -4.31 -2.66 -5.96
H3 B2R D . -4.59 -2.48 -3.47
H4 B2R D . -4.01 -1.18 -1.44
H5 B2R D . -0.87 -1.30 -8.84
H6 B2R D . 0.52 -1.23 -7.75
H7 B2R D . -0.39 0.25 -8.12
H8 B2R D . -0.67 0.17 -1.11
H9 B2R D . -0.92 1.60 2.71
H10 B2R D . -1.45 -0.07 2.54
H11 B2R D . -3.22 2.44 2.74
H12 B2R D . -3.86 0.86 2.24
H13 B2R D . -2.27 1.17 4.80
H14 B2R D . -3.92 1.65 4.77
H30 B2R D . -4.67 -0.55 4.53
H16 B2R D . -2.59 -0.61 6.32
H17 B2R D . -3.61 -1.97 6.04
H18 B2R D . -2.09 -3.01 4.62
H19 B2R D . -1.35 -1.48 4.10
H20 B2R D . -1.09 -2.63 6.93
H21 B2R D . -0.23 -1.22 6.28
H22 B2R D . 1.01 -3.24 3.31
H23 B2R D . 3.95 -1.53 4.22
H24 B2R D . 5.90 -1.67 2.76
H25 B2R D . 7.08 -2.87 0.78
H26 B2R D . 6.95 -4.75 -0.87
H27 B2R D . 5.04 -7.46 -0.72
H28 B2R D . 3.89 -6.51 -1.69
H29 B2R D . 5.63 -6.38 -2.01
C6 B2R C . 2.45 -3.93 -3.85
N1 B2R C . 1.64 -2.02 -0.34
C2 B2R C . 2.48 -1.06 0.12
C5 B2R C . 3.40 -3.00 -3.41
C4 B2R C . 3.99 -1.31 -1.74
C3 B2R C . 3.65 -0.66 -0.56
C9 B2R C . 3.13 -2.30 -2.23
C7 B2R C . 1.28 -4.09 -3.11
C11 B2R C . 0.24 -5.09 -3.57
N8 B2R C . 1.00 -3.41 -1.97
C10 B2R C . 1.93 -2.54 -1.55
N23 B2R C . 2.00 -0.22 1.13
C24 B2R C . 2.70 0.71 1.87
O36 B2R C . 3.82 0.52 2.27
O25 B2R C . 1.75 1.45 2.50
C26 B2R C . 2.28 2.61 3.16
C27 B2R C . 2.90 3.57 2.14
C28 B2R C . 3.52 4.82 2.81
N35 B2R C . 2.47 5.92 2.83
C34 B2R C . 2.65 6.91 1.70
C33 B2R C . 1.84 6.44 0.48
C32 B2R C . 0.34 6.27 0.81
O31 B2R C . -0.19 5.12 0.14
C30 B2R C . -1.54 4.96 0.29
O37 B2R C . -2.27 5.74 0.87
N29 B2R C . -1.94 4.22 -0.79
C13 B2R C . -3.23 3.76 -1.12
C14 B2R C . -4.12 3.50 -0.07
C15 B2R C . -5.21 2.69 -0.30
C20 B2R C . -5.43 2.25 -1.58
C16 B2R C . -6.54 1.48 -1.85
C17 B2R C . -6.66 0.97 -3.15
C18 B2R C . -5.65 1.28 -4.09
C22 B2R C . -5.78 0.78 -5.51
N19 B2R C . -4.56 2.01 -3.81
C21 B2R C . -4.49 2.51 -2.56
N12 B2R C . -3.42 3.31 -2.38
H1 B2R C . 2.64 -4.53 -4.74
H2 B2R C . 4.31 -2.79 -3.98
H3 B2R C . 4.91 -1.07 -2.27
H4 B2R C . 4.25 0.16 -0.18
H5 B2R C . 0.06 -5.85 -2.79
H6 B2R C . -0.71 -4.60 -3.79
H7 B2R C . 0.58 -5.61 -4.48
H8 B2R C . 1.04 -0.41 1.37
H9 B2R C . 1.49 3.13 3.72
H10 B2R C . 3.05 2.31 3.89
H11 B2R C . 2.12 3.89 1.43
H12 B2R C . 3.68 3.05 1.58
H13 B2R C . 3.87 4.51 3.79
H14 B2R C . 4.43 5.06 2.26
H30 B2R C . 2.56 6.43 3.72
H16 B2R C . 2.33 7.94 1.93
H17 B2R C . 3.69 7.04 1.36
H18 B2R C . 1.93 7.17 -0.33
H19 B2R C . 2.24 5.49 0.12
H20 B2R C . -0.21 7.17 0.51
H21 B2R C . 0.22 6.17 1.90
H22 B2R C . -1.29 4.10 -1.55
H23 B2R C . -3.96 3.87 0.92
H24 B2R C . -5.89 2.44 0.51
H25 B2R C . -7.27 1.28 -1.07
H26 B2R C . -7.52 0.37 -3.43
H27 B2R C . -6.24 1.52 -6.15
H28 B2R C . -4.79 0.53 -5.93
H29 B2R C . -6.39 -0.14 -5.54
C6 B2R D . -3.42 -1.79 -5.05
N1 B2R D . -1.95 0.38 -1.93
C2 B2R D . -2.64 0.47 -0.78
C5 B2R D . -4.20 -1.75 -3.89
C4 B2R D . -4.39 -0.99 -1.58
C3 B2R D . -3.88 -0.17 -0.57
C9 B2R D . -3.70 -1.04 -2.79
C7 B2R D . -2.16 -1.17 -5.04
C11 B2R D . -1.29 -1.21 -6.28
N8 B2R D . -1.66 -0.50 -3.97
C10 B2R D . -2.44 -0.43 -2.89
N23 B2R D . -1.96 0.92 0.37
C24 B2R D . -2.48 1.28 1.59
O36 B2R D . -3.67 1.48 1.78
O25 B2R D . -1.48 1.92 2.24
C26 B2R D . -1.40 1.59 3.63
C27 B2R D . -2.48 2.37 4.44
C28 B2R D . -2.42 2.03 5.94
N35 B2R D . -2.90 0.61 6.13
C34 B2R D . -1.93 -0.25 6.94
C33 B2R D . -0.83 -0.76 5.98
C32 B2R D . 0.14 -1.72 6.68
O31 B2R D . 0.79 -2.56 5.72
C30 B2R D . 2.11 -2.29 5.56
O37 B2R D . 2.96 -2.42 6.42
N29 B2R D . 2.36 -2.49 4.23
C13 B2R D . 3.58 -2.72 3.61
C14 B2R D . 4.59 -1.83 3.93
C15 B2R D . 5.68 -1.72 3.07
C20 B2R D . 5.68 -2.49 1.90
C16 B2R D . 6.72 -2.41 0.96
C17 B2R D . 6.64 -3.25 -0.17
C18 B2R D . 5.50 -4.04 -0.33
C22 B2R D . 5.40 -4.96 -1.53
N19 B2R D . 4.48 -4.07 0.54
C21 B2R D . 4.61 -3.33 1.66
N12 B2R D . 3.57 -3.47 2.49
H1 B2R D . -3.78 -2.29 -5.95
H2 B2R D . -5.16 -2.24 -3.84
H3 B2R D . -5.30 -1.56 -1.42
H4 B2R D . -4.41 -0.04 0.36
H5 B2R D . -1.14 -0.20 -6.68
H6 B2R D . -1.77 -1.82 -7.06
H7 B2R D . -0.31 -1.65 -6.05
H8 B2R D . -0.97 1.00 0.21
H9 B2R D . -0.41 1.84 4.02
H10 B2R D . -1.56 0.51 3.77
H11 B2R D . -2.32 3.44 4.30
H12 B2R D . -3.47 2.12 4.05
H13 B2R D . -1.40 2.22 6.28
H14 B2R D . -3.01 2.78 6.45
H30 B2R D . -3.81 0.63 6.65
H16 B2R D . -1.43 0.28 7.75
H17 B2R D . -2.37 -1.11 7.42
H18 B2R D . -1.30 -1.28 5.14
H19 B2R D . -0.27 0.10 5.58
H20 B2R D . -0.41 -2.33 7.41
H21 B2R D . 0.89 -1.13 7.25
H22 B2R D . 1.59 -2.72 3.63
H23 B2R D . 4.54 -1.22 4.83
H24 B2R D . 6.48 -1.05 3.31
H25 B2R D . 7.56 -1.74 1.08
H26 B2R D . 7.44 -3.27 -0.90
H27 B2R D . 5.66 -6.00 -1.26
H28 B2R D . 4.38 -4.96 -1.93
H29 B2R D . 6.08 -4.64 -2.32
C6 B2R C . 2.62 -4.23 -3.88
N1 B2R C . 1.56 -2.17 -0.53
C2 B2R C . 2.34 -1.16 -0.09
C5 B2R C . 3.50 -3.22 -3.47
C4 B2R C . 3.94 -1.44 -1.88
C3 B2R C . 3.50 -0.73 -0.75
C9 B2R C . 3.14 -2.49 -2.33
C7 B2R C . 1.42 -4.42 -3.19
C11 B2R C . 0.46 -5.50 -3.64
N8 B2R C . 1.06 -3.69 -2.11
C10 B2R C . 1.92 -2.74 -1.70
N23 B2R C . 1.79 -0.29 0.86
C24 B2R C . 2.42 0.73 1.53
O36 B2R C . 3.47 0.59 2.11
O25 B2R C . 1.43 1.59 1.90
C26 B2R C . 1.72 2.95 1.55
C27 B2R C . 1.46 3.88 2.74
C28 B2R C . 2.47 5.04 2.78
N35 B2R C . 1.71 6.34 2.96
C34 B2R C . 1.83 7.26 1.76
C33 B2R C . 1.25 6.56 0.52
C32 B2R C . -0.26 6.29 0.67
O31 B2R C . -0.66 5.26 -0.25
C30 B2R C . -1.87 4.71 0.06
O37 B2R C . -2.68 5.17 0.84
N29 B2R C . -2.22 4.00 -1.06
C13 B2R C . -3.50 3.52 -1.43
C14 B2R C . -4.43 3.21 -0.43
C15 B2R C . -5.51 2.40 -0.73
C20 B2R C . -5.65 1.97 -2.03
C16 B2R C . -6.73 1.20 -2.36
C17 B2R C . -6.79 0.72 -3.68
C18 B2R C . -5.75 1.07 -4.56
C22 B2R C . -5.81 0.58 -6.00
N19 B2R C . -4.69 1.81 -4.22
C21 B2R C . -4.67 2.27 -2.96
N12 B2R C . -3.64 3.09 -2.71
H1 B2R C . 2.89 -4.88 -4.71
H2 B2R C . 4.41 -3.00 -4.01
H3 B2R C . 4.87 -1.18 -2.37
H4 B2R C . 4.06 0.13 -0.38
H5 B2R C . 0.87 -6.04 -4.50
H6 B2R C . 0.28 -6.22 -2.82
H7 B2R C . -0.50 -5.06 -3.93
H8 B2R C . 0.84 -0.52 1.10
H9 B2R C . 2.77 3.04 1.24
H10 B2R C . 1.10 3.25 0.71
H11 B2R C . 1.53 3.31 3.68
H12 B2R C . 0.44 4.28 2.67
H13 B2R C . 3.19 4.82 3.56
H14 B2R C . 3.06 4.98 1.86
H30 B2R C . 2.10 6.83 3.79
H16 B2R C . 1.30 8.22 1.86
H17 B2R C . 2.86 7.56 1.52
H18 B2R C . 1.42 7.17 -0.36
H19 B2R C . 1.77 5.60 0.37
H20 B2R C . -0.81 7.21 0.47
H21 B2R C . -0.48 5.99 1.70
H22 B2R C . -1.56 3.93 -1.81
H23 B2R C . -4.33 3.56 0.57
H24 B2R C . -6.23 2.12 0.03
H25 B2R C . -7.49 0.98 -1.61
H26 B2R C . -7.63 0.11 -4.00
H27 B2R C . -4.80 0.33 -6.36
H28 B2R C . -6.44 -0.32 -6.08
H29 B2R C . -6.23 1.36 -6.65
C6 B2R D . -3.34 -2.09 -5.51
N1 B2R D . -2.02 0.14 -2.37
C2 B2R D . -2.75 0.23 -1.25
C5 B2R D . -4.16 -2.05 -4.38
C4 B2R D . -4.41 -1.31 -2.08
C3 B2R D . -3.96 -0.44 -1.07
C9 B2R D . -3.70 -1.32 -3.28
C7 B2R D . -2.10 -1.43 -5.47
C11 B2R D . -1.19 -1.47 -6.68
N8 B2R D . -1.65 -0.75 -4.39
C10 B2R D . -2.47 -0.68 -3.34
N23 B2R D . -2.12 0.69 -0.08
C24 B2R D . -2.68 1.05 1.12
O36 B2R D . -3.88 1.16 1.29
O25 B2R D . -1.74 1.79 1.75
C26 B2R D . -2.27 2.64 2.78
C27 B2R D . -2.69 1.80 4.00
C28 B2R D . -2.63 2.61 5.31
N35 B2R D . -1.18 2.97 5.58
C34 B2R D . -0.52 2.02 6.56
C33 B2R D . 0.36 1.02 5.77
C32 B2R D . 0.32 -0.38 6.39
O31 B2R D . 0.52 -1.37 5.38
C30 B2R D . 1.76 -1.94 5.42
O37 B2R D . 2.25 -2.47 6.39
N29 B2R D . 2.02 -2.34 4.14
C13 B2R D . 3.24 -2.62 3.55
C14 B2R D . 4.24 -1.68 3.83
C15 B2R D . 5.33 -1.61 2.98
C20 B2R D . 5.39 -2.47 1.88
C16 B2R D . 6.44 -2.45 0.96
C17 B2R D . 6.39 -3.36 -0.10
C18 B2R D . 5.27 -4.19 -0.23
C22 B2R D . 5.20 -5.20 -1.37
N19 B2R D . 4.23 -4.17 0.62
C21 B2R D . 4.32 -3.36 1.68
N12 B2R D . 3.27 -3.45 2.49
H1 B2R D . -3.66 -2.60 -6.42
H2 B2R D . -5.11 -2.57 -4.35
H3 B2R D . -5.28 -1.93 -1.93
H4 B2R D . -4.53 -0.32 -0.16
H5 B2R D . -1.64 -2.06 -7.48
H6 B2R D . -0.22 -1.91 -6.43
H7 B2R D . -1.01 -0.45 -7.05
H8 B2R D . -1.12 0.78 -0.21
H9 B2R D . -3.15 3.19 2.41
H10 B2R D . -1.53 3.38 3.08
H11 B2R D . -3.71 1.42 3.86
H12 B2R D . -2.03 0.93 4.09
H13 B2R D . -3.30 3.47 5.18
H14 B2R D . -3.11 2.01 6.08
H30 B2R D . -0.67 2.93 4.69
H16 B2R D . 0.12 2.50 7.30
H17 B2R D . -1.22 1.43 7.17
H18 B2R D . 0.01 0.98 4.73
H19 B2R D . 1.39 1.39 5.77
H20 B2R D . -0.66 -0.54 6.88
H21 B2R D . 1.09 -0.46 7.17
H22 B2R D . 1.26 -2.62 3.56
H23 B2R D . 4.14 -1.02 4.67
H24 B2R D . 6.10 -0.90 3.19
H25 B2R D . 7.27 -1.76 1.05
H26 B2R D . 7.22 -3.42 -0.81
H27 B2R D . 5.93 -4.93 -2.14
H28 B2R D . 5.44 -6.20 -1.00
H29 B2R D . 4.21 -5.22 -1.81
C6 B2R C . 2.98 -4.68 -3.95
N1 B2R C . 1.84 -2.61 -0.64
C2 B2R C . 2.59 -1.58 -0.20
C5 B2R C . 3.81 -3.64 -3.53
C4 B2R C . 4.24 -1.89 -1.92
C3 B2R C . 3.77 -1.16 -0.84
C9 B2R C . 3.45 -2.94 -2.38
C7 B2R C . 1.77 -4.88 -3.28
C11 B2R C . 0.84 -5.99 -3.73
N8 B2R C . 1.37 -4.15 -2.21
C10 B2R C . 2.22 -3.18 -1.78
N23 B2R C . 2.02 -0.69 0.73
C24 B2R C . 2.66 0.24 1.51
O36 B2R C . 3.86 0.23 1.69
O25 B2R C . 1.74 0.67 2.41
C26 B2R C . 2.15 1.83 3.13
C27 B2R C . 2.54 2.96 2.16
C28 B2R C . 2.12 4.34 2.69
N35 B2R C . 3.15 5.37 2.23
C34 B2R C . 3.24 5.47 0.71
C33 B2R C . 1.92 6.05 0.18
C32 B2R C . 1.01 4.95 -0.42
O31 B2R C . -0.31 5.43 -0.61
C30 B2R C . -1.27 4.56 -0.19
O37 B2R C . -1.97 4.73 0.79
N29 B2R C . -1.70 3.90 -1.32
C13 B2R C . -2.97 3.38 -1.62
C14 B2R C . -3.77 2.91 -0.56
C15 B2R C . -4.82 2.06 -0.84
C20 B2R C . -5.09 1.77 -2.17
C16 B2R C . -6.17 0.97 -2.48
C17 B2R C . -6.34 0.65 -3.84
C18 B2R C . -5.41 1.15 -4.77
C22 B2R C . -5.60 0.83 -6.25
N19 B2R C . -4.36 1.93 -4.45
C21 B2R C . -4.23 2.24 -3.16
N12 B2R C . -3.22 3.09 -2.92
H1 B2R C . 3.27 -5.33 -4.77
H2 B2R C . 4.69 -3.36 -4.08
H3 B2R C . 5.20 -1.66 -2.38
H4 B2R C . 4.31 -0.28 -0.50
H5 B2R C . 1.28 -6.55 -4.56
H6 B2R C . 0.64 -6.69 -2.90
H7 B2R C . -0.11 -5.58 -4.07
H8 B2R C . 1.06 -0.92 0.94
H9 B2R C . 1.34 2.17 3.79
H10 B2R C . 3.01 1.60 3.77
H11 B2R C . 2.05 2.78 1.19
H12 B2R C . 3.62 2.95 2.00
H13 B2R C . 1.10 4.53 2.33
H14 B2R C . 2.01 4.25 3.77
H30 B2R C . 4.07 5.07 2.59
H16 B2R C . 4.04 6.11 0.35
H17 B2R C . 3.40 4.52 0.21
H18 B2R C . 1.38 6.55 0.98
H19 B2R C . 2.13 6.79 -0.60
H20 B2R C . 1.01 4.09 0.25
H21 B2R C . 1.44 4.61 -1.38
H22 B2R C . -1.11 3.95 -2.14
H23 B2R C . -3.58 3.14 0.45
H24 B2R C . -5.43 1.66 -0.05
H25 B2R C . -6.83 0.61 -1.71
H26 B2R C . -7.17 0.03 -4.15
H27 B2R C . -4.64 0.89 -6.77
H28 B2R C . -6.01 -0.19 -6.37
H29 B2R C . -6.29 1.54 -6.71
C6 B2R D . -2.74 -1.34 -6.44
N1 B2R D . -1.25 0.35 -3.06
C2 B2R D . -1.90 0.21 -1.89
C5 B2R D . -3.48 -1.53 -5.26
C4 B2R D . -3.62 -1.16 -2.88
C3 B2R D . -3.10 -0.51 -1.76
C9 B2R D . -2.96 -0.98 -4.09
C7 B2R D . -1.52 -0.66 -6.37
C11 B2R D . -0.71 -0.45 -7.63
N8 B2R D . -1.01 -0.16 -5.23
C10 B2R D . -1.75 -0.30 -4.11
N23 B2R D . -1.20 0.51 -0.70
C24 B2R D . -1.70 0.68 0.58
O36 B2R D . -2.89 0.61 0.83
O25 B2R D . -0.83 1.48 1.24
C26 B2R D . -1.39 2.08 2.43
C27 B2R D . -1.78 0.98 3.45
C28 B2R D . -3.27 1.07 3.84
N35 B2R D . -3.72 -0.30 4.33
C34 B2R D . -2.96 -0.77 5.55
C33 B2R D . -2.07 -1.96 5.13
C32 B2R D . -0.70 -1.92 5.82
O31 B2R D . 0.16 -2.91 5.26
C30 B2R D . 1.42 -2.47 5.02
O37 B2R D . 2.25 -2.27 5.88
N29 B2R D . 1.74 -2.89 3.76
C13 B2R D . 2.99 -3.20 3.25
C14 B2R D . 3.98 -2.25 3.47
C15 B2R D . 5.10 -2.26 2.68
C20 B2R D . 5.21 -3.22 1.67
C16 B2R D . 6.33 -3.31 0.82
C17 B2R D . 6.32 -4.31 -0.15
C18 B2R D . 5.20 -5.15 -0.26
C22 B2R D . 5.19 -6.25 -1.30
N19 B2R D . 4.11 -5.03 0.53
C21 B2R D . 4.16 -4.12 1.51
N12 B2R D . 3.07 -4.13 2.28
H1 B2R D . -3.12 -1.71 -7.38
H2 B2R D . -4.41 -2.09 -5.26
H3 B2R D . -4.52 -1.76 -2.80
H4 B2R D . -3.60 -0.58 -0.80
H5 B2R D . 0.30 -0.89 -7.52
H6 B2R D . -0.59 0.62 -7.84
H7 B2R D . -1.20 -0.93 -8.49
H8 B2R D . -0.22 0.70 -0.86
H9 B2R D . -2.27 2.67 2.17
H10 B2R D . -0.66 2.76 2.88
H11 B2R D . -1.57 0.00 3.02
H12 B2R D . -1.16 1.09 4.36
H13 B2R D . -3.38 1.87 4.58
H14 B2R D . -3.82 1.44 2.97
H30 B2R D . -4.73 -0.25 4.59
H16 B2R D . -2.29 -0.02 5.99
H17 B2R D . -3.57 -1.10 6.38
H18 B2R D . -2.58 -2.90 5.39
H19 B2R D . -1.93 -1.94 4.04
H20 B2R D . -0.83 -2.09 6.90
H21 B2R D . -0.26 -0.92 5.70
H22 B2R D . 1.01 -3.26 3.18
H23 B2R D . 3.85 -1.49 4.24
H24 B2R D . 5.88 -1.53 2.86
H25 B2R D . 7.17 -2.62 0.91
H26 B2R D . 7.18 -4.45 -0.80
H27 B2R D . 4.32 -6.13 -1.97
H28 B2R D . 6.11 -6.21 -1.90
H29 B2R D . 5.12 -7.23 -0.81
C6 B2R C . 2.71 -5.04 -4.17
N1 B2R C . 1.69 -2.77 -0.94
C2 B2R C . 2.44 -1.72 -0.60
C5 B2R C . 3.53 -3.96 -3.86
C4 B2R C . 4.03 -2.11 -2.37
C3 B2R C . 3.60 -1.33 -1.30
C9 B2R C . 3.23 -3.20 -2.74
C7 B2R C . 1.53 -5.22 -3.40
C11 B2R C . 0.62 -6.38 -3.73
N8 B2R C . 1.17 -4.42 -2.39
C10 B2R C . 2.03 -3.42 -2.06
N23 B2R C . 1.90 -0.79 0.30
C24 B2R C . 2.58 0.12 1.08
O36 B2R C . 3.78 0.15 1.16
O25 B2R C . 1.71 0.44 2.08
C26 B2R C . 2.19 1.50 2.93
C27 B2R C . 1.97 2.86 2.24
C28 B2R C . 2.62 4.01 3.05
N35 B2R C . 2.05 5.32 2.54
C34 B2R C . 2.64 5.75 1.22
C33 B2R C . 1.50 6.19 0.30
C32 B2R C . 0.76 4.99 -0.33
O31 B2R C . -0.59 5.32 -0.63
C30 B2R C . -1.47 4.35 -0.31
O37 B2R C . -2.20 4.35 0.66
N29 B2R C . -1.82 3.78 -1.52
C13 B2R C . -3.08 3.30 -1.92
C14 B2R C . -3.93 2.76 -0.95
C15 B2R C . -4.99 1.95 -1.34
C20 B2R C . -5.16 1.74 -2.69
C16 B2R C . -6.23 0.99 -3.12
C17 B2R C . -6.33 0.75 -4.49
C18 B2R C . -5.35 1.30 -5.35
C22 B2R C . -5.45 1.08 -6.84
N19 B2R C . -4.31 2.03 -4.91
C21 B2R C . -4.25 2.27 -3.60
N12 B2R C . -3.25 3.08 -3.24
H1 B2R C . 2.97 -5.74 -4.95
H2 B2R C . 4.38 -3.70 -4.47
H3 B2R C . 4.96 -1.91 -2.88
H4 B2R C . 4.15 -0.44 -1.03
H5 B2R C . 0.45 -7.00 -2.84
H6 B2R C . -0.36 -6.01 -4.08
H7 B2R C . 1.05 -7.01 -4.51
H8 B2R C . 0.94 -1.00 0.53
H9 B2R C . 1.66 1.49 3.89
H10 B2R C . 3.26 1.37 3.14
H11 B2R C . 0.90 3.05 2.15
H12 B2R C . 2.40 2.83 1.24
H13 B2R C . 2.45 3.80 4.10
H14 B2R C . 3.70 3.91 2.93
H30 B2R C . 2.26 6.06 3.24
H16 B2R C . 3.35 6.57 1.27
H17 B2R C . 3.19 4.96 0.69
H18 B2R C . 0.78 6.79 0.87
H19 B2R C . 1.90 6.83 -0.51
H20 B2R C . 0.81 4.14 0.37
H21 B2R C . 1.29 4.68 -1.24
H22 B2R C . -1.19 3.88 -2.28
H23 B2R C . -3.80 2.92 0.10
H24 B2R C . -5.65 1.52 -0.61
H25 B2R C . -6.95 0.60 -2.40
H26 B2R C . -7.15 0.16 -4.88
H27 B2R C . -6.10 0.23 -7.06
H28 B2R C . -5.85 1.97 -7.34
H29 B2R C . -4.46 0.86 -7.26
C6 B2R D . -2.71 -1.57 -6.87
N1 B2R D . -1.42 0.16 -3.42
C2 B2R D . -2.12 0.01 -2.27
C5 B2R D . -3.50 -1.77 -5.74
C4 B2R D . -3.75 -1.42 -3.33
C3 B2R D . -3.31 -0.73 -2.20
C9 B2R D . -3.06 -1.21 -4.52
C7 B2R D . -1.50 -0.87 -6.72
C11 B2R D . -0.62 -0.64 -7.94
N8 B2R D . -1.06 -0.35 -5.56
C10 B2R D . -1.85 -0.51 -4.49
N23 B2R D . -1.48 0.31 -1.07
C24 B2R D . -2.03 0.48 0.19
O36 B2R D . -3.22 0.38 0.40
O25 B2R D . -1.18 1.29 0.87
C26 B2R D . -1.70 1.73 2.14
C27 B2R D . -1.65 0.57 3.15
C28 B2R D . -2.78 0.69 4.20
N35 B2R D . -3.11 -0.71 4.71
C34 B2R D . -2.72 -0.92 6.16
C33 B2R D . -1.19 -0.82 6.28
C32 B2R D . -0.48 -1.97 5.56
O31 B2R D . 0.57 -1.46 4.74
C30 B2R D . 1.75 -2.13 4.86
O37 B2R D . 2.16 -2.65 5.89
N29 B2R D . 2.02 -2.63 3.63
C13 B2R D . 3.25 -2.96 3.08
C14 B2R D . 4.24 -2.01 3.27
C15 B2R D . 5.33 -2.02 2.43
C20 B2R D . 5.40 -2.99 1.42
C16 B2R D . 6.47 -3.06 0.52
C17 B2R D . 6.41 -4.07 -0.46
C18 B2R D . 5.28 -4.91 -0.51
C22 B2R D . 5.23 -6.01 -1.54
N19 B2R D . 4.24 -4.79 0.32
C21 B2R D . 4.34 -3.89 1.30
N12 B2R D . 3.28 -3.89 2.12
H1 B2R D . -3.02 -1.94 -7.83
H2 B2R D . -4.42 -2.34 -5.78
H3 B2R D . -4.62 -2.07 -3.29
H4 B2R D . -3.88 -0.79 -1.28
H5 B2R D . -0.51 0.43 -8.15
H6 B2R D . -1.06 -1.12 -8.83
H7 B2R D . 0.38 -1.08 -7.79
H8 B2R D . -0.50 0.51 -1.19
H9 B2R D . -2.74 2.07 2.02
H10 B2R D . -1.12 2.58 2.52
H11 B2R D . -1.74 -0.38 2.63
H12 B2R D . -0.69 0.59 3.67
H13 B2R D . -2.44 1.38 4.97
H14 B2R D . -3.62 1.21 3.72
H30 B2R D . -4.15 -0.85 4.62
H16 B2R D . -3.16 -0.20 6.86
H17 B2R D . -3.02 -1.88 6.57
H18 B2R D . -0.85 0.14 5.87
H19 B2R D . -0.92 -0.83 7.35
H20 B2R D . -1.21 -2.52 4.94
H21 B2R D . -0.08 -2.68 6.30
H22 B2R D . 1.27 -2.95 3.06
H23 B2R D . 4.15 -1.25 4.04
H24 B2R D . 6.11 -1.29 2.57
H25 B2R D . 7.30 -2.36 0.56
H26 B2R D . 7.24 -4.21 -1.15
H27 B2R D . 5.53 -6.97 -1.10
H28 B2R D . 4.20 -6.13 -1.93
H29 B2R D . 5.89 -5.80 -2.38
C6 B2R C . 2.94 -4.73 -4.23
N1 B2R C . 1.94 -2.53 -0.95
C2 B2R C . 2.71 -1.50 -0.57
C5 B2R C . 3.79 -3.67 -3.88
C4 B2R C . 4.29 -1.87 -2.35
C3 B2R C . 3.87 -1.11 -1.26
C9 B2R C . 3.47 -2.93 -2.75
C7 B2R C . 1.76 -4.90 -3.49
C11 B2R C . 0.82 -6.03 -3.86
N8 B2R C . 1.40 -4.12 -2.44
C10 B2R C . 2.26 -3.15 -2.09
N23 B2R C . 2.19 -0.60 0.36
C24 B2R C . 2.87 0.32 1.13
O36 B2R C . 4.08 0.31 1.26
O25 B2R C . 1.99 0.72 2.09
C26 B2R C . 2.49 1.79 2.91
C27 B2R C . 2.53 3.11 2.10
C28 B2R C . 2.95 4.30 2.98
N35 B2R C . 1.93 5.41 2.82
C34 B2R C . 2.39 6.48 1.84
C33 B2R C . 1.79 6.14 0.46
C32 B2R C . 0.26 6.19 0.47
O31 B2R C . -0.27 5.31 -0.52
C30 B2R C . -1.40 4.66 -0.13
O37 B2R C . -2.16 5.03 0.74
N29 B2R C . -1.81 3.96 -1.24
C13 B2R C . -3.10 3.49 -1.56
C14 B2R C . -3.95 3.11 -0.50
C15 B2R C . -5.03 2.28 -0.76
C20 B2R C . -5.26 1.92 -2.07
C16 B2R C . -6.35 1.14 -2.37
C17 B2R C . -6.50 0.74 -3.69
C18 B2R C . -5.55 1.15 -4.64
C22 B2R C . -5.71 0.76 -6.09
N19 B2R C . -4.49 1.92 -4.33
C21 B2R C . -4.37 2.31 -3.05
N12 B2R C . -3.33 3.13 -2.84
H1 B2R C . 3.19 -5.41 -5.03
H2 B2R C . 4.64 -3.43 -4.48
H3 B2R C . 5.23 -1.66 -2.85
H4 B2R C . 4.43 -0.22 -0.97
H5 B2R C . 0.62 -6.67 -2.99
H6 B2R C . -0.14 -5.63 -4.22
H7 B2R C . 1.25 -6.65 -4.66
H8 B2R C . 1.23 -0.81 0.60
H9 B2R C . 1.84 1.92 3.79
H10 B2R C . 3.49 1.55 3.27
H11 B2R C . 1.53 3.31 1.68
H12 B2R C . 3.23 3.00 1.27
H13 B2R C . 3.07 3.92 4.00
H14 B2R C . 3.97 4.57 2.68
H30 B2R C . 1.79 5.85 3.74
H16 B2R C . 2.08 7.49 2.09
H17 B2R C . 3.47 6.56 1.71
H18 B2R C . 2.17 6.87 -0.28
H19 B2R C . 2.13 5.15 0.16
H20 B2R C . -0.09 7.22 0.29
H21 B2R C . -0.11 5.90 1.47
H22 B2R C . -1.20 3.94 -2.04
H23 B2R C . -3.79 3.39 0.51
H24 B2R C . -5.69 1.95 0.03
H25 B2R C . -7.05 0.86 -1.57
H26 B2R C . -7.35 0.14 -3.99
H27 B2R C . -4.74 0.51 -6.53
H28 B2R C . -6.37 -0.11 -6.18
H29 B2R C . -6.15 1.58 -6.67
C6 B2R D . -3.21 -1.92 -5.87
N1 B2R D . -1.65 0.13 -2.74
C2 B2R D . -2.30 0.16 -1.56
C5 B2R D . -3.94 -1.96 -4.68
C4 B2R D . -4.04 -1.32 -2.33
C3 B2R D . -3.50 -0.51 -1.32
C9 B2R D . -3.40 -1.29 -3.57
C7 B2R D . -1.96 -1.27 -5.88
C11 B2R D . -1.16 -1.23 -7.17
N8 B2R D . -1.44 -0.65 -4.81
C10 B2R D . -2.17 -0.64 -3.69
N23 B2R D . -1.57 0.57 -0.42
C24 B2R D . -2.01 0.71 0.87
O36 B2R D . -3.12 1.08 1.17
O25 B2R D . -0.89 0.95 1.61
C26 B2R D . -1.00 0.49 2.96
C27 B2R D . -1.44 1.64 3.89
C28 B2R D . -2.25 1.14 5.09
N35 B2R D . -1.68 1.77 6.35
C34 B2R D . -1.11 0.75 7.31
C33 B2R D . 0.12 0.08 6.66
C32 B2R D . -0.15 -1.38 6.29
O31 B2R D . 0.42 -1.70 5.01
C30 B2R D . 1.75 -1.97 5.04
O37 B2R D . 2.36 -2.32 6.03
N29 B2R D . 2.07 -2.38 3.78
C13 B2R D . 3.33 -2.67 3.27
C14 B2R D . 4.31 -1.73 3.56
C15 B2R D . 5.44 -1.69 2.76
C20 B2R D . 5.54 -2.61 1.70
C16 B2R D . 6.65 -2.62 0.83
C17 B2R D . 6.64 -3.57 -0.19
C18 B2R D . 5.52 -4.40 -0.34
C22 B2R D . 5.50 -5.45 -1.44
N19 B2R D . 4.44 -4.35 0.45
C21 B2R D . 4.49 -3.49 1.49
N12 B2R D . 3.40 -3.54 2.26
H1 B2R D . -3.60 -2.39 -6.77
H2 B2R D . -4.88 -2.48 -4.61
H3 B2R D . -4.91 -1.93 -2.16
H4 B2R D . -4.00 -0.43 -0.35
H5 B2R D . -1.01 -0.20 -7.50
H6 B2R D . -1.68 -1.78 -7.97
H7 B2R D . -0.18 -1.70 -7.01
H8 B2R D . -0.60 0.70 -0.62
H9 B2R D . -0.04 0.10 3.31
H10 B2R D . -1.74 -0.32 3.03
H11 B2R D . -0.56 2.18 4.24
H12 B2R D . -2.05 2.35 3.31
H13 B2R D . -3.30 1.36 4.90
H14 B2R D . -2.20 0.04 5.07
H30 B2R D . -0.93 2.42 6.07
H16 B2R D . -0.79 1.15 8.27
H17 B2R D . -1.80 -0.06 7.58
H18 B2R D . 0.40 0.64 5.76
H19 B2R D . 0.97 0.14 7.35
H20 B2R D . -1.23 -1.57 6.28
H21 B2R D . 0.27 -2.04 7.06
H22 B2R D . 1.34 -2.72 3.19
H23 B2R D . 4.18 -1.02 4.37
H24 B2R D . 6.21 -0.97 2.98
H25 B2R D . 7.48 -1.93 0.95
H26 B2R D . 7.50 -3.66 -0.86
H27 B2R D . 5.81 -6.42 -1.04
H28 B2R D . 4.50 -5.55 -1.86
H29 B2R D . 6.20 -5.17 -2.24
C6 B2R C . 2.80 -4.95 -4.23
N1 B2R C . 1.77 -2.72 -0.98
C2 B2R C . 2.51 -1.65 -0.65
C5 B2R C . 3.62 -3.87 -3.92
C4 B2R C . 4.07 -1.99 -2.44
C3 B2R C . 3.64 -1.22 -1.37
C9 B2R C . 3.29 -3.09 -2.81
C7 B2R C . 1.63 -5.15 -3.47
C11 B2R C . 0.73 -6.32 -3.80
N8 B2R C . 1.27 -4.36 -2.44
C10 B2R C . 2.10 -3.35 -2.13
N23 B2R C . 1.96 -0.75 0.28
C24 B2R C . 2.62 0.20 1.03
O36 B2R C . 3.84 0.23 1.13
O25 B2R C . 1.75 0.58 2.00
C26 B2R C . 2.23 1.68 2.79
C27 B2R C . 2.09 3.00 2.00
C28 B2R C . 2.71 4.18 2.76
N35 B2R C . 1.87 5.42 2.50
C34 B2R C . 2.47 6.31 1.43
C33 B2R C . 2.06 5.77 0.05
C32 B2R C . 0.53 5.75 -0.13
O31 B2R C . 0.11 4.48 -0.64
C30 B2R C . -1.24 4.27 -0.51
O37 B2R C . -1.98 4.90 0.21
N29 B2R C . -1.63 3.75 -1.71
C13 B2R C . -2.92 3.30 -2.09
C14 B2R C . -3.76 2.82 -1.09
C15 B2R C . -4.84 2.03 -1.44
C20 B2R C . -5.06 1.81 -2.77
C16 B2R C . -6.16 1.07 -3.16
C17 B2R C . -6.29 0.80 -4.52
C18 B2R C . -5.33 1.32 -5.42
C22 B2R C . -5.47 1.07 -6.90
N19 B2R C . -4.25 2.03 -5.02
C21 B2R C . -4.17 2.29 -3.71
N12 B2R C . -3.12 3.08 -3.40
H1 B2R C . 3.07 -5.64 -5.02
H2 B2R C . 4.48 -3.60 -4.53
H3 B2R C . 4.99 -1.75 -2.97
H4 B2R C . 4.15 -0.30 -1.11
H5 B2R C . -0.25 -5.96 -4.15
H6 B2R C . 1.17 -6.94 -4.59
H7 B2R C . 0.57 -6.94 -2.91
H8 B2R C . 1.02 -0.99 0.54
H9 B2R C . 1.65 1.75 3.72
H10 B2R C . 3.28 1.52 3.07
H11 B2R C . 1.03 3.20 1.81
H12 B2R C . 2.60 2.88 1.03
H13 B2R C . 2.79 3.89 3.81
H14 B2R C . 3.76 4.27 2.43
H30 B2R C . 1.80 5.95 3.38
H16 B2R C . 2.15 7.36 1.48
H17 B2R C . 3.56 6.38 1.45
H18 B2R C . 2.51 6.39 -0.73
H19 B2R C . 2.45 4.75 -0.07
H20 B2R C . 0.24 6.55 -0.83
H21 B2R C . 0.05 5.97 0.83
H22 B2R C . -1.00 3.80 -2.49
H23 B2R C . -3.59 2.99 -0.04
H24 B2R C . -5.49 1.62 -0.68
H25 B2R C . -6.86 0.71 -2.41
H26 B2R C . -7.14 0.24 -4.88
H27 B2R C . -6.10 0.18 -7.08
H28 B2R C . -5.94 1.93 -7.39
H29 B2R C . -4.49 0.91 -7.37
C6 B2R D . -2.61 -1.48 -6.95
N1 B2R D . -1.33 0.22 -3.49
C2 B2R D . -2.05 0.07 -2.36
C5 B2R D . -3.41 -1.68 -5.83
C4 B2R D . -3.68 -1.35 -3.44
C3 B2R D . -3.24 -0.67 -2.29
C9 B2R D . -2.98 -1.13 -4.62
C7 B2R D . -1.40 -0.78 -6.81
C11 B2R D . -0.52 -0.57 -8.02
N8 B2R D . -0.97 -0.28 -5.64
C10 B2R D . -1.76 -0.44 -4.57
N23 B2R D . -1.42 0.35 -1.13
C24 B2R D . -1.98 0.48 0.12
O36 B2R D . -3.16 0.36 0.33
O25 B2R D . -1.16 1.31 0.81
C26 B2R D . -1.30 1.17 2.24
C27 B2R D . -2.51 1.98 2.76
C28 B2R D . -2.70 1.85 4.28
N35 B2R D . -3.39 0.52 4.56
C34 B2R D . -2.62 -0.33 5.57
C33 B2R D . -1.35 -0.86 4.90
C32 B2R D . -0.56 -1.80 5.84
O31 B2R D . 0.23 -2.72 5.07
C30 B2R D . 1.50 -2.30 4.86
O37 B2R D . 2.35 -2.13 5.72
N29 B2R D . 1.82 -2.72 3.58
C13 B2R D . 3.07 -3.01 3.07
C14 B2R D . 4.04 -2.04 3.24
C15 B2R D . 5.15 -2.05 2.41
C20 B2R D . 5.23 -3.04 1.42
C16 B2R D . 6.31 -3.12 0.53
C17 B2R D . 6.29 -4.14 -0.43
C18 B2R D . 5.18 -5.00 -0.47
C22 B2R D . 5.14 -6.13 -1.49
N19 B2R D . 4.13 -4.90 0.36
C21 B2R D . 4.19 -3.96 1.31
N12 B2R D . 3.13 -3.97 2.12
H1 B2R D . -2.93 -1.84 -7.93
H2 B2R D . -4.34 -2.25 -5.89
H3 B2R D . -4.54 -2.00 -3.39
H4 B2R D . -3.81 -0.75 -1.37
H5 B2R D . -0.95 -1.04 -8.91
H6 B2R D . 0.47 -0.99 -7.85
H7 B2R D . -0.42 0.51 -8.22
H8 B2R D . -0.42 0.51 -1.23
H9 B2R D . -0.39 1.52 2.74
H10 B2R D . -1.43 0.11 2.51
H11 B2R D . -2.36 3.05 2.50
H12 B2R D . -3.42 1.65 2.25
H13 B2R D . -1.71 1.96 4.74
H14 B2R D . -3.24 2.73 4.62
H30 B2R D . -4.32 0.72 4.95
H16 B2R D . -2.32 0.20 6.47
H17 B2R D . -3.18 -1.19 5.94
H18 B2R D . -1.62 -1.41 3.99
H19 B2R D . -0.71 -0.03 4.61
H20 B2R D . -1.26 -2.35 6.48
H21 B2R D . 0.09 -1.19 6.49
H22 B2R D . 1.09 -3.11 3.02
H23 B2R D . 3.92 -1.27 4.00
H24 B2R D . 5.91 -1.30 2.54
H25 B2R D . 7.14 -2.39 0.55
H26 B2R D . 7.12 -4.27 -1.12
H27 B2R D . 4.19 -6.14 -2.02
H28 B2R D . 5.95 -6.01 -2.22
H29 B2R D . 5.28 -7.10 -0.98
C6 B2R C . 2.31 -3.78 -3.64
N1 B2R C . 1.59 -1.93 -0.07
C2 B2R C . 2.45 -1.03 0.41
C5 B2R C . 3.28 -2.88 -3.18
C4 B2R C . 3.94 -1.27 -1.48
C3 B2R C . 3.62 -0.64 -0.27
C9 B2R C . 3.04 -2.22 -1.97
C7 B2R C . 1.13 -3.93 -2.88
C11 B2R C . 0.06 -4.89 -3.35
N8 B2R C . 0.88 -3.27 -1.73
C10 B2R C . 1.84 -2.44 -1.29
N23 B2R C . 2.00 -0.18 1.44
C24 B2R C . 2.73 0.71 2.18
O36 B2R C . 3.84 0.46 2.60
O25 B2R C . 1.82 1.51 2.80
C26 B2R C . 2.41 2.68 3.39
C27 B2R C . 1.98 3.94 2.61
C28 B2R C . 3.13 4.97 2.52
N35 B2R C . 2.53 6.36 2.62
C34 B2R C . 2.57 7.10 1.29
C33 B2R C . 1.64 6.37 0.30
C32 B2R C . 0.18 6.35 0.76
O31 B2R C . -0.42 5.09 0.48
C30 B2R C . -1.78 5.10 0.50
O37 B2R C . -2.47 5.99 0.98
N29 B2R C . -2.17 4.35 -0.57
C13 B2R C . -3.46 3.89 -0.90
C14 B2R C . -4.37 3.71 0.14
C15 B2R C . -5.46 2.87 -0.04
C20 B2R C . -5.64 2.33 -1.29
C16 B2R C . -6.74 1.53 -1.54
C17 B2R C . -6.83 0.95 -2.82
C18 B2R C . -5.81 1.21 -3.75
C22 B2R C . -5.89 0.60 -5.14
N19 B2R C . -4.72 1.97 -3.49
C21 B2R C . -4.68 2.54 -2.29
N12 B2R C . -3.62 3.34 -2.12
H1 B2R C . 2.46 -4.36 -4.54
H2 B2R C . 4.18 -2.69 -3.76
H3 B2R C . 4.86 -1.04 -2.01
H4 B2R C . 4.26 0.14 0.14
H5 B2R C . 0.36 -5.36 -4.30
H6 B2R C . -0.10 -5.68 -2.61
H7 B2R C . -0.89 -4.37 -3.52
H8 B2R C . 1.03 -0.34 1.67
H9 B2R C . 2.09 2.77 4.43
H10 B2R C . 3.50 2.60 3.38
H11 B2R C . 1.12 4.39 3.12
H12 B2R C . 1.68 3.65 1.60
H13 B2R C . 3.84 4.73 3.31
H14 B2R C . 3.67 4.76 1.60
H30 B2R C . 3.08 6.90 3.31
H16 B2R C . 2.23 8.14 1.34
H17 B2R C . 3.56 7.16 0.83
H18 B2R C . 1.70 6.87 -0.68
H19 B2R C . 1.99 5.34 0.16
H20 B2R C . -0.38 7.16 0.25
H21 B2R C . 0.14 6.56 1.84
H22 B2R C . -1.49 4.16 -1.30
H23 B2R C . -4.25 4.16 1.10
H24 B2R C . -6.14 2.67 0.78
H25 B2R C . -7.49 1.37 -0.78
H26 B2R C . -7.67 0.33 -3.06
H27 B2R C . -6.37 1.32 -5.83
H28 B2R C . -4.89 0.38 -5.52
H29 B2R C . -6.48 -0.32 -5.12
C6 B2R D . -3.27 -1.67 -4.56
N1 B2R D . -1.90 0.55 -1.44
C2 B2R D . -2.65 0.70 -0.33
C5 B2R D . -4.10 -1.59 -3.43
C4 B2R D . -4.39 -0.75 -1.16
C3 B2R D . -3.91 0.09 -0.16
C9 B2R D . -3.64 -0.85 -2.34
C7 B2R D . -2.01 -1.07 -4.51
C11 B2R D . -1.09 -1.15 -5.72
N8 B2R D . -1.54 -0.37 -3.44
C10 B2R D . -2.38 -0.26 -2.39
N23 B2R D . -2.02 1.15 0.84
C24 B2R D . -2.58 1.45 2.06
O36 B2R D . -3.64 2.04 2.17
O25 B2R D . -1.56 1.53 2.94
C26 B2R D . -1.98 1.42 4.30
C27 B2R D . -0.83 0.89 5.18
C28 B2R D . -1.22 0.86 6.66
N35 B2R D . -0.06 1.35 7.48
C34 B2R D . 0.56 0.26 8.33
C33 B2R D . 1.43 -0.63 7.44
C32 B2R D . 0.72 -1.93 7.03
O31 B2R D . 1.04 -2.28 5.69
C30 B2R D . 2.33 -2.66 5.52
O37 B2R D . 2.99 -3.31 6.31
N29 B2R D . 2.53 -2.73 4.17
C13 B2R D . 3.71 -2.94 3.50
C14 B2R D . 4.72 -2.05 3.83
C15 B2R D . 5.77 -1.88 2.95
C20 B2R D . 5.77 -2.62 1.76
C16 B2R D . 6.81 -2.51 0.81
C17 B2R D . 6.69 -3.30 -0.35
C18 B2R D . 5.56 -4.09 -0.52
C22 B2R D . 5.43 -4.96 -1.76
N19 B2R D . 4.55 -4.15 0.36
C21 B2R D . 4.69 -3.47 1.51
N12 B2R D . 3.68 -3.64 2.35
H1 B2R D . -3.61 -2.18 -5.46
H2 B2R D . -5.07 -2.09 -3.41
H3 B2R D . -5.32 -1.29 -1.04
H4 B2R D . -4.48 0.26 0.74
H5 B2R D . -1.54 -1.80 -6.49
H6 B2R D . -0.12 -1.56 -5.44
H7 B2R D . -0.94 -0.16 -6.15
H8 B2R D . -1.02 1.21 0.74
H9 B2R D . -2.83 0.74 4.37
H10 B2R D . -2.30 2.40 4.67
H11 B2R D . -0.56 -0.12 4.85
H12 B2R D . 0.04 1.53 5.04
H13 B2R D . -2.14 1.46 6.77
H14 B2R D . -1.55 -0.16 6.89
H30 B2R D . 0.67 1.71 6.84
H16 B2R D . 1.18 0.62 9.16
H17 B2R D . -0.17 -0.39 8.83
H18 B2R D . 1.71 -0.07 6.54
H19 B2R D . 2.36 -0.89 7.97
H20 B2R D . -0.37 -1.80 7.13
H21 B2R D . 1.00 -2.73 7.72
H22 B2R D . 1.73 -2.91 3.59
H23 B2R D . 4.68 -1.48 4.75
H24 B2R D . 6.56 -1.21 3.21
H25 B2R D . 7.65 -1.85 0.96
H26 B2R D . 7.49 -3.29 -1.09
H27 B2R D . 4.38 -5.06 -2.05
H28 B2R D . 5.98 -4.51 -2.60
H29 B2R D . 5.83 -5.96 -1.57
C6 B2R C . 2.78 -4.76 -4.20
N1 B2R C . 1.91 -2.61 -0.85
C2 B2R C . 2.74 -1.62 -0.47
C5 B2R C . 3.67 -3.74 -3.85
C4 B2R C . 4.28 -2.02 -2.26
C3 B2R C . 3.91 -1.27 -1.16
C9 B2R C . 3.42 -3.04 -2.67
C7 B2R C . 1.61 -4.92 -3.44
C11 B2R C . 0.63 -6.01 -3.81
N8 B2R C . 1.31 -4.16 -2.36
C10 B2R C . 2.21 -3.23 -2.00
N23 B2R C . 2.26 -0.68 0.47
C24 B2R C . 2.97 0.30 1.10
O36 B2R C . 4.08 0.13 1.54
O25 B2R C . 2.06 1.16 1.60
C26 B2R C . 2.60 2.46 1.87
C27 B2R C . 1.82 3.54 1.13
C28 B2R C . 2.65 4.83 0.94
N35 B2R C . 2.48 5.70 2.17
C34 B2R C . 1.68 6.96 1.88
C33 B2R C . 0.20 6.57 1.65
C32 B2R C . -0.14 6.48 0.14
O31 B2R C . -0.23 5.12 -0.28
C30 B2R C . -1.42 4.53 -0.01
O37 B2R C . -2.24 4.94 0.79
N29 B2R C . -1.77 3.86 -1.15
C13 B2R C . -3.03 3.36 -1.52
C14 B2R C . -3.84 2.84 -0.50
C15 B2R C . -4.89 2.00 -0.83
C20 B2R C . -5.13 1.76 -2.17
C16 B2R C . -6.19 0.97 -2.54
C17 B2R C . -6.33 0.69 -3.91
C18 B2R C . -5.38 1.23 -4.81
C22 B2R C . -5.53 0.95 -6.29
N19 B2R C . -4.34 1.99 -4.43
C21 B2R C . -4.24 2.26 -3.13
N12 B2R C . -3.23 3.10 -2.83
H1 B2R C . 2.99 -5.42 -5.03
H2 B2R C . 4.52 -3.49 -4.46
H3 B2R C . 5.22 -1.84 -2.78
H4 B2R C . 4.50 -0.41 -0.84
H5 B2R C . 0.44 -6.66 -2.95
H6 B2R C . -0.32 -5.58 -4.14
H7 B2R C . 1.03 -6.63 -4.63
H8 B2R C . 1.31 -0.85 0.74
H9 B2R C . 2.56 2.66 2.96
H10 B2R C . 3.65 2.49 1.59
H11 B2R C . 0.91 3.78 1.68
H12 B2R C . 1.53 3.15 0.14
H13 B2R C . 3.68 4.52 0.74
H14 B2R C . 2.33 5.28 0.00
H30 B2R C . 3.42 5.98 2.50
H16 B2R C . 1.69 7.71 2.67
H17 B2R C . 2.01 7.51 0.99
H18 B2R C . 0.00 5.61 2.12
H19 B2R C . -0.44 7.32 2.12
H20 B2R C . 0.62 7.02 -0.44
H21 B2R C . -1.09 7.01 -0.04
H22 B2R C . -1.13 3.89 -1.94
H23 B2R C . -3.67 3.04 0.52
H24 B2R C . -5.52 1.56 -0.07
H25 B2R C . -6.87 0.59 -1.79
H26 B2R C . -7.16 0.08 -4.26
H27 B2R C . -6.10 0.04 -6.46
H28 B2R C . -6.05 1.78 -6.78
H29 B2R C . -4.54 0.84 -6.76
C6 B2R D . -2.90 -1.59 -6.46
N1 B2R D . -1.40 0.18 -3.11
C2 B2R D . -2.04 0.05 -1.93
C5 B2R D . -3.63 -1.75 -5.28
C4 B2R D . -3.76 -1.36 -2.88
C3 B2R D . -3.23 -0.67 -1.77
C9 B2R D . -3.12 -1.19 -4.11
C7 B2R D . -1.67 -0.89 -6.41
C11 B2R D . -0.87 -0.68 -7.68
N8 B2R D . -1.17 -0.36 -5.27
C10 B2R D . -1.90 -0.49 -4.16
N23 B2R D . -1.32 0.35 -0.77
C24 B2R D . -1.79 0.59 0.50
O36 B2R D . -2.94 0.44 0.82
O25 B2R D . -0.95 1.53 1.04
C26 B2R D . -0.92 1.52 2.47
C27 B2R D . -2.09 2.36 3.04
C28 B2R D . -2.28 2.11 4.55
N35 B2R D . -3.13 0.86 4.74
C34 B2R D . -2.58 -0.06 5.81
C33 B2R D . -1.91 -1.26 5.13
C32 B2R D . -0.54 -1.59 5.76
O31 B2R D . 0.09 -2.66 5.03
C30 B2R D . 1.43 -2.53 4.94
O37 B2R D . 2.22 -2.60 5.87
N29 B2R D . 1.76 -2.94 3.67
C13 B2R D . 3.00 -3.26 3.16
C14 B2R D . 4.00 -2.31 3.39
C15 B2R D . 5.11 -2.30 2.58
C20 B2R D . 5.20 -3.26 1.56
C16 B2R D . 6.30 -3.33 0.69
C17 B2R D . 6.28 -4.32 -0.30
C18 B2R D . 5.15 -5.16 -0.40
C22 B2R D . 5.12 -6.24 -1.46
N19 B2R D . 4.08 -5.06 0.40
C21 B2R D . 4.15 -4.16 1.40
N12 B2R D . 3.06 -4.17 2.19
H1 B2R D . -3.27 -1.96 -7.41
H2 B2R D . -4.56 -2.32 -5.28
H3 B2R D . -4.64 -1.97 -2.78
H4 B2R D . -3.73 -0.71 -0.82
H5 B2R D . -0.78 0.38 -7.91
H6 B2R D . -1.35 -1.18 -8.52
H7 B2R D . 0.14 -1.10 -7.55
H8 B2R D . -0.34 0.51 -0.96
H9 B2R D . 0.03 1.94 2.83
H10 B2R D . -0.99 0.50 2.84
H11 B2R D . -1.90 3.42 2.87
H12 B2R D . -3.02 2.09 2.51
H13 B2R D . -1.29 2.05 4.99
H14 B2R D . -2.71 3.03 4.97
H30 B2R D . -4.08 1.15 5.02
H16 B2R D . -1.83 0.40 6.46
H17 B2R D . -3.32 -0.45 6.50
H18 B2R D . -2.57 -2.14 5.22
H19 B2R D . -1.77 -1.05 4.06
H20 B2R D . -0.68 -1.86 6.81
H21 B2R D . 0.09 -0.69 5.72
H22 B2R D . 1.03 -3.25 3.08
H23 B2R D . 3.88 -1.56 4.17
H24 B2R D . 5.88 -1.58 2.76
H25 B2R D . 7.14 -2.64 0.76
H26 B2R D . 7.12 -4.46 -0.98
H27 B2R D . 4.17 -6.19 -2.03
H28 B2R D . 5.95 -6.13 -2.15
H29 B2R D . 5.17 -7.23 -0.99
C6 B2R C . 2.46 -4.34 -3.92
N1 B2R C . 1.65 -2.26 -0.51
C2 B2R C . 2.46 -1.26 -0.12
C5 B2R C . 3.38 -3.36 -3.54
C4 B2R C . 3.97 -1.59 -1.97
C3 B2R C . 3.61 -0.88 -0.83
C9 B2R C . 3.11 -2.62 -2.39
C7 B2R C . 1.28 -4.48 -3.16
C11 B2R C . 0.26 -5.53 -3.56
N8 B2R C . 1.01 -3.76 -2.06
C10 B2R C . 1.92 -2.83 -1.70
N23 B2R C . 1.98 -0.37 0.85
C24 B2R C . 2.66 0.60 1.53
O36 B2R C . 3.82 0.46 1.90
O25 B2R C . 1.72 1.33 2.19
C26 B2R C . 2.25 2.46 2.89
C27 B2R C . 2.85 3.46 1.89
C28 B2R C . 3.28 4.78 2.59
N35 B2R C . 3.16 5.90 1.57
C34 B2R C . 2.03 6.86 1.89
C33 B2R C . 0.69 6.09 1.85
C32 B2R C . 0.30 5.70 0.41
O31 B2R C . -0.38 4.44 0.40
C30 B2R C . -1.73 4.53 0.31
O37 B2R C . -2.42 5.39 0.84
N29 B2R C . -2.06 3.97 -0.90
C13 B2R C . -3.31 3.51 -1.34
C14 B2R C . -4.23 3.08 -0.38
C15 B2R C . -5.29 2.28 -0.76
C20 B2R C . -5.42 1.99 -2.11
C16 B2R C . -6.49 1.24 -2.53
C17 B2R C . -6.53 0.90 -3.90
C18 B2R C . -5.49 1.37 -4.73
C22 B2R C . -5.53 1.04 -6.21
N19 B2R C . -4.45 2.09 -4.30
C21 B2R C . -4.44 2.41 -3.00
N12 B2R C . -3.43 3.21 -2.65
H1 B2R C . 2.65 -4.99 -4.77
H2 B2R C . 4.26 -3.17 -4.13
H3 B2R C . 4.88 -1.38 -2.51
H4 B2R C . 4.21 -0.03 -0.51
H5 B2R C . 0.62 -6.08 -4.44
H6 B2R C . 0.11 -6.25 -2.74
H7 B2R C . -0.70 -5.07 -3.79
H8 B2R C . 1.02 -0.58 1.12
H9 B2R C . 1.45 2.96 3.46
H10 B2R C . 3.01 2.15 3.60
H11 B2R C . 2.12 3.69 1.11
H12 B2R C . 3.73 3.01 1.42
H13 B2R C . 2.65 4.90 3.47
H14 B2R C . 4.28 4.62 2.99
H30 B2R C . 2.99 5.48 0.64
H16 B2R C . 2.09 7.34 2.86
H17 B2R C . 1.94 7.70 1.19
H18 B2R C . 0.78 5.18 2.45
H19 B2R C . -0.10 6.71 2.29
H20 B2R C . 1.19 5.66 -0.22
H21 B2R C . -0.35 6.48 -0.01
H22 B2R C . -1.36 3.97 -1.63
H23 B2R C . -4.12 3.32 0.65
H24 B2R C . -5.98 1.91 -0.04
H25 B2R C . -7.25 0.92 -1.81
H26 B2R C . -7.35 0.32 -4.30
H27 B2R C . -5.90 1.90 -6.78
H28 B2R C . -4.53 0.80 -6.57
H29 B2R C . -6.20 0.19 -6.41
C6 B2R D . -2.91 -1.44 -6.14
N1 B2R D . -1.66 0.34 -2.70
C2 B2R D . -2.42 0.25 -1.58
C5 B2R D . -3.74 -1.59 -5.03
C4 B2R D . -4.04 -1.16 -2.65
C3 B2R D . -3.63 -0.45 -1.52
C9 B2R D . -3.31 -1.00 -3.83
C7 B2R D . -1.70 -0.77 -6.00
C11 B2R D . -0.79 -0.61 -7.21
N8 B2R D . -1.26 -0.23 -4.83
C10 B2R D . -2.09 -0.33 -3.78
N23 B2R D . -1.81 0.54 -0.34
C24 B2R D . -2.40 0.71 0.90
O36 B2R D . -3.60 0.74 1.05
O25 B2R D . -1.51 1.40 1.65
C26 B2R D . -1.51 1.01 3.04
C27 B2R D . -2.77 1.53 3.77
C28 B2R D . -2.81 1.08 5.25
N35 B2R D . -3.16 -0.39 5.29
C34 B2R D . -2.29 -1.16 6.26
C33 B2R D . -0.99 -1.56 5.54
C32 B2R D . -0.03 -2.33 6.45
O31 B2R D . 0.94 -3.02 5.67
C30 B2R D . 2.01 -2.25 5.34
O37 B2R D . 2.87 -1.88 6.10
N29 B2R D . 2.25 -2.52 4.01
C13 B2R D . 3.48 -2.77 3.40
C14 B2R D . 4.49 -1.88 3.68
C15 B2R D . 5.57 -1.80 2.82
C20 B2R D . 5.58 -2.63 1.69
C16 B2R D . 6.62 -2.60 0.76
C17 B2R D . 6.53 -3.47 -0.34
C18 B2R D . 5.40 -4.28 -0.47
C22 B2R D . 5.30 -5.24 -1.64
N19 B2R D . 4.38 -4.27 0.41
C21 B2R D . 4.51 -3.49 1.48
N12 B2R D . 3.47 -3.58 2.32
H1 B2R D . -3.22 -1.83 -7.11
H2 B2R D . -4.67 -2.15 -5.08
H3 B2R D . -4.91 -1.80 -2.61
H4 B2R D . -4.21 -0.46 -0.62
H5 B2R D . -0.66 0.46 -7.45
H6 B2R D . -1.22 -1.11 -8.09
H7 B2R D . 0.19 -1.03 -7.02
H8 B2R D . -0.81 0.66 -0.42
H9 B2R D . -0.61 1.41 3.54
H10 B2R D . -1.46 -0.08 3.13
H11 B2R D . -2.78 2.63 3.72
H12 B2R D . -3.66 1.16 3.26
H13 B2R D . -1.84 1.34 5.68
H14 B2R D . -3.52 1.74 5.76
H30 B2R D . -4.15 -0.49 5.61
H16 B2R D . -2.00 -0.62 7.16
H17 B2R D . -2.73 -2.08 6.65
H18 B2R D . -1.24 -2.18 4.66
H19 B2R D . -0.49 -0.65 5.17
H20 B2R D . -0.61 -3.04 7.06
H21 B2R D . 0.45 -1.63 7.14
H22 B2R D . 1.50 -2.83 3.45
H23 B2R D . 4.44 -1.22 4.54
H24 B2R D . 6.36 -1.13 3.05
H25 B2R D . 7.47 -1.93 0.86
H26 B2R D . 7.34 -3.53 -1.07
H27 B2R D . 4.24 -5.41 -1.90
H28 B2R D . 5.82 -4.84 -2.50
H29 B2R D . 5.74 -6.21 -1.37
C6 B2R C . 2.87 -4.73 -4.20
N1 B2R C . 1.77 -2.60 -0.92
C2 B2R C . 2.49 -1.52 -0.54
C5 B2R C . 3.67 -3.64 -3.85
C4 B2R C . 4.07 -1.80 -2.33
C3 B2R C . 3.61 -1.06 -1.24
C9 B2R C . 3.31 -2.90 -2.73
C7 B2R C . 1.69 -4.96 -3.46
C11 B2R C . 0.79 -6.12 -3.84
N8 B2R C . 1.30 -4.20 -2.41
C10 B2R C . 2.12 -3.19 -2.06
N23 B2R C . 1.90 -0.65 0.40
C24 B2R C . 2.54 0.25 1.20
O36 B2R C . 3.76 0.33 1.28
O25 B2R C . 1.68 0.51 2.22
C26 B2R C . 2.12 1.55 3.11
C27 B2R C . 2.11 2.90 2.38
C28 B2R C . 2.29 4.08 3.36
N35 B2R C . 1.78 5.34 2.69
C34 B2R C . 2.59 5.73 1.47
C33 B2R C . 1.63 6.24 0.39
C32 B2R C . 0.95 5.08 -0.37
O31 B2R C . -0.36 5.47 -0.79
C30 B2R C . -1.32 4.59 -0.43
O37 B2R C . -2.06 4.71 0.53
N29 B2R C . -1.71 3.95 -1.59
C13 B2R C . -2.97 3.47 -1.96
C14 B2R C . -3.83 2.97 -0.95
C15 B2R C . -4.88 2.16 -1.29
C20 B2R C . -5.10 1.91 -2.62
C16 B2R C . -6.17 1.14 -3.01
C17 B2R C . -6.30 0.85 -4.38
C18 B2R C . -5.34 1.37 -5.27
C22 B2R C . -5.47 1.10 -6.76
N19 B2R C . -4.28 2.11 -4.88
C21 B2R C . -4.19 2.39 -3.57
N12 B2R C . -3.17 3.21 -3.26
H1 B2R C . 3.15 -5.40 -5.02
H2 B2R C . 4.54 -3.37 -4.44
H3 B2R C . 4.98 -1.52 -2.84
H4 B2R C . 4.11 -0.15 -0.95
H5 B2R C . -0.19 -5.75 -4.16
H6 B2R C . 1.23 -6.69 -4.66
H7 B2R C . 0.65 -6.79 -2.98
H8 B2R C . 0.95 -0.91 0.63
H9 B2R C . 1.46 1.60 3.99
H10 B2R C . 3.14 1.33 3.46
H11 B2R C . 1.15 3.02 1.85
H12 B2R C . 2.92 2.92 1.64
H13 B2R C . 1.78 3.80 4.28
H14 B2R C . 3.34 4.10 3.64
H30 B2R C . 1.83 6.10 3.37
H16 B2R C . 3.34 6.51 1.65
H17 B2R C . 3.17 4.91 1.03
H18 B2R C . 0.86 6.87 0.86
H19 B2R C . 2.18 6.86 -0.32
H20 B2R C . 0.90 4.20 0.28
H21 B2R C . 1.56 4.82 -1.24
H22 B2R C . -1.07 3.99 -2.38
H23 B2R C . -3.67 3.18 0.08
H24 B2R C . -5.53 1.75 -0.53
H25 B2R C . -6.87 0.78 -2.25
H26 B2R C . -7.13 0.27 -4.73
H27 B2R C . -5.94 1.95 -7.25
H28 B2R C . -4.48 0.94 -7.20
H29 B2R C . -6.07 0.21 -6.92
C6 B2R D . -2.72 -1.40 -6.80
N1 B2R D . -1.34 0.33 -3.39
C2 B2R D . -2.03 0.19 -2.23
C5 B2R D . -3.49 -1.59 -5.65
C4 B2R D . -3.70 -1.21 -3.25
C3 B2R D . -3.23 -0.53 -2.13
C9 B2R D . -3.02 -1.03 -4.46
C7 B2R D . -1.50 -0.72 -6.70
C11 B2R D . -0.64 -0.51 -7.93
N8 B2R D . -1.03 -0.20 -5.54
C10 B2R D . -1.81 -0.34 -4.45
N23 B2R D . -1.35 0.48 -1.04
C24 B2R D . -1.88 0.69 0.22
O36 B2R D . -3.07 0.65 0.45
O25 B2R D . -1.00 1.51 0.87
C26 B2R D . -1.55 2.12 2.05
C27 B2R D . -1.81 1.06 3.13
C28 B2R D . -2.23 1.70 4.46
N35 B2R D . -2.64 0.60 5.41
C34 B2R D . -1.72 0.49 6.62
C33 B2R D . -0.37 -0.11 6.17
C32 B2R D . -0.44 -1.64 6.06
O31 B2R D . 0.10 -2.09 4.80
C30 B2R D . 1.47 -2.15 4.78
O37 B2R D . 2.19 -2.24 5.75
N29 B2R D . 1.78 -2.70 3.57
C13 B2R D . 3.03 -3.00 3.04
C14 B2R D . 3.99 -2.01 3.23
C15 B2R D . 5.10 -2.00 2.39
C20 B2R D . 5.20 -2.99 1.41
C16 B2R D . 6.28 -3.05 0.50
C17 B2R D . 6.26 -4.06 -0.46
C18 B2R D . 5.16 -4.94 -0.51
C22 B2R D . 5.13 -6.05 -1.53
N19 B2R D . 4.10 -4.84 0.32
C21 B2R D . 4.17 -3.92 1.29
N12 B2R D . 3.10 -3.94 2.10
H1 B2R D . -3.06 -1.77 -7.76
H2 B2R D . -4.43 -2.15 -5.68
H3 B2R D . -4.57 -1.85 -3.18
H4 B2R D . -3.76 -0.58 -1.19
H5 B2R D . -0.55 0.56 -8.15
H6 B2R D . -1.11 -1.00 -8.79
H7 B2R D . 0.35 -0.93 -7.78
H8 B2R D . -0.36 0.65 -1.18
H9 B2R D . -2.49 2.63 1.81
H10 B2R D . -0.85 2.88 2.43
H11 B2R D . -2.59 0.37 2.79
H12 B2R D . -0.89 0.48 3.29
H13 B2R D . -1.41 2.33 4.80
H14 B2R D . -3.03 2.42 4.23
H30 B2R D . -3.61 0.79 5.75
H16 B2R D . -1.50 1.45 7.11
H17 B2R D . -2.10 -0.13 7.43
H18 B2R D . -0.10 0.31 5.19
H19 B2R D . 0.40 0.17 6.89
H20 B2R D . -1.48 -1.97 6.15
H21 B2R D . 0.12 -2.10 6.89
H22 B2R D . 1.05 -3.10 3.02
H23 B2R D . 3.88 -1.26 4.00
H24 B2R D . 5.85 -1.25 2.53
H25 B2R D . 7.09 -2.32 0.53
H26 B2R D . 7.09 -4.18 -1.15
H27 B2R D . 5.35 -7.01 -1.05
H28 B2R D . 4.14 -6.11 -2.00
H29 B2R D . 5.87 -5.87 -2.32
C6 B2R C . 2.38 -3.78 -3.84
N1 B2R C . 1.73 -1.96 -0.25
C2 B2R C . 2.62 -1.07 0.22
C5 B2R C . 3.36 -2.87 -3.40
C4 B2R C . 4.08 -1.32 -1.68
C3 B2R C . 3.78 -0.69 -0.47
C9 B2R C . 3.16 -2.25 -2.17
C7 B2R C . 1.22 -3.94 -3.07
C11 B2R C . 0.15 -4.91 -3.52
N8 B2R C . 1.00 -3.28 -1.90
C10 B2R C . 1.97 -2.46 -1.47
N23 B2R C . 2.19 -0.22 1.26
C24 B2R C . 2.95 0.65 2.02
O36 B2R C . 4.13 0.46 2.26
O25 B2R C . 2.07 1.28 2.85
C26 B2R C . 2.65 2.38 3.56
C27 B2R C . 2.34 3.70 2.84
C28 B2R C . 3.50 4.71 2.97
N35 B2R C . 3.01 6.08 2.54
C34 B2R C . 3.17 6.30 1.05
C33 B2R C . 1.80 6.73 0.47
C32 B2R C . 0.77 5.59 0.56
O31 B2R C . -0.50 6.03 0.05
C30 B2R C . -1.54 5.32 0.54
O37 B2R C . -2.32 5.72 1.40
N29 B2R C . -1.92 4.47 -0.48
C13 B2R C . -3.21 3.98 -0.79
C14 B2R C . -4.10 3.72 0.28
C15 B2R C . -5.17 2.89 0.08
C20 B2R C . -5.38 2.40 -1.20
C16 B2R C . -6.47 1.60 -1.47
C17 B2R C . -6.58 1.06 -2.76
C18 B2R C . -5.57 1.38 -3.70
C22 B2R C . -5.70 0.84 -5.11
N19 B2R C . -4.50 2.15 -3.43
C21 B2R C . -4.45 2.67 -2.20
N12 B2R C . -3.40 3.48 -2.02
H1 B2R C . 2.52 -4.35 -4.75
H2 B2R C . 4.23 -2.66 -4.00
H3 B2R C . 5.00 -1.10 -2.22
H4 B2R C . 4.45 0.06 -0.07
H5 B2R C . 0.45 -5.39 -4.46
H6 B2R C . -0.02 -5.68 -2.77
H7 B2R C . -0.80 -4.38 -3.68
H8 B2R C . 1.21 -0.34 1.50
H9 B2R C . 2.26 2.42 4.58
H10 B2R C . 3.74 2.25 3.64
H11 B2R C . 1.44 4.14 3.27
H12 B2R C . 2.15 3.50 1.78
H13 B2R C . 3.87 4.65 4.00
H14 B2R C . 4.34 4.31 2.38
H30 B2R C . 3.57 6.79 3.04
H16 B2R C . 3.89 7.08 0.78
H17 B2R C . 3.50 5.43 0.49
H18 B2R C . 1.43 7.60 1.02
H19 B2R C . 1.93 7.01 -0.58
H20 B2R C . 0.66 5.27 1.60
H21 B2R C . 1.13 4.72 -0.01
H22 B2R C . -1.28 4.32 -1.24
H23 B2R C . -3.96 4.12 1.24
H24 B2R C . -5.84 2.63 0.89
H25 B2R C . -7.21 1.39 -0.68
H26 B2R C . -7.43 0.44 -3.01
H27 B2R C . -6.33 -0.05 -5.13
H28 B2R C . -6.14 1.60 -5.77
H29 B2R C . -4.70 0.58 -5.50
C6 B2R D . -3.23 -1.61 -4.52
N1 B2R D . -1.79 0.60 -1.42
C2 B2R D . -2.50 0.71 -0.28
C5 B2R D . -4.03 -1.53 -3.38
C4 B2R D . -4.26 -0.73 -1.09
C3 B2R D . -3.75 0.10 -0.09
C9 B2R D . -3.54 -0.81 -2.29
C7 B2R D . -1.96 -0.99 -4.50
C11 B2R D . -1.08 -1.07 -5.73
N8 B2R D . -1.47 -0.32 -3.44
C10 B2R D . -2.27 -0.22 -2.36
N23 B2R D . -1.83 1.18 0.87
C24 B2R D . -2.35 1.51 2.09
O36 B2R D . -3.52 1.83 2.25
O25 B2R D . -1.31 2.00 2.82
C26 B2R D . -1.67 2.42 4.14
C27 B2R D . -1.84 1.19 5.06
C28 B2R D . -1.71 1.59 6.54
N35 B2R D . -0.25 1.81 6.86
C34 B2R D . 0.37 0.64 7.61
C33 B2R D . 1.18 -0.21 6.61
C32 B2R D . 0.65 -1.66 6.54
O31 B2R D . 1.04 -2.28 5.31
C30 B2R D . 2.37 -2.51 5.21
O37 B2R D . 3.07 -3.00 6.09
N29 B2R D . 2.61 -2.72 3.89
C13 B2R D . 3.83 -2.93 3.26
C14 B2R D . 4.83 -2.04 3.61
C15 B2R D . 5.91 -1.89 2.77
C20 B2R D . 5.95 -2.66 1.59
C16 B2R D . 7.00 -2.58 0.68
C17 B2R D . 6.94 -3.38 -0.47
C18 B2R D . 5.80 -4.19 -0.65
C22 B2R D . 5.72 -5.08 -1.87
N19 B2R D . 4.76 -4.24 0.19
C21 B2R D . 4.88 -3.52 1.32
N12 B2R D . 3.84 -3.66 2.14
H1 B2R D . -3.58 -2.11 -5.42
H2 B2R D . -5.00 -2.02 -3.34
H3 B2R D . -5.19 -1.27 -0.96
H4 B2R D . -4.30 0.24 0.84
H5 B2R D . -0.93 -0.07 -6.15
H6 B2R D . -1.54 -1.70 -6.49
H7 B2R D . -0.10 -1.49 -5.47
H8 B2R D . -0.84 1.29 0.72
H9 B2R D . -2.62 2.99 4.11
H10 B2R D . -0.91 3.08 4.54
H11 B2R D . -2.82 0.74 4.89
H12 B2R D . -1.07 0.46 4.82
H13 B2R D . -2.36 2.46 6.71
H14 B2R D . -2.19 0.80 7.12
H30 B2R D . 0.26 1.93 5.97
H16 B2R D . 1.06 0.92 8.41
H17 B2R D . -0.35 -0.03 8.10
H18 B2R D . 1.11 0.24 5.61
H19 B2R D . 2.23 -0.23 6.91
H20 B2R D . -0.44 -1.66 6.64
H21 B2R D . 1.04 -2.23 7.40
H22 B2R D . 1.85 -2.95 3.30
H23 B2R D . 4.75 -1.44 4.52
H24 B2R D . 6.68 -1.21 3.02
H25 B2R D . 7.84 -1.90 0.84
H26 B2R D . 7.76 -3.40 -1.19
H27 B2R D . 6.04 -6.10 -1.63
H28 B2R D . 4.69 -5.13 -2.24
H29 B2R D . 6.36 -4.70 -2.68
C6 B2R C . 2.56 -5.14 -4.30
N1 B2R C . 1.70 -2.85 -1.06
C2 B2R C . 2.48 -1.79 -0.76
C5 B2R C . 3.42 -4.07 -4.03
C4 B2R C . 3.98 -2.22 -2.59
C3 B2R C . 3.60 -1.41 -1.52
C9 B2R C . 3.16 -3.29 -2.91
C7 B2R C . 1.42 -5.30 -3.51
C11 B2R C . 0.47 -6.45 -3.78
N8 B2R C . 1.11 -4.49 -2.47
C10 B2R C . 1.98 -3.51 -2.19
N23 B2R C . 1.97 -0.85 0.14
C24 B2R C . 2.66 0.11 0.85
O36 B2R C . 3.87 0.14 0.89
O25 B2R C . 1.83 0.49 1.86
C26 B2R C . 2.32 1.62 2.60
C27 B2R C . 1.79 2.92 1.98
C28 B2R C . 2.51 4.16 2.54
N35 B2R C . 1.72 5.40 2.17
C34 B2R C . 2.41 6.22 1.09
C33 B2R C . 2.07 5.61 -0.28
C32 B2R C . 0.55 5.67 -0.58
O31 B2R C . 0.08 4.39 -1.03
C30 B2R C . -1.26 4.22 -0.87
O37 B2R C . -1.98 4.91 -0.18
N29 B2R C . -1.70 3.62 -2.02
C13 B2R C . -3.00 3.15 -2.33
C14 B2R C . -3.79 2.69 -1.26
C15 B2R C . -4.86 1.87 -1.51
C20 B2R C . -5.16 1.59 -2.82
C16 B2R C . -6.26 0.81 -3.12
C17 B2R C . -6.48 0.49 -4.47
C18 B2R C . -5.57 0.99 -5.43
C22 B2R C . -5.79 0.68 -6.89
N19 B2R C . -4.49 1.74 -5.13
C21 B2R C . -4.32 2.05 -3.83
N12 B2R C . -3.28 2.87 -3.62
H1 B2R C . 2.78 -5.84 -5.10
H2 B2R C . 4.24 -3.83 -4.69
H3 B2R C . 4.90 -2.02 -3.13
H4 B2R C . 4.16 -0.51 -1.28
H5 B2R C . 0.33 -7.06 -2.88
H6 B2R C . -0.51 -6.07 -4.10
H7 B2R C . 0.87 -7.09 -4.58
H8 B2R C . 1.01 -1.05 0.42
H9 B2R C . 2.00 1.55 3.64
H10 B2R C . 3.41 1.64 2.59
H11 B2R C . 0.71 3.01 2.19
H12 B2R C . 1.91 2.89 0.89
H13 B2R C . 2.63 4.00 3.62
H14 B2R C . 3.53 4.13 2.17
H30 B2R C . 1.62 5.98 3.01
H16 B2R C . 2.11 7.27 1.06
H17 B2R C . 3.49 6.25 1.16
H18 B2R C . 2.61 6.14 -1.07
H19 B2R C . 2.39 4.56 -0.31
H20 B2R C . 0.36 6.44 -1.34
H21 B2R C . 0.02 5.97 0.33
H22 B2R C . -1.10 3.64 -2.84
H23 B2R C . -3.56 2.92 -0.24
H24 B2R C . -5.47 1.49 -0.70
H25 B2R C . -6.91 0.47 -2.31
H26 B2R C . -7.33 -0.10 -4.75
H27 B2R C . -6.45 1.45 -7.35
H28 B2R C . -4.85 0.67 -7.44
H29 B2R C . -6.28 -0.29 -7.01
C6 B2R D . -2.73 -1.62 -6.89
N1 B2R D . -1.43 0.10 -3.45
C2 B2R D . -2.12 -0.05 -2.30
C5 B2R D . -3.52 -1.82 -5.76
C4 B2R D . -3.76 -1.48 -3.35
C3 B2R D . -3.31 -0.79 -2.22
C9 B2R D . -3.07 -1.27 -4.55
C7 B2R D . -1.52 -0.91 -6.77
C11 B2R D . -0.65 -0.68 -8.00
N8 B2R D . -1.08 -0.40 -5.60
C10 B2R D . -1.87 -0.56 -4.52
N23 B2R D . -1.47 0.26 -1.10
C24 B2R D . -2.02 0.37 0.17
O36 B2R D . -3.22 0.40 0.37
O25 B2R D . -1.09 1.01 0.93
C26 B2R D . -1.16 0.66 2.32
C27 B2R D . -2.33 1.37 3.01
C28 B2R D . -3.27 0.37 3.71
N35 B2R D . -3.39 0.74 5.17
C34 B2R D . -2.77 -0.29 6.09
C33 B2R D . -1.23 -0.20 5.97
C32 B2R D . -0.63 -1.45 5.29
O31 B2R D . 0.56 -1.10 4.56
C30 B2R D . 1.63 -1.90 4.82
O37 B2R D . 1.90 -2.40 5.90
N29 B2R D . 1.89 -2.54 3.63
C13 B2R D . 3.13 -2.89 3.11
C14 B2R D . 4.13 -1.94 3.27
C15 B2R D . 5.22 -1.98 2.42
C20 B2R D . 5.28 -2.98 1.43
C16 B2R D . 6.34 -3.08 0.53
C17 B2R D . 6.27 -4.11 -0.43
C18 B2R D . 5.14 -4.93 -0.45
C22 B2R D . 5.07 -6.07 -1.46
N19 B2R D . 4.09 -4.81 0.38
C21 B2R D . 4.21 -3.87 1.34
N12 B2R D . 3.15 -3.85 2.16
H1 B2R D . -3.06 -1.97 -7.87
H2 B2R D . -4.44 -2.39 -5.81
H3 B2R D . -4.63 -2.13 -3.31
H4 B2R D . -3.86 -0.87 -1.29
H5 B2R D . -0.54 0.39 -8.18
H6 B2R D . -1.11 -1.15 -8.88
H7 B2R D . 0.34 -1.12 -7.84
H8 B2R D . -0.49 0.47 -1.22
H9 B2R D . -0.22 0.93 2.82
H10 B2R D . -1.27 -0.43 2.44
H11 B2R D . -1.94 2.08 3.75
H12 B2R D . -2.90 1.94 2.26
H13 B2R D . -4.21 0.36 3.15
H14 B2R D . -2.86 -0.64 3.52
H30 B2R D . -2.91 1.64 5.31
H16 B2R D . -3.02 -0.18 7.15
H17 B2R D . -3.04 -1.33 5.86
H18 B2R D . -0.96 0.68 5.39
H19 B2R D . -0.79 -0.10 6.97
H20 B2R D . -1.38 -1.88 4.61
H21 B2R D . -0.41 -2.21 6.05
H22 B2R D . 1.14 -2.87 3.08
H23 B2R D . 4.05 -1.17 4.03
H24 B2R D . 6.00 -1.25 2.54
H25 B2R D . 7.18 -2.39 0.55
H26 B2R D . 7.09 -4.27 -1.12
H27 B2R D . 5.21 -7.03 -0.96
H28 B2R D . 4.08 -6.08 -1.95
H29 B2R D . 5.84 -5.94 -2.23
C6 B2R C . 2.94 -3.38 -4.23
N1 B2R C . 1.90 -1.82 -0.62
C2 B2R C . 2.66 -0.86 -0.05
C5 B2R C . 3.81 -2.44 -3.67
C4 B2R C . 4.25 -0.88 -1.86
C3 B2R C . 3.82 -0.34 -0.64
C9 B2R C . 3.46 -1.88 -2.45
C7 B2R C . 1.75 -3.67 -3.56
C11 B2R C . 0.79 -4.69 -4.15
N8 B2R C . 1.39 -3.11 -2.39
C10 B2R C . 2.25 -2.23 -1.85
N23 B2R C . 2.10 -0.11 1.01
C24 B2R C . 2.70 0.86 1.78
O36 B2R C . 3.84 0.75 2.19
O25 B2R C . 1.68 1.49 2.42
C26 B2R C . 2.09 2.68 3.11
C27 B2R C . 2.63 3.72 2.10
C28 B2R C . 2.95 5.08 2.78
N35 B2R C . 3.07 6.13 1.71
C34 B2R C . 2.02 7.21 1.83
C33 B2R C . 0.97 7.00 0.71
C32 B2R C . -0.23 6.18 1.20
O31 B2R C . -0.95 5.65 0.08
C30 B2R C . -2.01 4.89 0.43
O37 B2R C . -2.84 5.18 1.27
N29 B2R C . -2.29 4.15 -0.69
C13 B2R C . -3.53 3.61 -1.11
C14 B2R C . -4.47 3.26 -0.12
C15 B2R C . -5.49 2.39 -0.45
C20 B2R C . -5.58 1.97 -1.76
C16 B2R C . -6.63 1.16 -2.14
C17 B2R C . -6.63 0.70 -3.46
C18 B2R C . -5.58 1.10 -4.32
C22 B2R C . -5.58 0.64 -5.76
N19 B2R C . -4.56 1.89 -3.93
C21 B2R C . -4.60 2.33 -2.67
N12 B2R C . -3.61 3.19 -2.38
H1 B2R C . 3.19 -3.90 -5.15
H2 B2R C . 4.72 -2.13 -4.19
H3 B2R C . 5.18 -0.55 -2.32
H4 B2R C . 4.37 0.46 -0.18
H5 B2R C . 1.19 -5.09 -5.09
H6 B2R C . 0.64 -5.52 -3.45
H7 B2R C . -0.18 -4.22 -4.35
H8 B2R C . 1.14 -0.35 1.18
H9 B2R C . 1.25 3.11 3.65
H10 B2R C . 2.88 2.45 3.85
H11 B2R C . 1.90 3.87 1.31
H12 B2R C . 3.55 3.33 1.65
H13 B2R C . 2.16 5.25 3.52
H14 B2R C . 3.84 4.92 3.39
H30 B2R C . 2.96 5.68 0.79
H16 B2R C . 1.48 7.22 2.78
H17 B2R C . 2.39 8.24 1.73
H18 B2R C . 0.62 7.98 0.36
H19 B2R C . 1.45 6.49 -0.13
H20 B2R C . -0.88 6.81 1.81
H21 B2R C . 0.13 5.36 1.84
H22 B2R C . -1.60 4.12 -1.43
H23 B2R C . -4.40 3.60 0.88
H24 B2R C . -6.21 2.09 0.30
H25 B2R C . -7.40 0.89 -1.42
H26 B2R C . -7.43 0.07 -3.82
H27 B2R C . -6.33 -0.13 -5.92
H28 B2R C . -5.79 1.48 -6.44
H29 B2R C . -4.60 0.23 -6.03
C6 B2R D . -3.14 -2.01 -5.24
N1 B2R D . -1.87 0.23 -2.08
C2 B2R D . -2.62 0.31 -0.96
C5 B2R D . -3.97 -1.96 -4.11
C4 B2R D . -4.27 -1.21 -1.82
C3 B2R D . -3.83 -0.36 -0.80
C9 B2R D . -3.54 -1.23 -3.01
C7 B2R D . -1.90 -1.34 -5.18
C11 B2R D . -0.98 -1.38 -6.39
N8 B2R D . -1.48 -0.66 -4.10
C10 B2R D . -2.31 -0.59 -3.05
N23 B2R D . -1.98 0.78 0.20
C24 B2R D . -2.54 1.15 1.41
O36 B2R D . -3.75 1.24 1.58
O25 B2R D . -1.61 1.91 2.02
C26 B2R D . -1.94 2.22 3.38
C27 B2R D . -1.75 0.99 4.28
C28 B2R D . -2.20 1.25 5.73
N35 B2R D . -1.54 0.21 6.62
C34 B2R D . -2.15 -1.17 6.44
C33 B2R D . -0.99 -2.19 6.31
C32 B2R D . -0.66 -2.46 4.84
O31 B2R D . 0.55 -3.24 4.75
C30 B2R D . 1.65 -2.49 4.43
O37 B2R D . 2.46 -2.08 5.23
N29 B2R D . 1.96 -2.85 3.14
C13 B2R D . 3.22 -3.07 2.61
C14 B2R D . 4.16 -2.08 2.87
C15 B2R D . 5.28 -2.01 2.06
C20 B2R D . 5.41 -2.93 1.01
C16 B2R D . 6.52 -2.92 0.14
C17 B2R D . 6.53 -3.88 -0.87
C18 B2R D . 5.45 -4.76 -1.01
C22 B2R D . 5.45 -5.81 -2.10
N19 B2R D . 4.37 -4.74 -0.20
C21 B2R D . 4.39 -3.87 0.81
N12 B2R D . 3.32 -3.96 1.61
H1 B2R D . -3.44 -2.52 -6.14
H2 B2R D . -4.92 -2.50 -4.10
H3 B2R D . -5.15 -1.83 -1.70
H4 B2R D . -4.42 -0.25 0.12
H5 B2R D . -1.43 -1.97 -7.20
H6 B2R D . -0.02 -1.83 -6.12
H7 B2R D . -0.80 -0.36 -6.76
H8 B2R D . -0.99 0.90 0.08
H9 B2R D . -2.99 2.57 3.45
H10 B2R D . -1.30 3.04 3.75
H11 B2R D . -2.33 0.15 3.87
H12 B2R D . -0.68 0.70 4.28
H13 B2R D . -1.95 2.28 5.96
H14 B2R D . -3.29 1.24 5.73
H30 B2R D . -0.54 0.16 6.38
H16 B2R D . -2.78 -1.50 7.26
H17 B2R D . -2.78 -1.28 5.56
H18 B2R D . -0.11 -1.81 6.82
H19 B2R D . -1.30 -3.13 6.80
H20 B2R D . -0.54 -1.51 4.30
H21 B2R D . -1.49 -3.00 4.37
H22 B2R D . 1.25 -3.25 2.58
H23 B2R D . 4.01 -1.36 3.66
H24 B2R D . 6.01 -1.26 2.26
H25 B2R D . 7.32 -2.21 0.26
H26 B2R D . 7.38 -3.95 -1.55
H27 B2R D . 5.55 -6.81 -1.66
H28 B2R D . 4.52 -5.76 -2.68
H29 B2R D . 6.30 -5.65 -2.78
C6 B2R C . 2.45 -4.38 -4.62
N1 B2R C . 1.58 -2.56 -1.08
C2 B2R C . 2.33 -1.52 -0.65
C5 B2R C . 3.30 -3.34 -4.22
C4 B2R C . 3.80 -1.62 -2.58
C3 B2R C . 3.43 -1.01 -1.37
C9 B2R C . 3.02 -2.70 -3.02
C7 B2R C . 1.33 -4.67 -3.83
C11 B2R C . 0.39 -5.78 -4.26
N8 B2R C . 1.02 -4.01 -2.70
C10 B2R C . 1.87 -3.04 -2.31
N23 B2R C . 1.82 -0.73 0.39
C24 B2R C . 2.50 0.18 1.16
O36 B2R C . 3.71 0.21 1.26
O25 B2R C . 1.63 0.53 2.15
C26 B2R C . 2.07 1.64 2.92
C27 B2R C . 2.21 2.88 2.03
C28 B2R C . 2.43 4.17 2.85
N35 B2R C . 3.02 5.22 1.95
C34 B2R C . 2.20 6.50 1.90
C33 B2R C . 0.77 6.16 1.39
C32 B2R C . 0.79 5.60 -0.05
O31 B2R C . -0.50 5.75 -0.65
C30 B2R C . -1.42 4.84 -0.21
O37 B2R C . -2.11 4.98 0.78
N29 B2R C . -1.84 4.17 -1.35
C13 B2R C . -3.13 3.70 -1.66
C14 B2R C . -3.96 3.27 -0.62
C15 B2R C . -5.04 2.46 -0.91
C20 B2R C . -5.27 2.14 -2.23
C16 B2R C . -6.36 1.36 -2.57
C17 B2R C . -6.50 1.01 -3.91
C18 B2R C . -5.55 1.49 -4.84
C22 B2R C . -5.70 1.15 -6.31
N19 B2R C . -4.48 2.24 -4.50
C21 B2R C . -4.38 2.58 -3.20
N12 B2R C . -3.35 3.39 -2.95
H1 B2R C . 2.68 -4.96 -5.51
H2 B2R C . 4.15 -3.04 -4.82
H3 B2R C . 4.67 -1.30 -3.13
H4 B2R C . 3.97 -0.14 -1.02
H5 B2R C . -0.60 -5.37 -4.51
H6 B2R C . 0.78 -6.28 -5.15
H7 B2R C . 0.27 -6.51 -3.46
H8 B2R C . 0.88 -1.01 0.66
H9 B2R C . 1.36 1.86 3.73
H10 B2R C . 3.04 1.42 3.39
H11 B2R C . 1.30 3.00 1.42
H12 B2R C . 3.06 2.75 1.35
H13 B2R C . 1.47 4.44 3.31
H14 B2R C . 3.05 3.90 3.71
H30 B2R C . 3.07 4.84 0.99
H16 B2R C . 2.08 7.01 2.86
H17 B2R C . 2.59 7.28 1.24
H18 B2R C . 0.31 5.42 2.05
H19 B2R C . 0.16 7.07 1.41
H20 B2R C . 1.09 4.55 -0.03
H21 B2R C . 1.55 6.14 -0.64
H22 B2R C . -1.22 4.17 -2.14
H23 B2R C . -3.80 3.52 0.39
H24 B2R C . -5.68 2.09 -0.10
H25 B2R C . -7.06 1.03 -1.80
H26 B2R C . -7.34 0.41 -4.23
H27 B2R C . -4.72 0.94 -6.76
H28 B2R C . -6.33 0.26 -6.43
H29 B2R C . -6.16 1.99 -6.84
C6 B2R D . -3.23 -1.41 -6.24
N1 B2R D . -1.64 0.42 -2.96
C2 B2R D . -2.27 0.35 -1.77
C5 B2R D . -3.95 -1.53 -5.04
C4 B2R D . -4.04 -1.04 -2.65
C3 B2R D . -3.49 -0.31 -1.59
C9 B2R D . -3.41 -0.93 -3.90
C7 B2R D . -1.98 -0.76 -6.21
C11 B2R D . -1.19 -0.61 -7.50
N8 B2R D . -1.45 -0.21 -5.11
C10 B2R D . -2.18 -0.29 -3.98
N23 B2R D . -1.53 0.68 -0.63
C24 B2R D . -1.98 0.98 0.63
O36 B2R D . -3.16 1.05 0.91
O25 B2R D . -1.01 1.73 1.21
C26 B2R D . -1.44 2.40 2.41
C27 B2R D . -1.63 1.38 3.55
C28 B2R D . -2.59 1.90 4.63
N35 B2R D . -2.45 1.02 5.85
C34 B2R D . -2.87 -0.42 5.59
C33 B2R D . -1.69 -1.35 5.92
C32 B2R D . -1.00 -1.88 4.64
O31 B2R D . 0.01 -2.83 4.98
C30 B2R D . 1.27 -2.38 4.74
O37 B2R D . 2.10 -2.11 5.60
N29 B2R D . 1.61 -2.88 3.51
C13 B2R D . 2.88 -3.13 3.00
C14 B2R D . 3.82 -2.12 3.19
C15 B2R D . 4.94 -2.09 2.37
C20 B2R D . 5.06 -3.06 1.38
C16 B2R D . 6.15 -3.08 0.49
C17 B2R D . 6.17 -4.10 -0.48
C18 B2R D . 5.09 -4.99 -0.54
C22 B2R D . 5.11 -6.09 -1.57
N19 B2R D . 4.03 -4.93 0.27
C21 B2R D . 4.05 -4.01 1.24
N12 B2R D . 2.98 -4.07 2.04
H1 B2R D . -3.63 -1.81 -7.16
H2 B2R D . -4.89 -2.06 -5.00
H3 B2R D . -4.93 -1.64 -2.52
H4 B2R D . -3.99 -0.30 -0.62
H5 B2R D . -0.20 -1.09 -7.39
H6 B2R D . -1.04 0.44 -7.74
H7 B2R D . -1.72 -1.09 -8.33
H8 B2R D . -0.55 0.83 -0.84
H9 B2R D . -2.38 2.92 2.22
H10 B2R D . -0.70 3.16 2.71
H11 B2R D . -2.02 0.44 3.13
H12 B2R D . -0.65 1.17 4.00
H13 B2R D . -2.36 2.95 4.79
H14 B2R D . -3.60 1.91 4.18
H30 B2R D . -1.46 1.02 6.14
H16 B2R D . -3.73 -0.76 6.18
H17 B2R D . -3.16 -0.63 4.56
H18 B2R D . -0.94 -0.79 6.52
H19 B2R D . -2.04 -2.19 6.51
H20 B2R D . -0.57 -1.04 4.08
H21 B2R D . -1.75 -2.35 4.01
H22 B2R D . 0.91 -3.29 2.95
H23 B2R D . 3.67 -1.37 3.96
H24 B2R D . 5.66 -1.32 2.53
H25 B2R D . 6.95 -2.33 0.54
H26 B2R D . 7.01 -4.20 -1.16
H27 B2R D . 4.21 -6.05 -2.20
H28 B2R D . 5.99 -6.02 -2.22
H29 B2R D . 5.13 -7.08 -1.09
C6 B2R C . 2.45 -4.87 -3.91
N1 B2R C . 1.30 -2.77 -0.62
C2 B2R C . 2.05 -1.73 -0.19
C5 B2R C . 3.28 -3.82 -3.51
C4 B2R C . 3.69 -2.03 -1.92
C3 B2R C . 3.23 -1.31 -0.83
C9 B2R C . 2.91 -3.09 -2.38
C7 B2R C . 1.24 -5.06 -3.23
C11 B2R C . 0.31 -6.18 -3.67
N8 B2R C . 0.84 -4.31 -2.18
C10 B2R C . 1.69 -3.35 -1.77
N23 B2R C . 1.47 -0.85 0.74
C24 B2R C . 2.07 0.20 1.40
O36 B2R C . 3.20 0.15 1.82
O25 B2R C . 1.05 0.89 1.97
C26 B2R C . 1.28 2.30 2.00
C27 B2R C . 2.07 2.69 3.27
C28 B2R C . 2.17 4.21 3.45
N35 B2R C . 2.93 4.80 2.28
C34 B2R C . 2.34 6.09 1.77
C33 B2R C . 1.43 5.76 0.57
C32 B2R C . -0.04 5.59 0.98
O31 B2R C . -0.82 5.18 -0.14
C30 B2R C . -1.94 4.48 0.20
O37 B2R C . -2.73 4.79 1.06
N29 B2R C . -2.31 3.81 -0.95
C13 B2R C . -3.57 3.31 -1.30
C14 B2R C . -4.41 2.84 -0.27
C15 B2R C . -5.48 2.04 -0.58
C20 B2R C . -5.71 1.76 -1.92
C16 B2R C . -6.81 1.03 -2.29
C17 B2R C . -6.95 0.71 -3.64
C18 B2R C . -5.98 1.18 -4.55
C22 B2R C . -6.13 0.87 -6.02
N19 B2R C . -4.91 1.92 -4.18
C21 B2R C . -4.80 2.22 -2.88
N12 B2R C . -3.78 3.04 -2.60
H1 B2R C . 2.74 -5.53 -4.73
H2 B2R C . 4.18 -3.57 -4.05
H3 B2R C . 4.64 -1.79 -2.39
H4 B2R C . 3.76 -0.43 -0.47
H5 B2R C . 0.77 -6.76 -4.48
H6 B2R C . 0.11 -6.85 -2.83
H7 B2R C . -0.63 -5.78 -4.03
H8 B2R C . 0.52 -1.09 0.96
H9 B2R C . 1.85 2.62 1.11
H10 B2R C . 0.33 2.84 1.99
H11 B2R C . 3.08 2.26 3.21
H12 B2R C . 1.57 2.26 4.14
H13 B2R C . 1.15 4.59 3.56
H14 B2R C . 2.62 4.40 4.43
H30 B2R C . 2.93 4.11 1.51
H16 B2R C . 1.72 6.62 2.50
H17 B2R C . 3.06 6.84 1.44
H18 B2R C . 1.50 6.59 -0.16
H19 B2R C . 1.78 4.85 0.08
H20 B2R C . -0.42 6.54 1.40
H21 B2R C . -0.10 4.84 1.78
H22 B2R C . -1.69 3.86 -1.73
H23 B2R C . -4.23 3.06 0.74
H24 B2R C . -6.13 1.64 0.19
H25 B2R C . -7.52 0.71 -1.52
H26 B2R C . -7.81 0.13 -3.98
H27 B2R C . -6.76 -0.01 -6.17
H28 B2R C . -6.59 1.72 -6.54
H29 B2R C . -5.15 0.68 -6.47
C6 B2R D . -3.11 -1.69 -6.14
N1 B2R D . -1.82 0.13 -2.72
C2 B2R D . -2.57 0.05 -1.60
C5 B2R D . -3.94 -1.78 -5.02
C4 B2R D . -4.24 -1.34 -2.64
C3 B2R D . -3.78 -0.64 -1.52
C9 B2R D . -3.50 -1.21 -3.83
C7 B2R D . -1.87 -1.03 -5.99
C11 B2R D . -0.96 -0.92 -7.20
N8 B2R D . -1.43 -0.50 -4.84
C10 B2R D . -2.26 -0.57 -3.78
N23 B2R D . -1.93 0.40 -0.39
C24 B2R D . -2.50 0.60 0.86
O36 B2R D . -3.67 0.41 1.10
O25 B2R D . -1.74 1.55 1.47
C26 B2R D . -2.27 2.02 2.71
C27 B2R D . -2.20 0.91 3.79
C28 B2R D . -3.44 0.91 4.70
N35 B2R D . -3.21 -0.08 5.82
C34 B2R D . -3.16 -1.51 5.34
C33 B2R D . -1.91 -2.20 5.94
C32 B2R D . -0.62 -1.78 5.22
O31 B2R D . 0.42 -2.72 5.48
C30 B2R D . 1.66 -2.28 5.16
O37 B2R D . 2.54 -2.06 5.97
N29 B2R D . 1.90 -2.71 3.88
C13 B2R D . 3.12 -2.98 3.28
C14 B2R D . 4.12 -2.02 3.47
C15 B2R D . 5.19 -2.00 2.60
C20 B2R D . 5.23 -2.93 1.55
C16 B2R D . 6.28 -2.98 0.62
C17 B2R D . 6.21 -3.93 -0.39
C18 B2R D . 5.08 -4.77 -0.45
C22 B2R D . 4.99 -5.82 -1.53
N19 B2R D . 4.05 -4.70 0.42
C21 B2R D . 4.16 -3.82 1.42
N12 B2R D . 3.14 -3.88 2.28
H1 B2R D . -3.42 -2.08 -7.11
H2 B2R D . -4.90 -2.31 -5.08
H3 B2R D . -5.13 -1.95 -2.59
H4 B2R D . -4.35 -0.65 -0.59
H5 B2R D . -1.39 -1.42 -8.08
H6 B2R D . 0.02 -1.39 -6.99
H7 B2R D . -0.78 0.13 -7.44
H8 B2R D . -0.94 0.58 -0.51
H9 B2R D . -3.33 2.32 2.57
H10 B2R D . -1.73 2.90 3.06
H11 B2R D . -2.11 -0.07 3.29
H12 B2R D . -1.29 1.06 4.39
H13 B2R D . -3.61 1.94 5.01
H14 B2R D . -4.30 0.69 4.07
H30 B2R D . -2.31 0.14 6.26
H16 B2R D . -4.03 -2.12 5.61
H17 B2R D . -3.10 -1.63 4.25
H18 B2R D . -1.83 -1.93 7.00
H19 B2R D . -2.04 -3.29 5.87
H20 B2R D . -0.32 -0.78 5.55
H21 B2R D . -0.81 -1.72 4.13
H22 B2R D . 1.16 -3.13 3.37
H23 B2R D . 4.04 -1.30 4.28
H24 B2R D . 5.96 -1.28 2.76
H25 B2R D . 7.12 -2.28 0.67
H26 B2R D . 7.01 -4.04 -1.11
H27 B2R D . 3.95 -5.97 -1.84
H28 B2R D . 5.58 -5.54 -2.41
H29 B2R D . 5.37 -6.79 -1.16
C6 B2R C . 2.60 -4.60 -4.06
N1 B2R C . 1.69 -2.39 -0.77
C2 B2R C . 2.48 -1.37 -0.40
C5 B2R C . 3.47 -3.56 -3.74
C4 B2R C . 4.02 -1.73 -2.23
C3 B2R C . 3.63 -0.97 -1.11
C9 B2R C . 3.19 -2.79 -2.61
C7 B2R C . 1.44 -4.75 -3.29
C11 B2R C . 0.47 -5.87 -3.64
N8 B2R C . 1.11 -3.98 -2.24
C10 B2R C . 2.00 -3.01 -1.92
N23 B2R C . 1.97 -0.45 0.52
C24 B2R C . 2.68 0.44 1.30
O36 B2R C . 3.89 0.41 1.41
O25 B2R C . 1.82 0.84 2.27
C26 B2R C . 2.45 1.62 3.30
C27 B2R C . 2.89 2.99 2.76
C28 B2R C . 2.81 4.09 3.82
N35 B2R C . 1.35 4.48 3.99
C34 B2R C . 0.92 5.58 3.04
C33 B2R C . -0.12 5.01 2.08
C32 B2R C . -0.49 6.02 0.98
O31 B2R C . -1.00 5.34 -0.17
C30 B2R C . -2.07 4.54 0.10
O37 B2R C . -2.92 4.77 0.93
N29 B2R C . -2.33 3.87 -1.08
C13 B2R C . -3.56 3.35 -1.52
C14 B2R C . -4.43 2.85 -0.54
C15 B2R C . -5.47 2.02 -0.92
C20 B2R C . -5.61 1.77 -2.27
C16 B2R C . -6.68 1.01 -2.69
C17 B2R C . -6.74 0.71 -4.05
C18 B2R C . -5.73 1.22 -4.90
C22 B2R C . -5.79 0.94 -6.40
N19 B2R C . -4.70 1.97 -4.48
C21 B2R C . -4.67 2.26 -3.17
N12 B2R C . -3.69 3.09 -2.83
H1 B2R C . 2.83 -5.28 -4.88
H2 B2R C . 4.34 -3.33 -4.35
H3 B2R C . 4.94 -1.52 -2.76
H4 B2R C . 4.21 -0.10 -0.81
H5 B2R C . -0.51 -5.46 -3.94
H6 B2R C . 0.85 -6.47 -4.47
H7 B2R C . 0.32 -6.53 -2.78
H8 B2R C . 1.02 -0.64 0.78
H9 B2R C . 1.75 1.77 4.14
H10 B2R C . 3.32 1.09 3.71
H11 B2R C . 2.27 3.26 1.90
H12 B2R C . 3.93 2.92 2.40
H13 B2R C . 3.29 3.71 4.72
H14 B2R C . 3.46 4.91 3.50
H30 B2R C . 1.21 4.80 4.96
H16 B2R C . 0.48 6.44 3.52
H17 B2R C . 1.74 6.00 2.43
H18 B2R C . 0.26 4.10 1.62
H19 B2R C . -1.02 4.75 2.65
H20 B2R C . 0.39 6.60 0.71
H21 B2R C . -1.24 6.72 1.36
H22 B2R C . -1.65 3.94 -1.81
H23 B2R C . -4.31 3.04 0.49
H24 B2R C . -6.16 1.61 -0.20
H25 B2R C . -7.41 0.67 -1.96
H26 B2R C . -7.55 0.12 -4.45
H27 B2R C . -4.80 0.67 -6.77
H28 B2R C . -6.48 0.11 -6.60
H29 B2R C . -6.14 1.82 -6.94
C6 B2R D . -3.03 -1.62 -6.38
N1 B2R D . -1.79 0.18 -2.94
C2 B2R D . -2.54 0.07 -1.82
C5 B2R D . -3.84 -1.78 -5.26
C4 B2R D . -4.10 -1.42 -2.86
C3 B2R D . -3.71 -0.68 -1.75
C9 B2R D . -3.41 -1.21 -4.06
C7 B2R D . -1.81 -0.94 -6.24
C11 B2R D . -0.92 -0.76 -7.45
N8 B2R D . -1.38 -0.40 -5.08
C10 B2R D . -2.21 -0.52 -4.01
N23 B2R D . -1.93 0.41 -0.59
C24 B2R D . -2.52 0.58 0.64
O36 B2R D . -3.72 0.47 0.82
O25 B2R D . -1.71 1.42 1.34
C26 B2R D . -1.69 1.16 2.75
C27 B2R D . -2.97 1.72 3.42
C28 B2R D . -3.05 1.34 4.91
N35 B2R D . -3.30 -0.16 5.03
C34 B2R D . -2.38 -0.82 6.03
C33 B2R D . -1.06 -1.18 5.33
C32 B2R D . -0.16 -2.04 6.23
O31 B2R D . 0.72 -2.83 5.43
C30 B2R D . 1.89 -2.20 5.15
O37 B2R D . 2.76 -1.95 5.96
N29 B2R D . 2.16 -2.51 3.83
C13 B2R D . 3.40 -2.75 3.24
C14 B2R D . 4.38 -1.81 3.51
C15 B2R D . 5.47 -1.72 2.66
C20 B2R D . 5.52 -2.59 1.55
C16 B2R D . 6.57 -2.56 0.63
C17 B2R D . 6.52 -3.47 -0.44
C18 B2R D . 5.41 -4.33 -0.54
C22 B2R D . 5.35 -5.33 -1.67
N19 B2R D . 4.37 -4.32 0.32
C21 B2R D . 4.47 -3.50 1.37
N12 B2R D . 3.43 -3.59 2.20
H1 B2R D . -3.34 -2.00 -7.35
H2 B2R D . -4.77 -2.34 -5.31
H3 B2R D . -4.93 -2.11 -2.80
H4 B2R D . -4.29 -0.71 -0.83
H5 B2R D . 0.08 -1.18 -7.26
H6 B2R D . -0.80 0.31 -7.69
H7 B2R D . -1.34 -1.27 -8.32
H8 B2R D . -0.94 0.57 -0.69
H9 B2R D . -0.81 1.62 3.21
H10 B2R D . -1.64 0.08 2.94
H11 B2R D . -2.98 2.81 3.33
H12 B2R D . -3.86 1.33 2.91
H13 B2R D . -2.13 1.69 5.38
H14 B2R D . -3.83 1.96 5.36
H30 B2R D . -4.29 -0.31 5.33
H16 B2R D . -2.14 -0.20 6.90
H17 B2R D . -2.78 -1.74 6.47
H18 B2R D . -1.28 -1.72 4.41
H19 B2R D . -0.54 -0.25 5.07
H20 B2R D . -0.78 -2.69 6.86
H21 B2R D . 0.41 -1.39 6.90
H22 B2R D . 1.41 -2.83 3.26
H23 B2R D . 4.30 -1.13 4.35
H24 B2R D . 6.24 -1.02 2.86
H25 B2R D . 7.38 -1.84 0.70
H26 B2R D . 7.32 -3.53 -1.16
H27 B2R D . 4.31 -5.53 -1.95
H28 B2R D . 5.89 -4.95 -2.55
H29 B2R D . 5.82 -6.28 -1.36
C6 B2R C . 2.65 -4.63 -4.02
N1 B2R C . 1.69 -2.39 -0.76
C2 B2R C . 2.49 -1.37 -0.38
C5 B2R C . 3.52 -3.59 -3.69
C4 B2R C . 4.06 -1.78 -2.17
C3 B2R C . 3.66 -1.01 -1.06
C9 B2R C . 3.22 -2.83 -2.56
C7 B2R C . 1.47 -4.78 -3.27
C11 B2R C . 0.50 -5.89 -3.63
N8 B2R C . 1.13 -3.98 -2.23
C10 B2R C . 2.01 -3.03 -1.89
N23 B2R C . 1.98 -0.42 0.53
C24 B2R C . 2.68 0.55 1.20
O36 B2R C . 3.79 0.36 1.64
O25 B2R C . 1.74 1.37 1.75
C26 B2R C . 2.30 2.43 2.53
C27 B2R C . 3.11 3.39 1.63
C28 B2R C . 3.76 4.53 2.45
N35 B2R C . 2.70 5.56 2.77
C34 B2R C . 2.15 6.24 1.53
C33 B2R C . 0.69 5.79 1.33
C32 B2R C . 0.44 5.28 -0.10
O31 B2R C . -0.36 4.08 -0.08
C30 B2R C . -1.70 4.32 -0.09
O37 B2R C . -2.26 5.19 0.54
N29 B2R C . -2.13 3.89 -1.32
C13 B2R C . -3.40 3.43 -1.69
C14 B2R C . -4.26 3.01 -0.67
C15 B2R C . -5.33 2.19 -0.97
C20 B2R C . -5.52 1.87 -2.29
C16 B2R C . -6.60 1.09 -2.64
C17 B2R C . -6.71 0.72 -3.99
C18 B2R C . -5.73 1.18 -4.90
C22 B2R C . -5.84 0.82 -6.36
N19 B2R C . -4.68 1.93 -4.53
C21 B2R C . -4.60 2.29 -3.25
N12 B2R C . -3.57 3.10 -2.98
H1 B2R C . 2.89 -5.31 -4.83
H2 B2R C . 4.39 -3.37 -4.28
H3 B2R C . 4.99 -1.57 -2.68
H4 B2R C . 4.24 -0.14 -0.75
H5 B2R C . 0.33 -6.55 -2.77
H6 B2R C . -0.47 -5.47 -3.95
H7 B2R C . 0.90 -6.49 -4.46
H8 B2R C . 1.02 -0.61 0.78
H9 B2R C . 1.50 2.99 3.03
H10 B2R C . 2.94 2.03 3.32
H11 B2R C . 2.46 3.81 0.87
H12 B2R C . 3.91 2.82 1.12
H13 B2R C . 4.24 4.08 3.32
H14 B2R C . 4.61 4.91 1.86
H30 B2R C . 3.12 6.29 3.37
H16 B2R C . 2.14 7.34 1.56
H17 B2R C . 2.68 6.01 0.60
H18 B2R C . 0.46 4.99 2.04
H19 B2R C . 0.01 6.63 1.54
H20 B2R C . 1.40 5.08 -0.59
H21 B2R C . -0.07 6.06 -0.68
H22 B2R C . -1.47 3.89 -2.09
H23 B2R C . -4.10 3.28 0.35
H24 B2R C . -5.98 1.82 -0.20
H25 B2R C . -7.32 0.78 -1.89
H26 B2R C . -7.55 0.12 -4.32
H27 B2R C . -4.86 0.63 -6.80
H28 B2R C . -6.46 -0.09 -6.50
H29 B2R C . -6.31 1.64 -6.92
C6 B2R D . -3.06 -1.62 -6.30
N1 B2R D . -1.72 0.23 -2.92
C2 B2R D . -2.44 0.17 -1.79
C5 B2R D . -3.86 -1.74 -5.15
C4 B2R D . -4.07 -1.30 -2.77
C3 B2R D . -3.63 -0.55 -1.68
C9 B2R D . -3.39 -1.14 -3.98
C7 B2R D . -1.83 -0.94 -6.20
C11 B2R D . -0.96 -0.80 -7.43
N8 B2R D . -1.37 -0.40 -5.06
C10 B2R D . -2.17 -0.47 -3.97
N23 B2R D . -1.81 0.52 -0.58
C24 B2R D . -2.39 0.77 0.64
O36 B2R D . -3.59 0.88 0.79
O25 B2R D . -1.46 1.44 1.36
C26 B2R D . -1.89 1.77 2.70
C27 B2R D . -2.42 0.51 3.41
C28 B2R D . -2.75 0.78 4.89
N35 B2R D . -3.06 -0.56 5.54
C34 B2R D . -2.40 -0.73 6.89
C33 B2R D . -0.86 -0.60 6.74
C32 B2R D . -0.27 -1.79 5.96
O31 B2R D . 0.79 -1.33 5.09
C30 B2R D . 1.94 -2.06 5.17
O37 B2R D . 2.30 -2.70 6.13
N29 B2R D . 2.21 -2.43 3.88
C13 B2R D . 3.44 -2.74 3.31
C14 B2R D . 4.45 -1.83 3.59
C15 B2R D . 5.56 -1.77 2.75
C20 B2R D . 5.59 -2.63 1.65
C16 B2R D . 6.65 -2.62 0.73
C17 B2R D . 6.58 -3.52 -0.35
C18 B2R D . 5.44 -4.34 -0.47
C22 B2R D . 5.36 -5.33 -1.61
N19 B2R D . 4.40 -4.31 0.38
C21 B2R D . 4.51 -3.50 1.44
N12 B2R D . 3.45 -3.56 2.26
H1 B2R D . -3.40 -2.01 -7.26
H2 B2R D . -4.79 -2.28 -5.18
H3 B2R D . -4.91 -1.96 -2.68
H4 B2R D . -4.19 -0.54 -0.76
H5 B2R D . -1.40 -1.32 -8.28
H6 B2R D . 0.04 -1.24 -7.25
H7 B2R D . -0.82 0.25 -7.69
H8 B2R D . -0.82 0.65 -0.69
H9 B2R D . -2.67 2.53 2.66
H10 B2R D . -1.05 2.19 3.27
H11 B2R D . -3.32 0.17 2.91
H12 B2R D . -1.66 -0.28 3.35
H13 B2R D . -1.90 1.32 5.33
H14 B2R D . -3.57 1.50 4.91
H30 B2R D . -4.10 -0.62 5.67
H16 B2R D . -2.70 -0.01 7.65
H17 B2R D . -2.58 -1.70 7.37
H18 B2R D . -0.63 0.33 6.20
H19 B2R D . -0.40 -0.55 7.73
H20 B2R D . -1.05 -2.29 5.37
H21 B2R D . 0.13 -2.53 6.67
H22 B2R D . 1.46 -2.66 3.27
H23 B2R D . 4.38 -1.16 4.45
H24 B2R D . 6.35 -1.09 2.97
H25 B2R D . 7.48 -1.93 0.82
H26 B2R D . 7.40 -3.60 -1.06
H27 B2R D . 5.83 -4.93 -2.51
H28 B2R D . 5.87 -6.26 -1.34
H29 B2R D . 4.31 -5.57 -1.84
C6 B2R C . 2.78 -4.68 -4.35
N1 B2R C . 1.92 -2.42 -1.07
C2 B2R C . 2.72 -1.40 -0.73
C5 B2R C . 3.66 -3.65 -4.03
C4 B2R C . 4.25 -1.83 -2.55
C3 B2R C . 3.88 -1.05 -1.45
C9 B2R C . 3.40 -2.88 -2.91
C7 B2R C . 1.62 -4.83 -3.58
C11 B2R C . 0.63 -5.93 -3.92
N8 B2R C . 1.32 -4.03 -2.52
C10 B2R C . 2.21 -3.08 -2.21
N23 B2R C . 2.24 -0.44 0.19
C24 B2R C . 2.96 0.53 0.84
O36 B2R C . 4.13 0.40 1.13
O25 B2R C . 2.04 1.23 1.57
C26 B2R C . 2.64 2.31 2.31
C27 B2R C . 1.61 3.43 2.55
C28 B2R C . 2.26 4.65 3.26
N35 B2R C . 2.77 5.61 2.21
C34 B2R C . 1.81 6.74 1.93
C33 B2R C . 1.10 6.46 0.58
C32 B2R C . -0.42 6.30 0.76
O31 B2R C . -0.98 5.58 -0.35
C30 B2R C . -1.71 4.50 0.02
O37 B2R C . -2.44 4.45 0.99
N29 B2R C . -1.97 3.82 -1.14
C13 B2R C . -3.20 3.31 -1.60
C14 B2R C . -4.10 2.80 -0.66
C15 B2R C . -5.13 2.00 -1.09
C20 B2R C . -5.25 1.77 -2.43
C16 B2R C . -6.31 1.01 -2.88
C17 B2R C . -6.35 0.74 -4.25
C18 B2R C . -5.33 1.26 -5.07
C22 B2R C . -5.37 1.01 -6.57
N19 B2R C . -4.30 2.00 -4.61
C21 B2R C . -4.30 2.26 -3.30
N12 B2R C . -3.31 3.08 -2.93
H1 B2R C . 2.99 -5.37 -5.17
H2 B2R C . 4.52 -3.43 -4.66
H3 B2R C . 5.17 -1.65 -3.07
H4 B2R C . 4.46 -0.18 -1.17
H5 B2R C . 1.03 -6.56 -4.71
H6 B2R C . 0.45 -6.56 -3.03
H7 B2R C . -0.32 -5.51 -4.23
H8 B2R C . 1.29 -0.63 0.48
H9 B2R C . 3.01 1.95 3.28
H10 B2R C . 3.50 2.72 1.76
H11 B2R C . 0.80 3.05 3.16
H12 B2R C . 1.20 3.75 1.58
H13 B2R C . 1.51 5.06 3.93
H14 B2R C . 3.02 4.25 3.93
H30 B2R C . 2.91 5.08 1.33
H16 B2R C . 1.02 6.86 2.67
H17 B2R C . 2.26 7.72 1.85
H18 B2R C . 1.30 7.29 -0.10
H19 B2R C . 1.52 5.54 0.14
H20 B2R C . -0.88 7.28 0.84
H21 B2R C . -0.62 5.77 1.70
H22 B2R C . -1.29 3.91 -1.89
H23 B2R C . -4.00 2.96 0.39
H24 B2R C . -5.83 1.58 -0.38
H25 B2R C . -7.05 0.65 -2.17
H26 B2R C . -7.17 0.16 -4.67
H27 B2R C . -4.48 0.47 -6.89
H28 B2R C . -6.26 0.41 -6.84
H29 B2R C . -5.42 1.95 -7.11
C6 B2R D . -2.89 -1.82 -6.52
N1 B2R D . -1.62 0.07 -3.14
C2 B2R D . -2.36 -0.02 -2.01
C5 B2R D . -3.69 -1.96 -5.38
C4 B2R D . -3.93 -1.54 -2.99
C3 B2R D . -3.52 -0.78 -1.91
C9 B2R D . -3.25 -1.37 -4.19
C7 B2R D . -1.67 -1.13 -6.41
C11 B2R D . -0.79 -0.97 -7.63
N8 B2R D . -1.23 -0.55 -5.26
C10 B2R D . -2.04 -0.65 -4.19
N23 B2R D . -1.74 0.36 -0.79
C24 B2R D . -2.32 0.53 0.45
O36 B2R D . -3.52 0.42 0.64
O25 B2R D . -1.51 1.37 1.13
C26 B2R D . -1.60 1.22 2.55
C27 B2R D . -2.82 1.99 3.12
C28 B2R D . -3.04 1.69 4.62
N35 B2R D . -3.44 0.23 4.78
C34 B2R D . -2.58 -0.51 5.78
C33 B2R D . -1.26 -0.89 5.09
C32 B2R D . -0.39 -1.81 5.98
O31 B2R D . 0.46 -2.62 5.17
C30 B2R D . 1.70 -2.11 5.00
O37 B2R D . 2.53 -1.97 5.89
N29 B2R D . 2.05 -2.40 3.70
C13 B2R D . 3.31 -2.64 3.19
C14 B2R D . 4.28 -1.68 3.48
C15 B2R D . 5.41 -1.62 2.69
C20 B2R D . 5.53 -2.52 1.61
C16 B2R D . 6.63 -2.52 0.75
C17 B2R D . 6.64 -3.46 -0.29
C18 B2R D . 5.53 -4.31 -0.45
C22 B2R D . 5.54 -5.34 -1.55
N19 B2R D . 4.45 -4.28 0.35
C21 B2R D . 4.48 -3.42 1.39
N12 B2R D . 3.40 -3.51 2.17
H1 B2R D . -3.21 -2.23 -7.47
H2 B2R D . -4.61 -2.53 -5.41
H3 B2R D . -4.77 -2.22 -2.92
H4 B2R D . -4.08 -0.80 -0.98
H5 B2R D . 0.20 -1.38 -7.44
H6 B2R D . -0.68 0.10 -7.89
H7 B2R D . -1.23 -1.49 -8.49
H8 B2R D . -0.75 0.50 -0.90
H9 B2R D . -0.68 1.57 3.03
H10 B2R D . -1.70 0.15 2.80
H11 B2R D . -2.65 3.05 2.99
H12 B2R D . -3.72 1.71 2.56
H13 B2R D . -2.13 1.97 5.14
H14 B2R D . -3.78 2.41 4.98
H30 B2R D . -4.43 0.20 5.10
H16 B2R D . -2.32 0.06 6.67
H17 B2R D . -3.02 -1.43 6.17
H18 B2R D . -1.48 -1.41 4.15
H19 B2R D . -0.70 0.02 4.85
H20 B2R D . -1.04 -2.44 6.59
H21 B2R D . 0.20 -1.19 6.67
H22 B2R D . 1.33 -2.72 3.10
H23 B2R D . 4.14 -0.99 4.30
H24 B2R D . 6.17 -0.90 2.91
H25 B2R D . 7.45 -1.80 0.85
H26 B2R D . 7.49 -3.53 -0.96
H27 B2R D . 5.83 -6.33 -1.16
H28 B2R D . 4.54 -5.44 -2.00
H29 B2R D . 6.23 -5.06 -2.35
C6 B2R C . 2.47 -4.77 -4.28
N1 B2R C . 1.62 -2.63 -0.93
C2 B2R C . 2.41 -1.61 -0.56
C5 B2R C . 3.34 -3.71 -3.95
C4 B2R C . 3.90 -1.93 -2.42
C3 B2R C . 3.54 -1.19 -1.29
C9 B2R C . 3.07 -2.98 -2.81
C7 B2R C . 1.32 -4.94 -3.50
C11 B2R C . 0.36 -6.07 -3.84
N8 B2R C . 1.02 -4.19 -2.42
C10 B2R C . 1.90 -3.22 -2.09
N23 B2R C . 1.92 -0.72 0.41
C24 B2R C . 2.64 0.18 1.16
O36 B2R C . 3.84 0.07 1.35
O25 B2R C . 1.76 0.71 2.05
C26 B2R C . 2.19 1.98 2.57
C27 B2R C . 2.73 2.88 1.43
C28 B2R C . 2.96 4.32 1.89
N35 B2R C . 3.23 5.16 0.66
C34 B2R C . 2.63 6.54 0.74
C33 B2R C . 1.10 6.42 0.91
C32 B2R C . 0.47 5.41 -0.09
O31 B2R C . -0.93 5.65 -0.24
C30 B2R C . -1.72 4.63 0.18
O37 B2R C . -2.40 4.64 1.18
N29 B2R C . -2.06 3.95 -0.97
C13 B2R C . -3.32 3.47 -1.36
C14 B2R C . -4.18 2.97 -0.36
C15 B2R C . -5.23 2.15 -0.72
C20 B2R C . -5.43 1.91 -2.05
C16 B2R C . -6.51 1.16 -2.45
C17 B2R C . -6.62 0.86 -3.82
C18 B2R C . -5.65 1.37 -4.70
C22 B2R C . -5.76 1.10 -6.18
N19 B2R C . -4.59 2.12 -4.29
C21 B2R C . -4.52 2.39 -2.99
N12 B2R C . -3.50 3.21 -2.67
H1 B2R C . 2.69 -5.42 -5.11
H2 B2R C . 4.19 -3.47 -4.59
H3 B2R C . 4.81 -1.70 -2.96
H4 B2R C . 4.10 -0.32 -0.99
H5 B2R C . -0.62 -5.65 -4.13
H6 B2R C . 0.74 -6.66 -4.69
H7 B2R C . 0.22 -6.73 -2.99
H8 B2R C . 0.98 -0.94 0.70
H9 B2R C . 1.36 2.48 3.07
H10 B2R C . 2.98 1.84 3.32
H11 B2R C . 2.01 2.87 0.60
H12 B2R C . 3.67 2.45 1.06
H13 B2R C . 2.08 4.62 2.47
H14 B2R C . 3.77 4.30 2.63
H30 B2R C . 2.84 4.67 -0.16
H16 B2R C . 2.99 7.16 1.56
H17 B2R C . 2.79 7.17 -0.15
H18 B2R C . 0.88 6.08 1.93
H19 B2R C . 0.63 7.39 0.78
H20 B2R C . 0.65 4.39 0.27
H21 B2R C . 0.99 5.50 -1.05
H22 B2R C . -1.42 4.00 -1.76
H23 B2R C . -4.02 3.17 0.68
H24 B2R C . -5.89 1.73 0.03
H25 B2R C . -7.23 0.81 -1.70
H26 B2R C . -7.46 0.27 -4.18
H27 B2R C . -4.78 0.84 -6.60
H28 B2R C . -6.45 0.27 -6.36
H29 B2R C . -6.14 1.98 -6.71
C6 B2R D . -3.16 -1.61 -6.22
N1 B2R D . -1.72 0.22 -2.89
C2 B2R D . -2.39 0.14 -1.72
C5 B2R D . -3.92 -1.74 -5.06
C4 B2R D . -4.09 -1.28 -2.66
C3 B2R D . -3.59 -0.56 -1.57
C9 B2R D . -3.43 -1.14 -3.88
C7 B2R D . -1.93 -0.94 -6.15
C11 B2R D . -1.08 -0.79 -7.39
N8 B2R D . -1.44 -0.38 -5.01
C10 B2R D . -2.21 -0.48 -3.92
N23 B2R D . -1.69 0.47 -0.55
C24 B2R D . -2.17 0.71 0.72
O36 B2R D . -3.35 0.65 1.01
O25 B2R D . -1.27 1.55 1.30
C26 B2R D . -1.68 2.02 2.60
C27 B2R D . -1.62 0.88 3.62
C28 B2R D . -2.81 0.90 4.60
N35 B2R D . -2.29 0.72 6.01
C34 B2R D . -2.63 -0.66 6.58
C33 B2R D . -1.80 -1.72 5.82
C32 B2R D . -0.29 -1.59 6.09
O31 B2R D . 0.44 -2.54 5.31
C30 B2R D . 1.75 -2.24 5.16
O37 B2R D . 2.58 -2.25 6.04
N29 B2R D . 2.05 -2.55 3.86
C13 B2R D . 3.30 -2.79 3.29
C14 B2R D . 4.27 -1.85 3.58
C15 B2R D . 5.37 -1.76 2.74
C20 B2R D . 5.45 -2.61 1.64
C16 B2R D . 6.50 -2.58 0.71
C17 B2R D . 6.46 -3.48 -0.36
C18 B2R D . 5.35 -4.32 -0.49
C22 B2R D . 5.30 -5.32 -1.63
N19 B2R D . 4.31 -4.32 0.36
C21 B2R D . 4.40 -3.51 1.42
N12 B2R D . 3.35 -3.62 2.24
H1 B2R D . -3.52 -2.02 -7.16
H2 B2R D . -4.86 -2.28 -5.05
H3 B2R D . -4.96 -1.91 -2.55
H4 B2R D . -4.12 -0.56 -0.62
H5 B2R D . -0.94 0.27 -7.65
H6 B2R D . -1.57 -1.28 -8.25
H7 B2R D . -0.10 -1.26 -7.25
H8 B2R D . -0.71 0.62 -0.72
H9 B2R D . -2.71 2.40 2.55
H10 B2R D . -1.05 2.85 2.92
H11 B2R D . -1.60 -0.09 3.10
H12 B2R D . -0.68 0.97 4.19
H13 B2R D . -3.35 1.84 4.42
H14 B2R D . -3.52 0.14 4.26
H30 B2R D . -1.27 0.82 5.99
H16 B2R D . -2.41 -0.78 7.63
H17 B2R D . -3.68 -0.94 6.49
H18 B2R D . -2.13 -2.72 6.12
H19 B2R D . -1.98 -1.61 4.74
H20 B2R D . -0.09 -1.74 7.16
H21 B2R D . 0.04 -0.56 5.84
H22 B2R D . 1.32 -2.87 3.27
H23 B2R D . 4.17 -1.18 4.43
H24 B2R D . 6.14 -1.04 2.95
H25 B2R D . 7.32 -1.86 0.81
H26 B2R D . 7.28 -3.52 -1.07
H27 B2R D . 5.84 -4.93 -2.50
H28 B2R D . 5.76 -6.27 -1.33
H29 B2R D . 4.27 -5.51 -1.93
C6 B2R C . 2.98 -4.90 -4.23
N1 B2R C . 1.66 -2.78 -1.03
C2 B2R C . 2.29 -1.67 -0.64
C5 B2R C . 3.73 -3.78 -3.85
C4 B2R C . 3.97 -1.88 -2.37
C3 B2R C . 3.42 -1.16 -1.31
C9 B2R C . 3.29 -3.04 -2.77
C7 B2R C . 1.77 -5.15 -3.55
C11 B2R C . 0.92 -6.35 -3.96
N8 B2R C . 1.32 -4.41 -2.52
C10 B2R C . 2.08 -3.36 -2.15
N23 B2R C . 1.62 -0.82 0.27
C24 B2R C . 2.15 0.16 1.08
O36 B2R C . 3.30 0.56 0.96
O25 B2R C . 1.46 0.09 2.25
C26 B2R C . 1.96 0.99 3.27
C27 B2R C . 1.29 2.37 3.13
C28 B2R C . 2.25 3.52 3.52
N35 B2R C . 2.14 4.61 2.47
C34 B2R C . 2.99 4.31 1.25
C33 B2R C . 2.17 4.69 -0.01
C32 B2R C . 1.20 3.57 -0.41
O31 B2R C . 0.46 3.93 -1.58
C30 B2R C . -0.88 3.94 -1.38
O37 B2R C . -1.47 4.69 -0.66
N29 B2R C . -1.42 3.43 -2.54
C13 B2R C . -2.74 3.05 -2.79
C14 B2R C . -3.48 2.55 -1.71
C15 B2R C . -4.60 1.78 -1.96
C20 B2R C . -4.98 1.61 -3.27
C16 B2R C . -6.11 0.89 -3.55
C17 B2R C . -6.41 0.67 -4.89
C18 B2R C . -5.55 1.21 -5.88
C22 B2R C . -5.89 1.01 -7.35
N19 B2R C . -4.44 1.90 -5.58
C21 B2R C . -4.19 2.11 -4.29
N12 B2R C . -3.10 2.87 -4.08
H1 B2R C . 3.31 -5.56 -5.02
H2 B2R C . 4.63 -3.51 -4.40
H3 B2R C . 4.88 -1.58 -2.86
H4 B2R C . 3.88 -0.21 -1.01
H5 B2R C . 1.42 -6.91 -4.76
H6 B2R C . 0.77 -7.01 -3.11
H7 B2R C . -0.05 -6.01 -4.33
H8 B2R C . 0.68 -1.14 0.47
H9 B2R C . 1.74 0.58 4.27
H10 B2R C . 3.05 1.10 3.18
H11 B2R C . 0.40 2.40 3.77
H12 B2R C . 0.98 2.51 2.10
H13 B2R C . 1.97 3.82 4.54
H14 B2R C . 3.24 3.08 3.64
H30 B2R C . 2.48 5.49 2.90
H16 B2R C . 3.93 4.87 1.20
H17 B2R C . 3.30 3.27 1.14
H18 B2R C . 1.61 5.61 0.19
H19 B2R C . 2.86 4.88 -0.84
H20 B2R C . 0.52 3.36 0.43
H21 B2R C . 1.77 2.64 -0.59
H22 B2R C . -0.85 3.42 -3.37
H23 B2R C . -3.20 2.70 -0.69
H24 B2R C . -5.18 1.36 -1.15
H25 B2R C . -6.72 0.51 -2.72
H26 B2R C . -7.30 0.11 -5.16
H27 B2R C . -5.00 0.67 -7.89
H28 B2R C . -6.68 0.27 -7.46
H29 B2R C . -6.23 1.96 -7.79
C6 B2R D . -2.80 -1.47 -7.42
N1 B2R D . -1.39 0.03 -3.90
C2 B2R D . -2.06 -0.19 -2.76
C5 B2R D . -3.55 -1.75 -6.27
C4 B2R D . -3.71 -1.56 -3.85
C3 B2R D . -3.26 -0.93 -2.70
C9 B2R D . -3.07 -1.27 -5.05
C7 B2R D . -1.58 -0.78 -7.28
C11 B2R D . -0.75 -0.48 -8.51
N8 B2R D . -1.11 -0.35 -6.10
C10 B2R D . -1.85 -0.58 -5.01
N23 B2R D . -1.39 0.05 -1.54
C24 B2R D . -1.94 0.21 -0.28
O36 B2R D . -3.12 0.07 -0.06
O25 B2R D . -1.12 1.07 0.37
C26 B2R D . -1.70 1.57 1.59
C27 B2R D . -1.74 0.47 2.67
C28 B2R D . -2.95 0.63 3.60
N35 B2R D . -2.64 -0.09 4.90
C34 B2R D . -3.11 -1.53 4.89
C33 B2R D . -1.93 -2.43 4.49
C32 B2R D . -0.84 -2.49 5.58
O31 B2R D . 0.29 -3.21 5.11
C30 B2R D . 1.28 -2.42 4.62
O37 B2R D . 2.09 -1.81 5.28
N29 B2R D . 1.57 -2.94 3.37
C13 B2R D . 2.83 -3.20 2.83
C14 B2R D . 3.76 -2.16 2.90
C15 B2R D . 4.86 -2.19 2.06
C20 B2R D . 4.97 -3.25 1.16
C16 B2R D . 6.05 -3.36 0.26
C17 B2R D . 6.07 -4.45 -0.61
C18 B2R D . 4.99 -5.36 -0.57
C22 B2R D . 4.99 -6.56 -1.50
N19 B2R D . 3.94 -5.24 0.25
C21 B2R D . 3.97 -4.22 1.12
N12 B2R D . 2.92 -4.22 1.96
H1 B2R D . -3.15 -1.78 -8.40
H2 B2R D . -4.48 -2.32 -6.33
H3 B2R D . -4.55 -2.25 -3.80
H4 B2R D . -3.79 -1.05 -1.77
H5 B2R D . -0.65 0.60 -8.65
H6 B2R D . -1.22 -0.92 -9.40
H7 B2R D . 0.25 -0.91 -8.41
H8 B2R D . -0.41 0.22 -1.68
H9 B2R D . -2.72 1.94 1.40
H10 B2R D . -1.12 2.43 1.96
H11 B2R D . -1.80 -0.50 2.17
H12 B2R D . -0.82 0.50 3.25
H13 B2R D . -3.14 1.70 3.70
H14 B2R D . -3.83 0.26 3.07
H30 B2R D . -1.63 -0.09 5.05
H16 B2R D . -3.48 -1.90 5.85
H17 B2R D . -3.93 -1.74 4.19
H18 B2R D . -2.30 -3.45 4.30
H19 B2R D . -1.49 -2.06 3.56
H20 B2R D . -1.25 -2.96 6.48
H21 B2R D . -0.55 -1.46 5.86
H22 B2R D . 0.86 -3.42 2.88
H23 B2R D . 3.62 -1.34 3.60
H24 B2R D . 5.59 -1.41 2.13
H25 B2R D . 6.84 -2.61 0.23
H26 B2R D . 6.90 -4.61 -1.29
H27 B2R D . 5.22 -7.47 -0.94
H28 B2R D . 4.01 -6.68 -1.98
H29 B2R D . 5.75 -6.43 -2.28
#